data_6LR3
#
_entry.id   6LR3
#
_cell.length_a   49.302
_cell.length_b   139.479
_cell.length_c   105.672
_cell.angle_alpha   90.000
_cell.angle_beta   89.810
_cell.angle_gamma   90.000
#
_symmetry.space_group_name_H-M   'P 1 21 1'
#
loop_
_entity.id
_entity.type
_entity.pdbx_description
1 polymer 'Macrophage migration inhibitory factor'
2 non-polymer 'SULFATE ION'
3 water water
#
_entity_poly.entity_id   1
_entity_poly.type   'polypeptide(L)'
_entity_poly.pdbx_seq_one_letter_code
;MPVITVNTNVAEKSIPVFFQAALTNMMTKALQKPKEVMFVDLRSGANIMMGGDRNPCVFATVECIGRLNPTSNLAMARDM
EDMFIEHLNVRRERIVIRFIPVPALFCSFNGALHDVSIERDEYLEHHHHHH
;
_entity_poly.pdbx_strand_id   A,C,D,B,E,F,G,H,I,J,K,L
#
loop_
_chem_comp.id
_chem_comp.type
_chem_comp.name
_chem_comp.formula
SO4 non-polymer 'SULFATE ION' 'O4 S -2'
#
# COMPACT_ATOMS: atom_id res chain seq x y z
N PRO A 2 -9.86 -18.67 -24.25
CA PRO A 2 -8.59 -18.68 -23.47
C PRO A 2 -7.43 -18.23 -24.34
N VAL A 3 -6.33 -17.84 -23.71
CA VAL A 3 -5.10 -17.49 -24.45
C VAL A 3 -3.96 -18.32 -23.87
N ILE A 4 -3.33 -19.11 -24.70
CA ILE A 4 -2.11 -19.88 -24.32
C ILE A 4 -0.94 -19.15 -24.96
N THR A 5 -0.03 -18.64 -24.16
CA THR A 5 1.14 -17.89 -24.63
C THR A 5 2.36 -18.75 -24.34
N VAL A 6 3.17 -19.02 -25.36
CA VAL A 6 4.38 -19.84 -25.20
C VAL A 6 5.58 -18.95 -25.53
N ASN A 7 6.39 -18.65 -24.52
CA ASN A 7 7.64 -17.87 -24.70
C ASN A 7 8.81 -18.85 -24.67
N THR A 8 9.48 -19.05 -25.78
CA THR A 8 10.57 -20.06 -25.85
C THR A 8 11.72 -19.50 -26.66
N ASN A 9 12.93 -19.86 -26.26
CA ASN A 9 14.13 -19.56 -27.05
C ASN A 9 14.35 -20.67 -28.09
N VAL A 10 13.53 -21.72 -28.10
CA VAL A 10 13.63 -22.74 -29.16
C VAL A 10 13.28 -22.04 -30.49
N ALA A 11 14.09 -22.31 -31.52
CA ALA A 11 13.89 -21.67 -32.84
C ALA A 11 12.64 -22.23 -33.52
N GLU A 12 11.91 -21.37 -34.24
CA GLU A 12 10.68 -21.74 -34.97
C GLU A 12 10.96 -22.96 -35.86
N LYS A 13 12.12 -23.01 -36.51
CA LYS A 13 12.44 -24.10 -37.46
C LYS A 13 12.49 -25.45 -36.73
N SER A 14 12.70 -25.47 -35.41
CA SER A 14 12.80 -26.71 -34.59
C SER A 14 11.40 -27.20 -34.17
N ILE A 15 10.38 -26.38 -34.34
CA ILE A 15 9.03 -26.65 -33.78
C ILE A 15 8.15 -27.24 -34.87
N PRO A 16 7.42 -28.32 -34.59
CA PRO A 16 6.50 -28.88 -35.59
C PRO A 16 5.50 -27.84 -36.06
N VAL A 17 5.19 -27.84 -37.35
CA VAL A 17 4.25 -26.87 -37.95
C VAL A 17 2.87 -26.97 -37.29
N PHE A 18 2.51 -28.13 -36.72
CA PHE A 18 1.18 -28.39 -36.13
C PHE A 18 1.17 -28.07 -34.64
N PHE A 19 2.25 -27.50 -34.09
CA PHE A 19 2.38 -27.34 -32.63
C PHE A 19 1.21 -26.50 -32.08
N GLN A 20 0.96 -25.34 -32.66
CA GLN A 20 -0.14 -24.46 -32.16
C GLN A 20 -1.50 -25.15 -32.29
N ALA A 21 -1.76 -25.84 -33.39
CA ALA A 21 -3.02 -26.62 -33.61
C ALA A 21 -3.14 -27.69 -32.52
N ALA A 22 -2.03 -28.40 -32.23
CA ALA A 22 -2.05 -29.51 -31.27
C ALA A 22 -2.31 -28.94 -29.86
N LEU A 23 -1.68 -27.82 -29.54
CA LEU A 23 -1.83 -27.17 -28.23
C LEU A 23 -3.25 -26.62 -28.13
N THR A 24 -3.78 -26.06 -29.19
CA THR A 24 -5.19 -25.58 -29.25
C THR A 24 -6.10 -26.73 -28.87
N ASN A 25 -5.94 -27.89 -29.54
CA ASN A 25 -6.82 -29.06 -29.30
CA ASN A 25 -6.81 -29.06 -29.31
C ASN A 25 -6.66 -29.55 -27.88
N MET A 26 -5.44 -29.65 -27.40
CA MET A 26 -5.18 -30.21 -26.05
C MET A 26 -5.83 -29.29 -25.01
N MET A 27 -5.70 -27.98 -25.17
CA MET A 27 -6.20 -27.03 -24.16
C MET A 27 -7.70 -26.81 -24.31
N THR A 28 -8.27 -26.97 -25.49
CA THR A 28 -9.74 -26.97 -25.68
C THR A 28 -10.32 -28.11 -24.83
N LYS A 29 -9.74 -29.29 -24.91
CA LYS A 29 -10.20 -30.46 -24.13
C LYS A 29 -9.98 -30.22 -22.64
N ALA A 30 -8.79 -29.74 -22.26
CA ALA A 30 -8.41 -29.58 -20.85
C ALA A 30 -9.31 -28.55 -20.19
N LEU A 31 -9.54 -27.41 -20.86
CA LEU A 31 -10.27 -26.28 -20.24
C LEU A 31 -11.76 -26.42 -20.55
N GLN A 32 -12.19 -27.35 -21.38
CA GLN A 32 -13.61 -27.45 -21.84
C GLN A 32 -14.08 -26.08 -22.32
N LYS A 33 -13.29 -25.50 -23.23
CA LYS A 33 -13.56 -24.21 -23.83
C LYS A 33 -13.61 -24.42 -25.33
N PRO A 34 -14.56 -23.75 -26.00
CA PRO A 34 -14.69 -23.89 -27.44
C PRO A 34 -13.38 -23.45 -28.11
N LYS A 35 -12.97 -24.26 -29.08
CA LYS A 35 -11.83 -23.94 -29.95
C LYS A 35 -11.98 -22.55 -30.54
N GLU A 36 -13.19 -22.07 -30.87
CA GLU A 36 -13.36 -20.79 -31.60
C GLU A 36 -12.64 -19.64 -30.86
N VAL A 37 -12.62 -19.69 -29.54
CA VAL A 37 -12.09 -18.57 -28.71
C VAL A 37 -10.76 -18.97 -28.05
N MET A 38 -10.11 -20.01 -28.57
CA MET A 38 -8.82 -20.48 -28.03
C MET A 38 -7.72 -19.84 -28.87
N PHE A 39 -6.88 -19.02 -28.27
CA PHE A 39 -5.71 -18.43 -28.93
C PHE A 39 -4.47 -19.18 -28.47
N VAL A 40 -3.54 -19.39 -29.39
CA VAL A 40 -2.17 -19.81 -29.06
C VAL A 40 -1.23 -18.82 -29.67
N ASP A 41 -0.55 -18.07 -28.82
CA ASP A 41 0.43 -17.02 -29.19
C ASP A 41 1.81 -17.62 -28.95
N LEU A 42 2.47 -18.05 -30.01
CA LEU A 42 3.79 -18.72 -29.92
C LEU A 42 4.88 -17.68 -30.19
N ARG A 43 5.68 -17.41 -29.18
CA ARG A 43 6.89 -16.58 -29.30
C ARG A 43 8.07 -17.52 -29.34
N SER A 44 8.44 -17.96 -30.52
CA SER A 44 9.62 -18.84 -30.70
C SER A 44 10.81 -17.98 -31.08
N GLY A 45 12.01 -18.52 -30.85
CA GLY A 45 13.26 -17.78 -31.06
C GLY A 45 13.26 -16.51 -30.23
N ALA A 46 12.53 -16.51 -29.14
CA ALA A 46 12.42 -15.34 -28.24
C ALA A 46 13.75 -15.15 -27.54
N ASN A 47 14.04 -13.89 -27.20
CA ASN A 47 15.25 -13.59 -26.40
C ASN A 47 14.90 -13.77 -24.92
N ILE A 48 14.66 -15.01 -24.53
CA ILE A 48 14.31 -15.38 -23.15
C ILE A 48 15.40 -16.29 -22.65
N MET A 49 15.99 -15.93 -21.55
CA MET A 49 17.01 -16.76 -20.88
C MET A 49 16.42 -17.17 -19.53
N MET A 50 16.91 -18.29 -19.02
CA MET A 50 16.46 -18.85 -17.74
C MET A 50 17.71 -19.27 -16.97
N GLY A 51 17.83 -18.85 -15.72
CA GLY A 51 18.99 -19.24 -14.90
C GLY A 51 20.25 -18.60 -15.38
N GLY A 52 20.14 -17.51 -16.16
CA GLY A 52 21.33 -16.82 -16.73
C GLY A 52 21.88 -17.57 -17.91
N ASP A 53 21.23 -18.61 -18.42
CA ASP A 53 21.80 -19.33 -19.58
C ASP A 53 20.75 -19.54 -20.67
N ARG A 54 21.24 -19.87 -21.85
CA ARG A 54 20.41 -19.87 -23.06
C ARG A 54 20.12 -21.31 -23.50
N ASN A 55 20.23 -22.26 -22.61
CA ASN A 55 19.73 -23.63 -22.89
C ASN A 55 18.23 -23.51 -23.13
N PRO A 56 17.64 -24.44 -23.90
CA PRO A 56 16.23 -24.35 -24.24
C PRO A 56 15.40 -24.22 -22.98
N CYS A 57 14.43 -23.31 -23.03
CA CYS A 57 13.50 -23.10 -21.92
C CYS A 57 12.15 -22.65 -22.47
N VAL A 58 11.15 -22.76 -21.63
CA VAL A 58 9.77 -22.27 -21.92
C VAL A 58 9.24 -21.57 -20.67
N PHE A 59 8.70 -20.39 -20.87
CA PHE A 59 7.76 -19.77 -19.93
C PHE A 59 6.45 -19.64 -20.67
N ALA A 60 5.41 -20.31 -20.19
CA ALA A 60 4.09 -20.28 -20.86
C ALA A 60 3.05 -19.77 -19.89
N THR A 61 2.00 -19.17 -20.42
CA THR A 61 0.88 -18.66 -19.63
C THR A 61 -0.42 -19.19 -20.21
N VAL A 62 -1.36 -19.43 -19.32
CA VAL A 62 -2.74 -19.88 -19.68
C VAL A 62 -3.70 -18.86 -19.08
N GLU A 63 -4.29 -18.02 -19.90
CA GLU A 63 -5.29 -17.01 -19.47
C GLU A 63 -6.66 -17.61 -19.77
N CYS A 64 -7.51 -17.71 -18.77
CA CYS A 64 -8.79 -18.43 -18.94
C CYS A 64 -9.83 -17.84 -18.00
N ILE A 65 -11.05 -17.70 -18.51
CA ILE A 65 -12.22 -17.36 -17.69
C ILE A 65 -12.71 -18.67 -17.09
N GLY A 66 -12.66 -18.80 -15.79
CA GLY A 66 -12.96 -20.05 -15.07
C GLY A 66 -11.92 -21.11 -15.31
N ARG A 67 -12.24 -22.34 -14.89
CA ARG A 67 -11.55 -23.62 -15.23
C ARG A 67 -10.22 -23.81 -14.47
N LEU A 68 -9.60 -22.73 -13.98
CA LEU A 68 -8.27 -22.85 -13.34
C LEU A 68 -8.42 -23.03 -11.84
N ASN A 69 -7.77 -24.05 -11.33
CA ASN A 69 -7.77 -24.37 -9.88
C ASN A 69 -6.57 -25.28 -9.65
N PRO A 70 -6.08 -25.41 -8.40
CA PRO A 70 -4.81 -26.12 -8.19
C PRO A 70 -4.82 -27.54 -8.77
N THR A 71 -5.92 -28.28 -8.65
CA THR A 71 -6.00 -29.65 -9.19
C THR A 71 -5.86 -29.64 -10.71
N SER A 72 -6.68 -28.84 -11.38
CA SER A 72 -6.69 -28.78 -12.87
C SER A 72 -5.35 -28.19 -13.33
N ASN A 73 -4.82 -27.21 -12.61
CA ASN A 73 -3.55 -26.55 -13.00
C ASN A 73 -2.43 -27.59 -13.05
N LEU A 74 -2.32 -28.44 -12.02
CA LEU A 74 -1.22 -29.42 -11.99
C LEU A 74 -1.38 -30.40 -13.16
N ALA A 75 -2.59 -30.90 -13.41
CA ALA A 75 -2.85 -31.88 -14.48
C ALA A 75 -2.51 -31.26 -15.83
N MET A 76 -2.96 -30.03 -16.06
CA MET A 76 -2.73 -29.33 -17.34
C MET A 76 -1.24 -29.01 -17.45
N ALA A 77 -0.59 -28.58 -16.38
CA ALA A 77 0.86 -28.27 -16.41
C ALA A 77 1.61 -29.51 -16.90
N ARG A 78 1.34 -30.68 -16.31
CA ARG A 78 2.08 -31.91 -16.69
C ARG A 78 1.80 -32.22 -18.16
N ASP A 79 0.55 -32.09 -18.62
CA ASP A 79 0.19 -32.37 -20.04
C ASP A 79 0.88 -31.37 -20.95
N MET A 80 0.91 -30.09 -20.59
CA MET A 80 1.61 -29.06 -21.38
C MET A 80 3.11 -29.35 -21.39
N GLU A 81 3.68 -29.64 -20.23
CA GLU A 81 5.13 -29.99 -20.16
C GLU A 81 5.37 -31.14 -21.12
N ASP A 82 4.53 -32.17 -21.09
CA ASP A 82 4.77 -33.35 -21.95
C ASP A 82 4.78 -32.93 -23.42
N MET A 83 3.87 -32.06 -23.83
CA MET A 83 3.82 -31.55 -25.24
C MET A 83 5.08 -30.74 -25.51
N PHE A 84 5.53 -29.90 -24.57
CA PHE A 84 6.73 -29.06 -24.80
C PHE A 84 7.96 -29.96 -24.88
N ILE A 85 8.03 -30.97 -24.04
CA ILE A 85 9.18 -31.93 -24.04
C ILE A 85 9.18 -32.63 -25.41
N GLU A 86 8.04 -33.13 -25.85
CA GLU A 86 7.95 -33.94 -27.09
C GLU A 86 8.24 -33.04 -28.29
N HIS A 87 7.63 -31.86 -28.36
CA HIS A 87 7.64 -31.03 -29.60
C HIS A 87 8.77 -30.01 -29.61
N LEU A 88 9.15 -29.45 -28.46
CA LEU A 88 10.18 -28.39 -28.39
C LEU A 88 11.51 -28.94 -27.91
N ASN A 89 11.54 -30.19 -27.45
CA ASN A 89 12.78 -30.83 -26.96
C ASN A 89 13.35 -29.98 -25.81
N VAL A 90 12.48 -29.47 -24.94
CA VAL A 90 12.91 -28.72 -23.74
C VAL A 90 12.82 -29.70 -22.58
N ARG A 91 13.78 -29.67 -21.67
CA ARG A 91 13.71 -30.49 -20.45
C ARG A 91 12.59 -29.99 -19.53
N ARG A 92 11.99 -30.91 -18.79
CA ARG A 92 10.91 -30.55 -17.83
C ARG A 92 11.43 -29.49 -16.85
N GLU A 93 12.70 -29.55 -16.46
CA GLU A 93 13.23 -28.60 -15.44
C GLU A 93 13.58 -27.25 -16.08
N ARG A 94 13.22 -27.04 -17.36
CA ARG A 94 13.39 -25.73 -18.04
C ARG A 94 12.01 -25.19 -18.44
N ILE A 95 10.95 -25.65 -17.80
CA ILE A 95 9.56 -25.25 -18.14
C ILE A 95 8.87 -24.68 -16.91
N VAL A 96 8.32 -23.49 -17.07
CA VAL A 96 7.47 -22.85 -16.04
C VAL A 96 6.19 -22.41 -16.72
N ILE A 97 5.06 -22.67 -16.07
CA ILE A 97 3.73 -22.31 -16.65
C ILE A 97 2.96 -21.55 -15.59
N ARG A 98 2.45 -20.38 -15.95
CA ARG A 98 1.59 -19.59 -15.06
C ARG A 98 0.15 -19.68 -15.55
N PHE A 99 -0.75 -19.99 -14.63
CA PHE A 99 -2.21 -20.07 -14.88
C PHE A 99 -2.81 -18.75 -14.38
N ILE A 100 -3.51 -18.05 -15.27
CA ILE A 100 -3.99 -16.66 -15.03
C ILE A 100 -5.51 -16.64 -15.15
N PRO A 101 -6.22 -16.56 -14.02
CA PRO A 101 -7.69 -16.44 -14.03
C PRO A 101 -8.09 -15.06 -14.54
N VAL A 102 -9.04 -15.04 -15.47
CA VAL A 102 -9.54 -13.79 -16.08
C VAL A 102 -11.00 -13.63 -15.69
N PRO A 103 -11.39 -12.49 -15.14
CA PRO A 103 -12.81 -12.24 -14.84
C PRO A 103 -13.64 -12.12 -16.12
N ALA A 104 -14.82 -12.73 -16.12
CA ALA A 104 -15.78 -12.67 -17.24
C ALA A 104 -16.08 -11.22 -17.65
N LEU A 105 -16.26 -10.31 -16.71
CA LEU A 105 -16.66 -8.91 -17.03
C LEU A 105 -15.42 -8.05 -17.28
N PHE A 106 -14.24 -8.67 -17.30
CA PHE A 106 -12.97 -7.97 -17.62
C PHE A 106 -12.37 -8.54 -18.90
N CYS A 107 -13.22 -9.11 -19.73
CA CYS A 107 -12.75 -9.68 -21.01
C CYS A 107 -13.89 -9.60 -22.01
N SER A 108 -13.63 -8.98 -23.14
CA SER A 108 -14.60 -8.85 -24.24
C SER A 108 -14.31 -9.91 -25.31
N PHE A 109 -15.37 -10.31 -25.98
CA PHE A 109 -15.31 -11.12 -27.20
C PHE A 109 -16.46 -10.67 -28.08
N ASN A 110 -16.16 -10.31 -29.31
CA ASN A 110 -17.22 -10.07 -30.32
C ASN A 110 -18.25 -9.08 -29.81
N GLY A 111 -17.82 -7.96 -29.26
CA GLY A 111 -18.68 -6.79 -29.00
C GLY A 111 -19.40 -6.87 -27.68
N ALA A 112 -19.07 -7.84 -26.83
CA ALA A 112 -19.71 -8.01 -25.51
C ALA A 112 -18.70 -8.51 -24.51
N LEU A 113 -19.00 -8.35 -23.24
CA LEU A 113 -18.21 -9.03 -22.19
C LEU A 113 -18.68 -10.49 -22.15
N HIS A 114 -18.12 -11.29 -21.28
CA HIS A 114 -18.55 -12.70 -21.14
C HIS A 114 -19.69 -12.81 -20.11
N ASP A 115 -20.73 -13.56 -20.47
CA ASP A 115 -21.96 -13.66 -19.64
C ASP A 115 -21.90 -15.00 -18.93
N VAL A 116 -21.54 -15.00 -17.64
CA VAL A 116 -21.40 -16.21 -16.80
C VAL A 116 -22.22 -15.98 -15.55
N SER A 117 -22.98 -16.96 -15.10
CA SER A 117 -23.96 -16.78 -14.01
C SER A 117 -23.25 -16.71 -12.64
N PRO B 2 11.02 -16.59 -11.02
CA PRO B 2 10.42 -15.31 -11.42
C PRO B 2 10.61 -15.05 -12.91
N VAL B 3 9.85 -14.11 -13.46
CA VAL B 3 10.00 -13.72 -14.87
C VAL B 3 10.13 -12.19 -14.90
N ILE B 4 11.22 -11.71 -15.47
CA ILE B 4 11.40 -10.27 -15.76
C ILE B 4 11.21 -10.10 -17.25
N THR B 5 10.22 -9.34 -17.65
CA THR B 5 9.92 -9.05 -19.06
C THR B 5 10.24 -7.59 -19.31
N VAL B 6 11.08 -7.32 -20.28
CA VAL B 6 11.49 -5.93 -20.62
C VAL B 6 11.00 -5.64 -22.03
N ASN B 7 10.03 -4.72 -22.15
CA ASN B 7 9.50 -4.26 -23.45
C ASN B 7 10.12 -2.90 -23.72
N THR B 8 11.01 -2.79 -24.71
CA THR B 8 11.67 -1.50 -25.00
C THR B 8 11.76 -1.29 -26.49
N ASN B 9 11.66 -0.03 -26.91
CA ASN B 9 11.89 0.37 -28.31
C ASN B 9 13.38 0.57 -28.55
N VAL B 10 14.22 0.47 -27.52
CA VAL B 10 15.69 0.54 -27.73
C VAL B 10 16.09 -0.68 -28.55
N ALA B 11 16.90 -0.45 -29.59
CA ALA B 11 17.31 -1.52 -30.53
C ALA B 11 18.27 -2.48 -29.83
N GLU B 12 18.20 -3.76 -30.17
CA GLU B 12 19.05 -4.84 -29.61
C GLU B 12 20.52 -4.44 -29.76
N LYS B 13 20.89 -3.86 -30.91
CA LYS B 13 22.31 -3.53 -31.17
C LYS B 13 22.82 -2.49 -30.16
N SER B 14 21.93 -1.70 -29.55
CA SER B 14 22.29 -0.62 -28.59
C SER B 14 22.45 -1.18 -27.17
N ILE B 15 22.04 -2.41 -26.93
CA ILE B 15 21.95 -2.97 -25.55
C ILE B 15 23.18 -3.80 -25.27
N PRO B 16 23.84 -3.59 -24.11
CA PRO B 16 24.99 -4.39 -23.75
C PRO B 16 24.65 -5.87 -23.76
N VAL B 17 25.59 -6.67 -24.23
CA VAL B 17 25.34 -8.13 -24.41
C VAL B 17 25.06 -8.78 -23.05
N PHE B 18 25.54 -8.19 -21.94
CA PHE B 18 25.41 -8.80 -20.60
C PHE B 18 24.19 -8.24 -19.87
N PHE B 19 23.35 -7.47 -20.53
CA PHE B 19 22.16 -6.83 -19.90
C PHE B 19 21.29 -7.90 -19.24
N GLN B 20 20.88 -8.94 -19.98
CA GLN B 20 19.97 -9.95 -19.38
C GLN B 20 20.67 -10.69 -18.22
N ALA B 21 21.94 -11.02 -18.34
CA ALA B 21 22.74 -11.65 -17.27
C ALA B 21 22.77 -10.74 -16.06
N ALA B 22 23.00 -9.44 -16.27
CA ALA B 22 23.13 -8.48 -15.15
C ALA B 22 21.78 -8.36 -14.46
N LEU B 23 20.71 -8.28 -15.23
CA LEU B 23 19.35 -8.16 -14.68
C LEU B 23 19.00 -9.44 -13.95
N THR B 24 19.36 -10.60 -14.51
CA THR B 24 19.16 -11.91 -13.84
C THR B 24 19.80 -11.85 -12.46
N ASN B 25 21.07 -11.47 -12.40
CA ASN B 25 21.84 -11.49 -11.14
C ASN B 25 21.20 -10.48 -10.16
N MET B 26 20.88 -9.30 -10.63
CA MET B 26 20.40 -8.23 -9.73
C MET B 26 19.04 -8.66 -9.16
N MET B 27 18.17 -9.22 -9.99
CA MET B 27 16.81 -9.56 -9.52
C MET B 27 16.82 -10.88 -8.77
N THR B 28 17.77 -11.79 -9.01
CA THR B 28 17.92 -13.00 -8.17
C THR B 28 18.22 -12.57 -6.75
N LYS B 29 19.15 -11.63 -6.59
CA LYS B 29 19.52 -11.11 -5.24
C LYS B 29 18.34 -10.39 -4.64
N ALA B 30 17.68 -9.51 -5.41
CA ALA B 30 16.57 -8.67 -4.89
C ALA B 30 15.41 -9.55 -4.45
N LEU B 31 15.03 -10.54 -5.25
CA LEU B 31 13.83 -11.37 -4.97
C LEU B 31 14.18 -12.56 -4.07
N GLN B 32 15.48 -12.82 -3.83
CA GLN B 32 15.92 -14.00 -3.03
C GLN B 32 15.20 -15.23 -3.54
N LYS B 33 15.34 -15.50 -4.83
CA LYS B 33 14.81 -16.71 -5.50
C LYS B 33 15.98 -17.41 -6.14
N PRO B 34 15.89 -18.73 -6.38
CA PRO B 34 16.98 -19.45 -7.03
C PRO B 34 17.20 -18.85 -8.43
N LYS B 35 18.45 -18.59 -8.78
CA LYS B 35 18.77 -18.07 -10.11
C LYS B 35 18.21 -19.01 -11.20
N GLU B 36 18.20 -20.32 -10.93
CA GLU B 36 17.86 -21.32 -11.98
C GLU B 36 16.44 -21.09 -12.49
N VAL B 37 15.53 -20.48 -11.74
CA VAL B 37 14.13 -20.28 -12.18
C VAL B 37 13.90 -18.79 -12.48
N MET B 38 14.95 -18.00 -12.65
CA MET B 38 14.84 -16.59 -13.08
C MET B 38 14.86 -16.52 -14.61
N PHE B 39 13.77 -16.06 -15.21
CA PHE B 39 13.74 -15.77 -16.65
C PHE B 39 13.88 -14.27 -16.85
N VAL B 40 14.59 -13.90 -17.91
CA VAL B 40 14.59 -12.53 -18.42
C VAL B 40 14.25 -12.60 -19.89
N ASP B 41 13.08 -12.08 -20.22
CA ASP B 41 12.50 -12.07 -21.58
C ASP B 41 12.65 -10.64 -22.09
N LEU B 42 13.64 -10.42 -22.94
CA LEU B 42 13.94 -9.07 -23.49
C LEU B 42 13.28 -8.91 -24.85
N ARG B 43 12.34 -7.98 -24.92
CA ARG B 43 11.72 -7.57 -26.20
C ARG B 43 12.35 -6.22 -26.56
N SER B 44 13.44 -6.28 -27.30
CA SER B 44 14.12 -5.05 -27.76
C SER B 44 13.66 -4.74 -29.18
N GLY B 45 13.81 -3.49 -29.59
CA GLY B 45 13.33 -3.01 -30.89
C GLY B 45 11.84 -3.22 -31.00
N ALA B 46 11.14 -3.26 -29.87
CA ALA B 46 9.70 -3.48 -29.82
C ALA B 46 8.99 -2.25 -30.38
N ASN B 47 7.83 -2.48 -30.98
CA ASN B 47 6.99 -1.34 -31.46
C ASN B 47 6.14 -0.84 -30.30
N ILE B 48 6.81 -0.23 -29.34
CA ILE B 48 6.16 0.31 -28.13
C ILE B 48 6.41 1.81 -28.12
N MET B 49 5.31 2.55 -28.10
CA MET B 49 5.36 4.01 -27.98
C MET B 49 4.79 4.39 -26.62
N MET B 50 5.26 5.52 -26.12
CA MET B 50 4.83 6.05 -24.82
C MET B 50 4.56 7.53 -25.01
N GLY B 51 3.43 8.00 -24.53
CA GLY B 51 3.09 9.44 -24.61
C GLY B 51 2.88 9.87 -26.04
N GLY B 52 2.57 8.93 -26.94
CA GLY B 52 2.38 9.22 -28.37
C GLY B 52 3.68 9.49 -29.07
N ASP B 53 4.84 9.20 -28.47
CA ASP B 53 6.11 9.44 -29.21
C ASP B 53 7.05 8.26 -29.04
N ARG B 54 8.07 8.23 -29.88
CA ARG B 54 8.95 7.05 -30.03
C ARG B 54 10.30 7.34 -29.42
N ASN B 55 10.41 8.31 -28.52
CA ASN B 55 11.65 8.45 -27.71
C ASN B 55 11.82 7.15 -26.93
N PRO B 56 13.06 6.83 -26.53
CA PRO B 56 13.32 5.56 -25.84
C PRO B 56 12.41 5.45 -24.62
N CYS B 57 11.86 4.26 -24.43
CA CYS B 57 11.00 3.97 -23.29
C CYS B 57 11.13 2.49 -22.93
N VAL B 58 10.68 2.18 -21.73
CA VAL B 58 10.62 0.78 -21.21
C VAL B 58 9.31 0.60 -20.47
N PHE B 59 8.61 -0.48 -20.78
CA PHE B 59 7.60 -1.07 -19.89
C PHE B 59 8.10 -2.44 -19.52
N ALA B 60 8.34 -2.66 -18.23
CA ALA B 60 8.85 -3.95 -17.76
C ALA B 60 7.87 -4.55 -16.77
N THR B 61 7.88 -5.87 -16.65
CA THR B 61 7.06 -6.59 -15.66
C THR B 61 7.96 -7.54 -14.86
N VAL B 62 7.58 -7.73 -13.62
CA VAL B 62 8.24 -8.64 -12.67
C VAL B 62 7.17 -9.58 -12.14
N GLU B 63 7.18 -10.82 -12.60
CA GLU B 63 6.27 -11.89 -12.14
C GLU B 63 7.03 -12.69 -11.09
N CYS B 64 6.46 -12.82 -9.90
CA CYS B 64 7.14 -13.53 -8.80
C CYS B 64 6.11 -14.14 -7.86
N ILE B 65 6.40 -15.35 -7.40
CA ILE B 65 5.65 -16.00 -6.31
C ILE B 65 6.21 -15.42 -4.99
N GLY B 66 5.38 -14.73 -4.24
CA GLY B 66 5.81 -13.99 -3.03
C GLY B 66 6.70 -12.81 -3.37
N ARG B 67 7.35 -12.24 -2.35
CA ARG B 67 8.44 -11.24 -2.43
C ARG B 67 7.96 -9.85 -2.82
N LEU B 68 6.82 -9.69 -3.48
CA LEU B 68 6.36 -8.39 -3.98
C LEU B 68 5.46 -7.72 -2.94
N ASN B 69 5.83 -6.49 -2.59
CA ASN B 69 5.10 -5.67 -1.62
C ASN B 69 5.54 -4.24 -1.87
N PRO B 70 4.79 -3.22 -1.41
CA PRO B 70 5.11 -1.85 -1.75
C PRO B 70 6.55 -1.44 -1.46
N THR B 71 7.10 -1.85 -0.33
CA THR B 71 8.50 -1.52 0.05
C THR B 71 9.47 -2.14 -0.95
N SER B 72 9.37 -3.44 -1.18
CA SER B 72 10.31 -4.18 -2.06
C SER B 72 10.09 -3.68 -3.49
N ASN B 73 8.85 -3.43 -3.87
CA ASN B 73 8.53 -2.96 -5.26
C ASN B 73 9.27 -1.66 -5.53
N LEU B 74 9.21 -0.70 -4.61
CA LEU B 74 9.85 0.60 -4.85
C LEU B 74 11.35 0.42 -4.96
N ALA B 75 11.97 -0.37 -4.08
CA ALA B 75 13.43 -0.57 -4.04
C ALA B 75 13.86 -1.23 -5.36
N MET B 76 13.13 -2.25 -5.79
CA MET B 76 13.47 -2.99 -7.01
C MET B 76 13.23 -2.08 -8.20
N ALA B 77 12.14 -1.31 -8.21
CA ALA B 77 11.86 -0.39 -9.33
C ALA B 77 13.05 0.56 -9.50
N ARG B 78 13.54 1.18 -8.43
CA ARG B 78 14.65 2.16 -8.49
C ARG B 78 15.89 1.45 -9.03
N ASP B 79 16.18 0.25 -8.56
CA ASP B 79 17.37 -0.52 -9.00
C ASP B 79 17.22 -0.89 -10.47
N MET B 80 16.04 -1.34 -10.88
CA MET B 80 15.77 -1.67 -12.31
C MET B 80 15.90 -0.40 -13.14
N GLU B 81 15.29 0.70 -12.71
CA GLU B 81 15.39 1.97 -13.45
C GLU B 81 16.88 2.29 -13.64
N ASP B 82 17.66 2.18 -12.56
CA ASP B 82 19.10 2.57 -12.66
C ASP B 82 19.78 1.72 -13.75
N MET B 83 19.49 0.41 -13.77
CA MET B 83 20.11 -0.49 -14.77
C MET B 83 19.59 -0.11 -16.16
N PHE B 84 18.31 0.20 -16.32
CA PHE B 84 17.74 0.56 -17.63
C PHE B 84 18.33 1.87 -18.11
N ILE B 85 18.50 2.82 -17.20
CA ILE B 85 19.12 4.14 -17.55
C ILE B 85 20.55 3.85 -18.06
N GLU B 86 21.32 3.05 -17.34
CA GLU B 86 22.74 2.82 -17.67
C GLU B 86 22.85 2.03 -18.96
N HIS B 87 22.06 0.96 -19.11
CA HIS B 87 22.22 0.00 -20.23
C HIS B 87 21.43 0.42 -21.48
N LEU B 88 20.22 0.95 -21.31
CA LEU B 88 19.33 1.27 -22.44
C LEU B 88 19.36 2.75 -22.79
N ASN B 89 19.98 3.58 -21.96
CA ASN B 89 19.99 5.06 -22.14
C ASN B 89 18.55 5.55 -22.24
N VAL B 90 17.68 5.02 -21.38
CA VAL B 90 16.29 5.52 -21.28
C VAL B 90 16.25 6.45 -20.08
N ARG B 91 15.53 7.56 -20.20
CA ARG B 91 15.35 8.47 -19.05
C ARG B 91 14.45 7.81 -18.02
N ARG B 92 14.66 8.13 -16.74
CA ARG B 92 13.83 7.57 -15.65
C ARG B 92 12.35 7.88 -15.91
N GLU B 93 12.04 9.04 -16.51
CA GLU B 93 10.63 9.43 -16.75
C GLU B 93 10.07 8.72 -17.99
N ARG B 94 10.79 7.76 -18.57
CA ARG B 94 10.30 6.96 -19.70
C ARG B 94 10.26 5.48 -19.30
N ILE B 95 10.23 5.21 -18.00
CA ILE B 95 10.23 3.80 -17.48
C ILE B 95 9.01 3.58 -16.60
N VAL B 96 8.28 2.52 -16.89
CA VAL B 96 7.17 2.03 -16.04
C VAL B 96 7.42 0.54 -15.79
N ILE B 97 7.25 0.10 -14.57
CA ILE B 97 7.45 -1.31 -14.17
C ILE B 97 6.22 -1.78 -13.41
N ARG B 98 5.66 -2.91 -13.81
CA ARG B 98 4.53 -3.53 -13.11
C ARG B 98 5.05 -4.77 -12.39
N PHE B 99 4.70 -4.87 -11.12
CA PHE B 99 5.01 -6.01 -10.24
C PHE B 99 3.77 -6.89 -10.18
N ILE B 100 3.92 -8.16 -10.55
CA ILE B 100 2.81 -9.12 -10.75
C ILE B 100 2.98 -10.29 -9.80
N PRO B 101 2.17 -10.34 -8.72
CA PRO B 101 2.21 -11.45 -7.78
C PRO B 101 1.61 -12.69 -8.42
N VAL B 102 2.29 -13.81 -8.30
CA VAL B 102 1.85 -15.09 -8.89
C VAL B 102 1.53 -16.06 -7.77
N PRO B 103 0.32 -16.64 -7.72
CA PRO B 103 0.03 -17.65 -6.71
C PRO B 103 0.83 -18.93 -6.92
N ALA B 104 1.34 -19.49 -5.81
CA ALA B 104 2.16 -20.72 -5.82
C ALA B 104 1.42 -21.85 -6.54
N LEU B 105 0.12 -22.01 -6.34
CA LEU B 105 -0.64 -23.15 -6.90
C LEU B 105 -1.16 -22.80 -8.30
N PHE B 106 -0.75 -21.65 -8.84
CA PHE B 106 -1.11 -21.23 -10.22
C PHE B 106 0.16 -21.12 -11.05
N CYS B 107 1.21 -21.81 -10.64
CA CYS B 107 2.48 -21.76 -11.38
C CYS B 107 3.20 -23.10 -11.22
N SER B 108 3.53 -23.72 -12.32
CA SER B 108 4.27 -25.00 -12.33
C SER B 108 5.73 -24.74 -12.64
N PHE B 109 6.57 -25.63 -12.11
CA PHE B 109 7.98 -25.75 -12.49
C PHE B 109 8.32 -27.23 -12.39
N ASN B 110 8.86 -27.78 -13.46
CA ASN B 110 9.46 -29.13 -13.41
C ASN B 110 8.46 -30.16 -12.89
N GLY B 111 7.23 -30.14 -13.37
CA GLY B 111 6.27 -31.23 -13.16
C GLY B 111 5.47 -31.09 -11.91
N ALA B 112 5.59 -29.97 -11.20
CA ALA B 112 4.88 -29.74 -9.94
C ALA B 112 4.49 -28.28 -9.84
N LEU B 113 3.51 -28.00 -9.00
CA LEU B 113 3.21 -26.62 -8.63
C LEU B 113 4.24 -26.22 -7.59
N HIS B 114 4.11 -24.99 -7.08
CA HIS B 114 5.03 -24.49 -6.03
C HIS B 114 4.42 -24.77 -4.67
N ASP B 115 5.28 -24.83 -3.67
CA ASP B 115 4.93 -24.95 -2.23
C ASP B 115 4.97 -23.54 -1.62
N VAL B 116 3.79 -23.02 -1.31
CA VAL B 116 3.59 -21.72 -0.59
C VAL B 116 4.64 -21.51 0.50
N SER B 117 4.96 -22.53 1.30
CA SER B 117 5.88 -22.38 2.46
C SER B 117 7.32 -22.23 2.00
N ILE B 118 7.70 -22.83 0.86
CA ILE B 118 9.09 -22.71 0.31
C ILE B 118 9.20 -21.33 -0.36
N GLU B 119 8.10 -20.82 -0.91
CA GLU B 119 8.13 -19.60 -1.78
C GLU B 119 7.95 -18.31 -0.96
N PRO C 2 -0.97 3.85 -18.31
CA PRO C 2 -1.62 2.59 -18.76
C PRO C 2 -0.82 1.95 -19.90
N VAL C 3 -1.06 0.67 -20.13
CA VAL C 3 -0.39 -0.04 -21.25
C VAL C 3 -1.48 -0.70 -22.07
N ILE C 4 -1.55 -0.37 -23.34
CA ILE C 4 -2.43 -1.07 -24.31
C ILE C 4 -1.50 -1.96 -25.13
N THR C 5 -1.72 -3.25 -25.07
CA THR C 5 -0.90 -4.24 -25.79
C THR C 5 -1.81 -4.87 -26.83
N VAL C 6 -1.38 -4.83 -28.07
CA VAL C 6 -2.19 -5.38 -29.19
C VAL C 6 -1.37 -6.53 -29.79
N ASN C 7 -1.85 -7.75 -29.63
CA ASN C 7 -1.23 -8.95 -30.22
C ASN C 7 -2.05 -9.32 -31.45
N THR C 8 -1.48 -9.18 -32.64
CA THR C 8 -2.24 -9.45 -33.87
C THR C 8 -1.35 -10.16 -34.86
N ASN C 9 -1.96 -11.01 -35.65
CA ASN C 9 -1.28 -11.67 -36.79
C ASN C 9 -1.35 -10.75 -38.02
N VAL C 10 -2.04 -9.63 -37.96
CA VAL C 10 -2.02 -8.63 -39.06
C VAL C 10 -0.60 -8.09 -39.21
N ALA C 11 -0.12 -8.01 -40.43
CA ALA C 11 1.26 -7.54 -40.74
C ALA C 11 1.37 -6.03 -40.50
N GLU C 12 2.53 -5.62 -40.01
CA GLU C 12 2.87 -4.20 -39.70
C GLU C 12 2.58 -3.33 -40.93
N LYS C 13 2.95 -3.82 -42.11
CA LYS C 13 2.83 -3.03 -43.35
C LYS C 13 1.37 -2.74 -43.65
N SER C 14 0.43 -3.52 -43.13
CA SER C 14 -1.03 -3.37 -43.37
C SER C 14 -1.64 -2.32 -42.45
N ILE C 15 -0.92 -1.88 -41.41
CA ILE C 15 -1.49 -1.05 -40.34
C ILE C 15 -1.19 0.41 -40.62
N PRO C 16 -2.20 1.30 -40.51
CA PRO C 16 -1.98 2.71 -40.76
C PRO C 16 -0.89 3.26 -39.84
N VAL C 17 -0.08 4.17 -40.39
CA VAL C 17 1.07 4.73 -39.63
C VAL C 17 0.58 5.48 -38.39
N PHE C 18 -0.66 5.97 -38.37
CA PHE C 18 -1.21 6.76 -37.24
C PHE C 18 -1.89 5.85 -36.20
N PHE C 19 -1.86 4.53 -36.37
CA PHE C 19 -2.73 3.63 -35.58
C PHE C 19 -2.38 3.78 -34.12
N GLN C 20 -1.10 3.62 -33.76
CA GLN C 20 -0.72 3.67 -32.33
C GLN C 20 -1.00 5.06 -31.74
N ALA C 21 -0.72 6.13 -32.49
CA ALA C 21 -1.02 7.50 -32.06
C ALA C 21 -2.52 7.65 -31.81
N ALA C 22 -3.35 7.13 -32.70
CA ALA C 22 -4.81 7.26 -32.62
C ALA C 22 -5.30 6.49 -31.41
N LEU C 23 -4.78 5.28 -31.20
CA LEU C 23 -5.18 4.42 -30.07
C LEU C 23 -4.72 5.11 -28.79
N THR C 24 -3.52 5.69 -28.77
CA THR C 24 -3.01 6.44 -27.60
C THR C 24 -4.01 7.53 -27.25
N ASN C 25 -4.40 8.33 -28.22
CA ASN C 25 -5.33 9.47 -28.00
C ASN C 25 -6.67 8.94 -27.51
N MET C 26 -7.20 7.93 -28.15
CA MET C 26 -8.54 7.40 -27.83
C MET C 26 -8.52 6.88 -26.39
N MET C 27 -7.49 6.13 -26.01
CA MET C 27 -7.47 5.48 -24.68
C MET C 27 -7.04 6.49 -23.61
N THR C 28 -6.30 7.54 -23.95
CA THR C 28 -6.02 8.65 -23.00
C THR C 28 -7.35 9.28 -22.58
N LYS C 29 -8.20 9.57 -23.57
CA LYS C 29 -9.55 10.14 -23.30
C LYS C 29 -10.41 9.14 -22.53
N ALA C 30 -10.44 7.89 -22.96
CA ALA C 30 -11.33 6.86 -22.37
C ALA C 30 -10.94 6.61 -20.92
N LEU C 31 -9.64 6.49 -20.63
CA LEU C 31 -9.17 6.11 -19.27
C LEU C 31 -8.96 7.37 -18.43
N GLN C 32 -9.01 8.57 -19.01
CA GLN C 32 -8.70 9.83 -18.28
C GLN C 32 -7.41 9.66 -17.49
N LYS C 33 -6.36 9.28 -18.21
CA LYS C 33 -4.99 9.15 -17.66
C LYS C 33 -4.08 10.06 -18.46
N PRO C 34 -2.96 10.54 -17.87
CA PRO C 34 -2.05 11.42 -18.59
C PRO C 34 -1.52 10.72 -19.82
N LYS C 35 -1.53 11.40 -20.95
CA LYS C 35 -1.00 10.84 -22.21
C LYS C 35 0.45 10.40 -22.00
N GLU C 36 1.22 11.14 -21.19
CA GLU C 36 2.67 10.93 -20.98
C GLU C 36 2.96 9.47 -20.59
N VAL C 37 2.06 8.83 -19.86
CA VAL C 37 2.30 7.46 -19.32
C VAL C 37 1.41 6.45 -20.06
N MET C 38 0.91 6.80 -21.23
CA MET C 38 0.12 5.86 -22.06
C MET C 38 1.08 5.14 -23.02
N PHE C 39 1.19 3.83 -22.88
CA PHE C 39 1.97 3.02 -23.83
C PHE C 39 0.98 2.31 -24.75
N VAL C 40 1.38 2.21 -26.01
CA VAL C 40 0.76 1.25 -26.94
C VAL C 40 1.89 0.39 -27.49
N ASP C 41 1.83 -0.88 -27.15
CA ASP C 41 2.82 -1.91 -27.51
C ASP C 41 2.13 -2.77 -28.57
N LEU C 42 2.48 -2.52 -29.84
CA LEU C 42 1.83 -3.18 -30.98
C LEU C 42 2.71 -4.36 -31.39
N ARG C 43 2.18 -5.55 -31.22
CA ARG C 43 2.85 -6.79 -31.69
C ARG C 43 2.13 -7.21 -32.94
N SER C 44 2.58 -6.70 -34.08
CA SER C 44 2.01 -7.05 -35.38
C SER C 44 2.85 -8.16 -35.99
N GLY C 45 2.25 -8.87 -36.92
CA GLY C 45 2.83 -10.08 -37.54
C GLY C 45 3.20 -11.08 -36.48
N ALA C 46 2.48 -11.07 -35.38
CA ALA C 46 2.71 -12.02 -34.27
C ALA C 46 2.24 -13.40 -34.71
N ASN C 47 2.86 -14.45 -34.20
CA ASN C 47 2.44 -15.83 -34.47
C ASN C 47 1.35 -16.18 -33.47
N ILE C 48 0.19 -15.57 -33.66
CA ILE C 48 -0.98 -15.80 -32.78
C ILE C 48 -2.08 -16.38 -33.66
N MET C 49 -2.55 -17.55 -33.24
CA MET C 49 -3.66 -18.20 -33.95
C MET C 49 -4.85 -18.23 -33.00
N MET C 50 -6.03 -18.24 -33.58
CA MET C 50 -7.29 -18.24 -32.83
C MET C 50 -8.20 -19.26 -33.49
N GLY C 51 -8.86 -20.10 -32.71
CA GLY C 51 -9.81 -21.09 -33.24
C GLY C 51 -9.13 -22.11 -34.13
N GLY C 52 -7.85 -22.31 -33.94
CA GLY C 52 -7.02 -23.25 -34.73
C GLY C 52 -6.78 -22.75 -36.14
N ASP C 53 -7.01 -21.48 -36.43
CA ASP C 53 -6.75 -20.99 -37.79
C ASP C 53 -6.07 -19.63 -37.77
N ARG C 54 -5.56 -19.20 -38.93
CA ARG C 54 -4.68 -18.01 -38.98
C ARG C 54 -5.41 -16.87 -39.68
N ASN C 55 -6.74 -16.89 -39.70
CA ASN C 55 -7.50 -15.69 -40.12
C ASN C 55 -7.12 -14.55 -39.20
N PRO C 56 -7.23 -13.29 -39.65
CA PRO C 56 -6.83 -12.15 -38.83
C PRO C 56 -7.53 -12.24 -37.47
N CYS C 57 -6.77 -11.96 -36.43
CA CYS C 57 -7.30 -11.95 -35.07
C CYS C 57 -6.53 -10.92 -34.26
N VAL C 58 -7.10 -10.56 -33.14
CA VAL C 58 -6.46 -9.68 -32.14
C VAL C 58 -6.75 -10.24 -30.77
N PHE C 59 -5.71 -10.35 -29.96
CA PHE C 59 -5.86 -10.44 -28.49
C PHE C 59 -5.16 -9.20 -27.95
N ALA C 60 -5.92 -8.35 -27.29
CA ALA C 60 -5.39 -7.08 -26.76
C ALA C 60 -5.58 -7.06 -25.26
N THR C 61 -4.71 -6.32 -24.57
CA THR C 61 -4.81 -6.13 -23.12
C THR C 61 -4.74 -4.64 -22.81
N VAL C 62 -5.44 -4.28 -21.76
CA VAL C 62 -5.45 -2.91 -21.22
C VAL C 62 -5.06 -3.01 -19.77
N GLU C 63 -3.86 -2.58 -19.44
CA GLU C 63 -3.34 -2.58 -18.06
C GLU C 63 -3.51 -1.13 -17.55
N CYS C 64 -4.22 -0.98 -16.46
CA CYS C 64 -4.55 0.37 -15.96
C CYS C 64 -4.72 0.32 -14.46
N ILE C 65 -4.19 1.35 -13.80
CA ILE C 65 -4.43 1.60 -12.36
C ILE C 65 -5.78 2.32 -12.29
N GLY C 66 -6.76 1.70 -11.65
CA GLY C 66 -8.14 2.23 -11.60
C GLY C 66 -8.82 2.16 -12.96
N ARG C 67 -9.98 2.82 -13.10
CA ARG C 67 -10.68 3.11 -14.36
C ARG C 67 -11.41 1.89 -14.91
N LEU C 68 -11.00 0.66 -14.61
CA LEU C 68 -11.57 -0.54 -15.24
C LEU C 68 -12.72 -1.09 -14.38
N ASN C 69 -13.86 -1.26 -15.02
CA ASN C 69 -15.09 -1.77 -14.38
C ASN C 69 -15.97 -2.27 -15.52
N PRO C 70 -16.97 -3.13 -15.26
CA PRO C 70 -17.75 -3.73 -16.34
C PRO C 70 -18.32 -2.71 -17.34
N THR C 71 -18.83 -1.58 -16.85
CA THR C 71 -19.43 -0.54 -17.73
C THR C 71 -18.34 0.05 -18.64
N SER C 72 -17.25 0.52 -18.07
CA SER C 72 -16.17 1.19 -18.81
C SER C 72 -15.50 0.15 -19.71
N ASN C 73 -15.35 -1.08 -19.24
CA ASN C 73 -14.70 -2.15 -20.02
C ASN C 73 -15.49 -2.37 -21.31
N LEU C 74 -16.81 -2.49 -21.22
CA LEU C 74 -17.62 -2.76 -22.44
C LEU C 74 -17.51 -1.59 -23.40
N ALA C 75 -17.58 -0.35 -22.93
CA ALA C 75 -17.54 0.86 -23.79
C ALA C 75 -16.18 0.91 -24.48
N MET C 76 -15.12 0.69 -23.73
CA MET C 76 -13.74 0.75 -24.28
C MET C 76 -13.56 -0.43 -25.23
N ALA C 77 -14.03 -1.61 -24.88
CA ALA C 77 -13.91 -2.80 -25.74
C ALA C 77 -14.52 -2.47 -27.09
N ARG C 78 -15.74 -1.95 -27.13
CA ARG C 78 -16.45 -1.67 -28.41
C ARG C 78 -15.64 -0.63 -29.20
N ASP C 79 -15.12 0.40 -28.55
CA ASP C 79 -14.34 1.47 -29.23
C ASP C 79 -13.02 0.88 -29.75
N MET C 80 -12.35 0.06 -28.97
CA MET C 80 -11.10 -0.61 -29.42
C MET C 80 -11.44 -1.57 -30.57
N GLU C 81 -12.48 -2.38 -30.44
CA GLU C 81 -12.90 -3.28 -31.53
C GLU C 81 -13.09 -2.44 -32.77
N ASP C 82 -13.81 -1.31 -32.67
CA ASP C 82 -14.09 -0.48 -33.87
C ASP C 82 -12.79 -0.06 -34.52
N MET C 83 -11.80 0.36 -33.73
CA MET C 83 -10.48 0.76 -34.27
C MET C 83 -9.80 -0.43 -34.92
N PHE C 84 -9.85 -1.62 -34.31
CA PHE C 84 -9.23 -2.81 -34.86
C PHE C 84 -9.91 -3.21 -36.16
N ILE C 85 -11.23 -3.14 -36.18
CA ILE C 85 -12.02 -3.50 -37.39
C ILE C 85 -11.63 -2.54 -38.50
N GLU C 86 -11.65 -1.26 -38.21
CA GLU C 86 -11.43 -0.22 -39.23
C GLU C 86 -9.99 -0.30 -39.75
N HIS C 87 -9.03 -0.37 -38.83
CA HIS C 87 -7.61 -0.13 -39.19
C HIS C 87 -6.86 -1.42 -39.41
N LEU C 88 -7.17 -2.49 -38.71
CA LEU C 88 -6.46 -3.79 -38.87
C LEU C 88 -7.28 -4.76 -39.71
N ASN C 89 -8.53 -4.42 -40.04
CA ASN C 89 -9.36 -5.25 -40.94
C ASN C 89 -9.55 -6.62 -40.26
N VAL C 90 -9.75 -6.62 -38.96
CA VAL C 90 -10.04 -7.86 -38.20
C VAL C 90 -11.54 -7.84 -37.91
N ARG C 91 -12.22 -8.95 -38.07
CA ARG C 91 -13.66 -9.05 -37.76
C ARG C 91 -13.88 -8.97 -36.25
N ARG C 92 -15.01 -8.41 -35.84
CA ARG C 92 -15.34 -8.27 -34.40
C ARG C 92 -15.32 -9.64 -33.72
N GLU C 93 -15.70 -10.71 -34.41
CA GLU C 93 -15.76 -12.06 -33.80
C GLU C 93 -14.35 -12.69 -33.76
N ARG C 94 -13.30 -11.94 -34.11
CA ARG C 94 -11.90 -12.40 -34.01
C ARG C 94 -11.12 -11.52 -33.05
N ILE C 95 -11.82 -10.81 -32.18
CA ILE C 95 -11.20 -9.85 -31.22
C ILE C 95 -11.60 -10.24 -29.80
N VAL C 96 -10.58 -10.38 -28.97
CA VAL C 96 -10.73 -10.57 -27.52
C VAL C 96 -9.83 -9.53 -26.86
N ILE C 97 -10.38 -8.87 -25.85
CA ILE C 97 -9.65 -7.83 -25.08
C ILE C 97 -9.77 -8.17 -23.61
N ARG C 98 -8.64 -8.21 -22.93
CA ARG C 98 -8.60 -8.43 -21.47
C ARG C 98 -8.24 -7.11 -20.83
N PHE C 99 -9.03 -6.75 -19.82
CA PHE C 99 -8.85 -5.55 -18.98
C PHE C 99 -8.18 -6.02 -17.71
N ILE C 100 -7.02 -5.43 -17.40
CA ILE C 100 -6.14 -5.89 -16.30
C ILE C 100 -5.96 -4.75 -15.30
N PRO C 101 -6.64 -4.85 -14.15
CA PRO C 101 -6.49 -3.84 -13.10
C PRO C 101 -5.10 -4.01 -12.48
N VAL C 102 -4.40 -2.90 -12.34
CA VAL C 102 -3.03 -2.87 -11.78
C VAL C 102 -3.09 -2.11 -10.47
N PRO C 103 -2.62 -2.69 -9.36
CA PRO C 103 -2.55 -1.94 -8.10
C PRO C 103 -1.52 -0.81 -8.19
N ALA C 104 -1.89 0.36 -7.64
CA ALA C 104 -1.04 1.57 -7.63
C ALA C 104 0.34 1.24 -7.02
N LEU C 105 0.41 0.44 -5.96
CA LEU C 105 1.67 0.18 -5.26
C LEU C 105 2.40 -1.00 -5.89
N PHE C 106 1.90 -1.52 -7.00
CA PHE C 106 2.54 -2.60 -7.77
C PHE C 106 2.94 -2.09 -9.14
N CYS C 107 3.11 -0.79 -9.27
CA CYS C 107 3.51 -0.20 -10.56
C CYS C 107 4.32 1.06 -10.32
N SER C 108 5.50 1.14 -10.90
CA SER C 108 6.40 2.31 -10.76
C SER C 108 6.33 3.15 -12.01
N PHE C 109 6.57 4.44 -11.85
CA PHE C 109 6.84 5.39 -12.94
C PHE C 109 7.85 6.40 -12.40
N ASN C 110 8.94 6.60 -13.11
CA ASN C 110 9.86 7.73 -12.83
C ASN C 110 10.30 7.75 -11.36
N GLY C 111 10.70 6.61 -10.81
CA GLY C 111 11.38 6.54 -9.51
C GLY C 111 10.43 6.45 -8.34
N ALA C 112 9.12 6.29 -8.59
CA ALA C 112 8.13 6.20 -7.50
C ALA C 112 7.02 5.23 -7.90
N LEU C 113 6.34 4.72 -6.90
CA LEU C 113 5.10 3.97 -7.15
C LEU C 113 4.01 5.00 -7.45
N HIS C 114 2.82 4.53 -7.75
CA HIS C 114 1.69 5.43 -8.03
C HIS C 114 0.93 5.81 -6.77
N ASP C 115 0.43 7.03 -6.80
CA ASP C 115 -0.60 7.46 -5.81
C ASP C 115 -1.77 6.45 -5.73
N VAL C 116 -2.10 6.04 -4.51
CA VAL C 116 -3.24 5.15 -4.13
C VAL C 116 -4.18 5.96 -3.23
N PRO D 2 -26.05 -0.70 18.48
CA PRO D 2 -25.20 0.44 18.04
C PRO D 2 -24.43 1.04 19.21
N VAL D 3 -23.40 1.81 18.92
CA VAL D 3 -22.63 2.52 19.97
C VAL D 3 -22.56 3.98 19.58
N ILE D 4 -23.07 4.85 20.43
CA ILE D 4 -22.98 6.31 20.26
C ILE D 4 -21.92 6.79 21.25
N THR D 5 -20.84 7.34 20.76
CA THR D 5 -19.72 7.82 21.59
C THR D 5 -19.69 9.34 21.49
N VAL D 6 -19.74 10.01 22.61
CA VAL D 6 -19.75 11.50 22.64
C VAL D 6 -18.49 11.95 23.37
N ASN D 7 -17.57 12.57 22.64
CA ASN D 7 -16.32 13.14 23.20
C ASN D 7 -16.50 14.64 23.33
N THR D 8 -16.57 15.16 24.54
CA THR D 8 -16.83 16.61 24.73
C THR D 8 -15.96 17.13 25.87
N ASN D 9 -15.54 18.38 25.71
CA ASN D 9 -14.85 19.11 26.80
C ASN D 9 -15.88 19.77 27.70
N VAL D 10 -17.17 19.68 27.39
CA VAL D 10 -18.21 20.20 28.31
C VAL D 10 -18.13 19.35 29.58
N ALA D 11 -18.16 20.03 30.74
CA ALA D 11 -18.04 19.35 32.04
C ALA D 11 -19.32 18.56 32.33
N GLU D 12 -19.16 17.39 32.97
CA GLU D 12 -20.30 16.50 33.34
C GLU D 12 -21.34 17.30 34.11
N LYS D 13 -20.93 18.20 35.00
CA LYS D 13 -21.90 18.94 35.85
C LYS D 13 -22.82 19.82 34.99
N SER D 14 -22.39 20.18 33.77
CA SER D 14 -23.16 21.05 32.84
C SER D 14 -24.18 20.24 32.04
N ILE D 15 -24.10 18.93 32.07
CA ILE D 15 -24.89 18.03 31.16
C ILE D 15 -26.08 17.51 31.92
N PRO D 16 -27.28 17.56 31.33
CA PRO D 16 -28.46 17.00 32.01
C PRO D 16 -28.24 15.53 32.35
N VAL D 17 -28.74 15.13 33.52
CA VAL D 17 -28.57 13.74 34.01
C VAL D 17 -29.20 12.74 33.02
N PHE D 18 -30.20 13.17 32.25
CA PHE D 18 -30.97 12.29 31.34
C PHE D 18 -30.36 12.29 29.93
N PHE D 19 -29.20 12.92 29.73
CA PHE D 19 -28.65 13.13 28.39
C PHE D 19 -28.47 11.78 27.66
N GLN D 20 -27.78 10.84 28.32
CA GLN D 20 -27.51 9.53 27.68
C GLN D 20 -28.83 8.78 27.39
N ALA D 21 -29.79 8.82 28.31
CA ALA D 21 -31.13 8.20 28.12
C ALA D 21 -31.81 8.83 26.91
N ALA D 22 -31.75 10.16 26.81
CA ALA D 22 -32.44 10.90 25.73
C ALA D 22 -31.78 10.52 24.39
N LEU D 23 -30.46 10.48 24.37
CA LEU D 23 -29.71 10.13 23.15
C LEU D 23 -29.98 8.68 22.78
N THR D 24 -30.04 7.80 23.76
CA THR D 24 -30.40 6.38 23.54
C THR D 24 -31.74 6.32 22.81
N ASN D 25 -32.75 7.01 23.35
CA ASN D 25 -34.12 6.98 22.78
CA ASN D 25 -34.12 6.98 22.79
C ASN D 25 -34.10 7.57 21.38
N MET D 26 -33.43 8.68 21.19
CA MET D 26 -33.45 9.38 19.88
C MET D 26 -32.80 8.46 18.83
N MET D 27 -31.70 7.83 19.18
CA MET D 27 -30.95 7.01 18.21
C MET D 27 -31.58 5.64 18.03
N THR D 28 -32.30 5.11 19.02
CA THR D 28 -33.11 3.87 18.85
C THR D 28 -34.13 4.14 17.76
N LYS D 29 -34.82 5.27 17.82
CA LYS D 29 -35.84 5.65 16.82
C LYS D 29 -35.18 5.88 15.46
N ALA D 30 -34.07 6.64 15.44
CA ALA D 30 -33.41 7.05 14.18
C ALA D 30 -32.88 5.80 13.46
N LEU D 31 -32.23 4.90 14.20
CA LEU D 31 -31.54 3.74 13.56
C LEU D 31 -32.51 2.56 13.49
N GLN D 32 -33.69 2.63 14.07
CA GLN D 32 -34.63 1.47 14.16
C GLN D 32 -33.87 0.25 14.69
N LYS D 33 -33.20 0.45 15.83
CA LYS D 33 -32.41 -0.57 16.50
C LYS D 33 -32.96 -0.68 17.91
N PRO D 34 -33.07 -1.92 18.43
CA PRO D 34 -33.60 -2.12 19.76
C PRO D 34 -32.71 -1.39 20.78
N LYS D 35 -33.37 -0.73 21.69
CA LYS D 35 -32.74 -0.07 22.84
C LYS D 35 -31.81 -1.04 23.56
N GLU D 36 -32.13 -2.33 23.65
CA GLU D 36 -31.35 -3.30 24.47
C GLU D 36 -29.85 -3.26 24.08
N VAL D 37 -29.57 -3.05 22.80
CA VAL D 37 -28.17 -3.15 22.28
C VAL D 37 -27.64 -1.75 21.91
N MET D 38 -28.27 -0.71 22.43
CA MET D 38 -27.86 0.70 22.16
C MET D 38 -26.95 1.13 23.30
N PHE D 39 -25.70 1.44 23.02
CA PHE D 39 -24.76 1.98 24.03
C PHE D 39 -24.61 3.48 23.79
N VAL D 40 -24.53 4.24 24.86
CA VAL D 40 -24.07 5.64 24.82
C VAL D 40 -22.91 5.78 25.76
N ASP D 41 -21.74 6.03 25.19
CA ASP D 41 -20.46 6.18 25.91
C ASP D 41 -20.17 7.69 25.95
N LEU D 42 -20.41 8.32 27.08
CA LEU D 42 -20.26 9.79 27.22
C LEU D 42 -18.91 10.07 27.86
N ARG D 43 -18.03 10.70 27.11
CA ARG D 43 -16.73 11.21 27.63
C ARG D 43 -16.90 12.70 27.83
N SER D 44 -17.36 13.10 29.00
CA SER D 44 -17.49 14.53 29.35
C SER D 44 -16.25 14.97 30.10
N GLY D 45 -16.01 16.29 30.10
CA GLY D 45 -14.81 16.88 30.70
C GLY D 45 -13.57 16.29 30.07
N ALA D 46 -13.68 15.82 28.83
CA ALA D 46 -12.57 15.19 28.11
C ALA D 46 -11.55 16.26 27.76
N ASN D 47 -10.30 15.83 27.68
CA ASN D 47 -9.23 16.75 27.22
C ASN D 47 -9.21 16.74 25.70
N ILE D 48 -10.25 17.31 25.12
CA ILE D 48 -10.42 17.38 23.65
C ILE D 48 -10.47 18.85 23.31
N MET D 49 -9.59 19.27 22.43
CA MET D 49 -9.60 20.65 21.90
C MET D 49 -9.92 20.58 20.42
N MET D 50 -10.46 21.67 19.89
CA MET D 50 -10.86 21.76 18.49
C MET D 50 -10.38 23.13 17.98
N GLY D 51 -9.67 23.14 16.86
CA GLY D 51 -9.19 24.40 16.28
C GLY D 51 -8.13 25.03 17.14
N GLY D 52 -7.47 24.24 17.99
CA GLY D 52 -6.42 24.74 18.90
C GLY D 52 -7.01 25.48 20.07
N ASP D 53 -8.32 25.45 20.29
CA ASP D 53 -8.89 26.18 21.44
C ASP D 53 -9.86 25.31 22.22
N ARG D 54 -10.15 25.75 23.43
CA ARG D 54 -10.87 24.92 24.41
C ARG D 54 -12.30 25.44 24.58
N ASN D 55 -12.81 26.17 23.62
CA ASN D 55 -14.25 26.50 23.61
C ASN D 55 -15.01 25.17 23.51
N PRO D 56 -16.25 25.11 23.98
CA PRO D 56 -17.00 23.86 24.00
C PRO D 56 -17.03 23.26 22.59
N CYS D 57 -16.83 21.96 22.53
CA CYS D 57 -16.87 21.21 21.28
C CYS D 57 -17.34 19.79 21.54
N VAL D 58 -17.75 19.13 20.49
CA VAL D 58 -18.14 17.70 20.49
C VAL D 58 -17.57 17.03 19.25
N PHE D 59 -16.92 15.90 19.45
CA PHE D 59 -16.69 14.89 18.40
C PHE D 59 -17.45 13.65 18.82
N ALA D 60 -18.42 13.24 18.02
CA ALA D 60 -19.25 12.07 18.35
C ALA D 60 -19.15 11.05 17.23
N THR D 61 -19.33 9.78 17.57
CA THR D 61 -19.33 8.67 16.60
C THR D 61 -20.59 7.83 16.79
N VAL D 62 -21.06 7.30 15.67
CA VAL D 62 -22.23 6.38 15.65
C VAL D 62 -21.77 5.09 14.96
N GLU D 63 -21.58 4.05 15.72
CA GLU D 63 -21.19 2.70 15.20
C GLU D 63 -22.46 1.89 15.07
N CYS D 64 -22.75 1.37 13.90
CA CYS D 64 -24.04 0.70 13.65
C CYS D 64 -23.90 -0.36 12.57
N ILE D 65 -24.53 -1.50 12.80
CA ILE D 65 -24.69 -2.56 11.76
C ILE D 65 -25.88 -2.14 10.90
N GLY D 66 -25.65 -1.86 9.64
CA GLY D 66 -26.64 -1.30 8.72
C GLY D 66 -27.03 0.12 9.05
N ARG D 67 -28.10 0.59 8.41
CA ARG D 67 -28.85 1.83 8.75
C ARG D 67 -28.14 3.13 8.34
N LEU D 68 -26.82 3.10 8.15
CA LEU D 68 -26.06 4.32 7.83
C LEU D 68 -25.92 4.49 6.32
N ASN D 69 -26.30 5.66 5.85
CA ASN D 69 -26.22 6.02 4.42
C ASN D 69 -26.28 7.54 4.37
N PRO D 70 -25.85 8.18 3.27
CA PRO D 70 -25.73 9.65 3.27
C PRO D 70 -27.03 10.35 3.66
N THR D 71 -28.18 9.88 3.18
CA THR D 71 -29.47 10.51 3.51
C THR D 71 -29.74 10.43 5.01
N SER D 72 -29.68 9.22 5.58
CA SER D 72 -29.98 8.99 7.02
C SER D 72 -28.90 9.70 7.85
N ASN D 73 -27.66 9.68 7.40
CA ASN D 73 -26.53 10.30 8.15
C ASN D 73 -26.82 11.79 8.33
N LEU D 74 -27.21 12.50 7.27
CA LEU D 74 -27.43 13.94 7.37
C LEU D 74 -28.59 14.21 8.34
N ALA D 75 -29.68 13.47 8.24
CA ALA D 75 -30.89 13.69 9.07
C ALA D 75 -30.51 13.44 10.54
N MET D 76 -29.80 12.35 10.79
CA MET D 76 -29.39 12.00 12.18
C MET D 76 -28.39 13.02 12.67
N ALA D 77 -27.44 13.45 11.86
CA ALA D 77 -26.43 14.45 12.28
C ALA D 77 -27.16 15.71 12.76
N ARG D 78 -28.13 16.21 11.99
CA ARG D 78 -28.84 17.46 12.35
C ARG D 78 -29.58 17.23 13.68
N ASP D 79 -30.24 16.08 13.84
CA ASP D 79 -30.98 15.76 15.08
C ASP D 79 -30.02 15.65 16.27
N MET D 80 -28.87 14.99 16.07
CA MET D 80 -27.85 14.89 17.13
C MET D 80 -27.29 16.28 17.46
N GLU D 81 -26.95 17.06 16.44
CA GLU D 81 -26.48 18.44 16.68
C GLU D 81 -27.50 19.17 17.51
N ASP D 82 -28.78 19.07 17.15
CA ASP D 82 -29.83 19.82 17.90
C ASP D 82 -29.82 19.40 19.35
N MET D 83 -29.69 18.11 19.65
CA MET D 83 -29.62 17.61 21.06
C MET D 83 -28.37 18.15 21.73
N PHE D 84 -27.23 18.17 21.04
CA PHE D 84 -25.95 18.65 21.63
C PHE D 84 -26.07 20.15 21.91
N ILE D 85 -26.65 20.88 20.98
CA ILE D 85 -26.85 22.35 21.14
C ILE D 85 -27.73 22.57 22.37
N GLU D 86 -28.86 21.87 22.45
CA GLU D 86 -29.85 22.08 23.53
C GLU D 86 -29.24 21.66 24.87
N HIS D 87 -28.61 20.50 24.94
CA HIS D 87 -28.22 19.90 26.24
C HIS D 87 -26.79 20.24 26.64
N LEU D 88 -25.87 20.37 25.70
CA LEU D 88 -24.44 20.63 26.01
C LEU D 88 -24.08 22.10 25.79
N ASN D 89 -24.98 22.88 25.18
CA ASN D 89 -24.74 24.32 24.94
C ASN D 89 -23.49 24.45 24.09
N VAL D 90 -23.32 23.57 23.11
CA VAL D 90 -22.19 23.65 22.15
C VAL D 90 -22.78 24.28 20.88
N ARG D 91 -22.03 25.16 20.24
CA ARG D 91 -22.46 25.72 18.96
C ARG D 91 -22.41 24.65 17.86
N ARG D 92 -23.32 24.77 16.89
CA ARG D 92 -23.36 23.81 15.76
C ARG D 92 -21.99 23.75 15.07
N GLU D 93 -21.27 24.86 14.99
CA GLU D 93 -19.98 24.89 14.24
C GLU D 93 -18.84 24.33 15.14
N ARG D 94 -19.17 23.77 16.31
CA ARG D 94 -18.17 23.09 17.16
C ARG D 94 -18.55 21.61 17.31
N ILE D 95 -19.32 21.07 16.36
CA ILE D 95 -19.79 19.66 16.41
C ILE D 95 -19.39 18.95 15.13
N VAL D 96 -18.75 17.80 15.30
CA VAL D 96 -18.44 16.88 14.20
C VAL D 96 -18.92 15.50 14.60
N ILE D 97 -19.58 14.80 13.68
CA ILE D 97 -20.11 13.44 13.97
C ILE D 97 -19.64 12.51 12.86
N ARG D 98 -19.05 11.39 13.22
CA ARG D 98 -18.65 10.36 12.26
C ARG D 98 -19.59 9.17 12.37
N PHE D 99 -20.08 8.72 11.22
CA PHE D 99 -20.97 7.55 11.12
C PHE D 99 -20.11 6.37 10.66
N ILE D 100 -20.11 5.29 11.43
CA ILE D 100 -19.17 4.15 11.26
C ILE D 100 -19.96 2.87 11.03
N PRO D 101 -20.00 2.38 9.79
CA PRO D 101 -20.67 1.13 9.47
C PRO D 101 -19.88 -0.05 10.03
N VAL D 102 -20.58 -0.95 10.71
CA VAL D 102 -19.97 -2.15 11.32
C VAL D 102 -20.52 -3.39 10.61
N PRO D 103 -19.65 -4.28 10.11
CA PRO D 103 -20.13 -5.52 9.52
C PRO D 103 -20.75 -6.45 10.57
N ALA D 104 -21.88 -7.08 10.22
CA ALA D 104 -22.60 -8.03 11.09
C ALA D 104 -21.67 -9.12 11.59
N LEU D 105 -20.78 -9.67 10.75
CA LEU D 105 -19.94 -10.83 11.16
C LEU D 105 -18.64 -10.32 11.80
N PHE D 106 -18.53 -9.01 12.01
CA PHE D 106 -17.37 -8.41 12.71
C PHE D 106 -17.83 -7.77 14.02
N CYS D 107 -18.94 -8.25 14.55
CA CYS D 107 -19.45 -7.71 15.81
C CYS D 107 -20.23 -8.81 16.52
N SER D 108 -19.85 -9.07 17.75
CA SER D 108 -20.51 -10.07 18.61
C SER D 108 -21.46 -9.38 19.57
N PHE D 109 -22.51 -10.10 19.92
CA PHE D 109 -23.42 -9.75 21.01
C PHE D 109 -23.85 -11.06 21.63
N ASN D 110 -23.69 -11.18 22.95
CA ASN D 110 -24.28 -12.31 23.69
C ASN D 110 -23.89 -13.66 23.08
N GLY D 111 -22.62 -13.85 22.78
CA GLY D 111 -22.05 -15.17 22.46
C GLY D 111 -22.19 -15.56 21.01
N ALA D 112 -22.63 -14.63 20.15
CA ALA D 112 -22.81 -14.89 18.72
C ALA D 112 -22.46 -13.65 17.93
N LEU D 113 -22.19 -13.84 16.65
CA LEU D 113 -22.08 -12.69 15.74
C LEU D 113 -23.50 -12.25 15.40
N HIS D 114 -23.65 -11.23 14.58
CA HIS D 114 -24.99 -10.77 14.16
C HIS D 114 -25.43 -11.50 12.88
N ASP D 115 -26.67 -12.01 12.89
CA ASP D 115 -27.21 -12.86 11.80
C ASP D 115 -28.12 -11.97 10.96
N VAL D 116 -27.63 -11.50 9.81
CA VAL D 116 -28.38 -10.61 8.88
C VAL D 116 -28.30 -11.24 7.51
N SER D 117 -29.39 -11.18 6.75
CA SER D 117 -29.46 -11.73 5.38
C SER D 117 -28.64 -10.89 4.40
N ILE D 118 -28.03 -11.51 3.40
CA ILE D 118 -27.20 -10.81 2.37
C ILE D 118 -28.13 -10.09 1.37
N PRO E 2 -10.34 16.90 11.02
CA PRO E 2 -9.66 15.63 11.41
C PRO E 2 -9.70 15.45 12.92
N VAL E 3 -9.46 14.22 13.38
CA VAL E 3 -9.39 13.97 14.84
C VAL E 3 -8.09 13.22 15.09
N ILE E 4 -7.26 13.77 15.97
CA ILE E 4 -6.05 13.07 16.46
C ILE E 4 -6.36 12.63 17.88
N THR E 5 -6.35 11.34 18.13
CA THR E 5 -6.61 10.77 19.46
C THR E 5 -5.30 10.17 19.96
N VAL E 6 -4.87 10.57 21.13
CA VAL E 6 -3.60 10.10 21.73
C VAL E 6 -3.95 9.36 23.02
N ASN E 7 -3.74 8.04 23.02
CA ASN E 7 -3.94 7.19 24.21
C ASN E 7 -2.57 6.90 24.79
N THR E 8 -2.24 7.43 25.96
CA THR E 8 -0.91 7.21 26.57
C THR E 8 -1.04 6.97 28.06
N ASN E 9 -0.16 6.14 28.58
CA ASN E 9 -0.04 5.92 30.05
C ASN E 9 0.85 7.00 30.65
N VAL E 10 1.46 7.87 29.85
CA VAL E 10 2.23 9.00 30.42
C VAL E 10 1.25 9.93 31.14
N ALA E 11 1.61 10.32 32.36
CA ALA E 11 0.74 11.14 33.23
C ALA E 11 0.63 12.55 32.67
N GLU E 12 -0.54 13.16 32.81
CA GLU E 12 -0.84 14.53 32.33
C GLU E 12 0.22 15.50 32.87
N LYS E 13 0.61 15.33 34.14
CA LYS E 13 1.56 16.28 34.78
C LYS E 13 2.93 16.23 34.07
N SER E 14 3.25 15.16 33.36
CA SER E 14 4.55 14.97 32.66
C SER E 14 4.51 15.59 31.26
N ILE E 15 3.34 15.97 30.78
CA ILE E 15 3.16 16.40 29.36
C ILE E 15 3.19 17.90 29.28
N PRO E 16 3.98 18.46 28.34
CA PRO E 16 4.01 19.90 28.17
C PRO E 16 2.61 20.45 27.91
N VAL E 17 2.34 21.62 28.49
CA VAL E 17 0.98 22.22 28.40
C VAL E 17 0.64 22.52 26.94
N PHE E 18 1.64 22.72 26.06
CA PHE E 18 1.38 23.12 24.65
C PHE E 18 1.35 21.90 23.74
N PHE E 19 1.40 20.70 24.28
CA PHE E 19 1.43 19.44 23.46
C PHE E 19 0.25 19.42 22.48
N GLN E 20 -0.97 19.57 22.96
CA GLN E 20 -2.15 19.46 22.04
C GLN E 20 -2.12 20.59 21.00
N ALA E 21 -1.76 21.80 21.39
CA ALA E 21 -1.60 22.95 20.47
C ALA E 21 -0.55 22.62 19.41
N ALA E 22 0.57 22.05 19.82
CA ALA E 22 1.70 21.75 18.92
C ALA E 22 1.25 20.67 17.94
N LEU E 23 0.57 19.64 18.44
CA LEU E 23 0.09 18.54 17.60
C LEU E 23 -0.97 19.06 16.65
N THR E 24 -1.86 19.94 17.12
CA THR E 24 -2.88 20.59 16.27
C THR E 24 -2.18 21.27 15.10
N ASN E 25 -1.19 22.10 15.39
CA ASN E 25 -0.49 22.88 14.35
C ASN E 25 0.22 21.93 13.39
N MET E 26 0.91 20.94 13.92
CA MET E 26 1.74 20.07 13.07
C MET E 26 0.83 19.27 12.16
N MET E 27 -0.29 18.76 12.67
CA MET E 27 -1.16 17.89 11.86
C MET E 27 -2.07 18.73 10.97
N THR E 28 -2.37 19.99 11.31
CA THR E 28 -3.08 20.90 10.38
C THR E 28 -2.24 21.07 9.14
N LYS E 29 -0.95 21.33 9.32
CA LYS E 29 0.00 21.50 8.20
C LYS E 29 0.11 20.19 7.43
N ALA E 30 0.31 19.08 8.13
CA ALA E 30 0.52 17.77 7.47
C ALA E 30 -0.70 17.37 6.65
N LEU E 31 -1.90 17.51 7.19
CA LEU E 31 -3.14 17.04 6.53
C LEU E 31 -3.71 18.10 5.59
N GLN E 32 -3.19 19.34 5.65
CA GLN E 32 -3.74 20.47 4.85
C GLN E 32 -5.26 20.50 4.99
N LYS E 33 -5.70 20.59 6.22
CA LYS E 33 -7.13 20.76 6.57
C LYS E 33 -7.25 22.04 7.39
N PRO E 34 -8.41 22.68 7.43
CA PRO E 34 -8.59 23.90 8.22
C PRO E 34 -8.32 23.57 9.69
N LYS E 35 -7.54 24.39 10.35
CA LYS E 35 -7.25 24.22 11.78
C LYS E 35 -8.57 24.13 12.57
N GLU E 36 -9.59 24.89 12.16
CA GLU E 36 -10.82 25.02 12.98
C GLU E 36 -11.50 23.67 13.15
N VAL E 37 -11.29 22.68 12.28
CA VAL E 37 -11.96 21.36 12.40
C VAL E 37 -10.94 20.30 12.82
N MET E 38 -9.78 20.71 13.35
CA MET E 38 -8.79 19.76 13.89
C MET E 38 -9.08 19.55 15.39
N PHE E 39 -9.41 18.32 15.76
CA PHE E 39 -9.53 17.96 17.19
C PHE E 39 -8.27 17.22 17.61
N VAL E 40 -7.84 17.47 18.83
CA VAL E 40 -6.83 16.61 19.51
C VAL E 40 -7.44 16.19 20.83
N ASP E 41 -7.69 14.89 20.93
CA ASP E 41 -8.30 14.24 22.11
C ASP E 41 -7.18 13.51 22.82
N LEU E 42 -6.71 14.07 23.91
CA LEU E 42 -5.56 13.51 24.68
C LEU E 42 -6.10 12.70 25.85
N ARG E 43 -5.85 11.41 25.82
CA ARG E 43 -6.11 10.51 26.96
C ARG E 43 -4.77 10.23 27.62
N SER E 44 -4.42 11.05 28.59
CA SER E 44 -3.16 10.87 29.36
C SER E 44 -3.49 10.14 30.66
N GLY E 45 -2.49 9.51 31.24
CA GLY E 45 -2.65 8.68 32.44
C GLY E 45 -3.64 7.56 32.17
N ALA E 46 -3.76 7.15 30.92
CA ALA E 46 -4.71 6.10 30.49
C ALA E 46 -4.19 4.77 31.00
N ASN E 47 -5.13 3.86 31.28
CA ASN E 47 -4.75 2.48 31.69
C ASN E 47 -4.50 1.65 30.44
N ILE E 48 -3.43 1.97 29.75
CA ILE E 48 -3.03 1.30 28.50
C ILE E 48 -1.68 0.66 28.74
N MET E 49 -1.65 -0.66 28.56
CA MET E 49 -0.41 -1.43 28.65
C MET E 49 -0.08 -1.95 27.26
N MET E 50 1.20 -2.13 27.03
CA MET E 50 1.73 -2.61 25.73
C MET E 50 2.77 -3.67 26.03
N GLY E 51 2.67 -4.80 25.36
CA GLY E 51 3.63 -5.91 25.53
C GLY E 51 3.55 -6.50 26.92
N GLY E 52 2.42 -6.33 27.60
CA GLY E 52 2.22 -6.82 28.97
C GLY E 52 2.96 -6.01 30.00
N ASP E 53 3.45 -4.83 29.66
CA ASP E 53 4.14 -4.02 30.69
C ASP E 53 3.70 -2.56 30.61
N ARG E 54 4.02 -1.81 31.66
CA ARG E 54 3.48 -0.46 31.85
C ARG E 54 4.56 0.58 31.62
N ASN E 55 5.61 0.23 30.91
CA ASN E 55 6.58 1.26 30.45
C ASN E 55 5.79 2.25 29.57
N PRO E 56 6.26 3.48 29.44
CA PRO E 56 5.54 4.50 28.68
C PRO E 56 5.26 3.97 27.27
N CYS E 57 4.04 4.21 26.81
CA CYS E 57 3.62 3.82 25.46
C CYS E 57 2.56 4.79 24.96
N VAL E 58 2.35 4.76 23.66
CA VAL E 58 1.28 5.54 22.97
C VAL E 58 0.63 4.68 21.93
N PHE E 59 -0.70 4.66 21.92
CA PHE E 59 -1.50 4.27 20.75
C PHE E 59 -2.26 5.51 20.32
N ALA E 60 -2.03 5.98 19.12
CA ALA E 60 -2.70 7.19 18.61
C ALA E 60 -3.47 6.84 17.35
N THR E 61 -4.51 7.62 17.06
CA THR E 61 -5.30 7.45 15.82
C THR E 61 -5.42 8.82 15.14
N VAL E 62 -5.48 8.78 13.83
CA VAL E 62 -5.66 9.95 12.96
C VAL E 62 -6.85 9.67 12.06
N GLU E 63 -7.97 10.31 12.35
CA GLU E 63 -9.21 10.23 11.55
C GLU E 63 -9.22 11.43 10.62
N CYS E 64 -9.35 11.18 9.32
CA CYS E 64 -9.32 12.29 8.34
C CYS E 64 -10.14 11.91 7.10
N ILE E 65 -10.87 12.87 6.57
CA ILE E 65 -11.53 12.76 5.25
C ILE E 65 -10.46 13.04 4.20
N GLY E 66 -10.14 12.07 3.37
CA GLY E 66 -9.04 12.15 2.40
C GLY E 66 -7.68 12.20 3.08
N ARG E 67 -6.63 12.54 2.31
CA ARG E 67 -5.27 12.87 2.80
C ARG E 67 -4.47 11.64 3.24
N LEU E 68 -5.10 10.54 3.64
CA LEU E 68 -4.39 9.37 4.17
C LEU E 68 -4.07 8.38 3.05
N ASN E 69 -2.79 8.05 2.96
CA ASN E 69 -2.28 7.11 1.94
C ASN E 69 -0.94 6.64 2.48
N PRO E 70 -0.38 5.51 1.99
CA PRO E 70 0.82 4.95 2.58
C PRO E 70 1.98 5.94 2.68
N THR E 71 2.20 6.77 1.67
CA THR E 71 3.30 7.77 1.68
C THR E 71 3.07 8.79 2.80
N SER E 72 1.89 9.41 2.83
CA SER E 72 1.58 10.48 3.80
C SER E 72 1.53 9.85 5.18
N ASN E 73 1.00 8.63 5.30
CA ASN E 73 0.87 7.95 6.61
C ASN E 73 2.26 7.78 7.23
N LEU E 74 3.23 7.30 6.45
CA LEU E 74 4.58 7.06 7.00
C LEU E 74 5.19 8.39 7.44
N ALA E 75 5.09 9.44 6.62
CA ALA E 75 5.71 10.75 6.92
C ALA E 75 5.08 11.31 8.20
N MET E 76 3.75 11.24 8.30
CA MET E 76 3.03 11.78 9.47
C MET E 76 3.37 10.93 10.67
N ALA E 77 3.43 9.60 10.53
CA ALA E 77 3.76 8.71 11.66
C ALA E 77 5.12 9.14 12.24
N ARG E 78 6.13 9.32 11.40
CA ARG E 78 7.50 9.66 11.86
C ARG E 78 7.44 11.01 12.58
N ASP E 79 6.73 11.99 12.04
CA ASP E 79 6.63 13.34 12.65
C ASP E 79 5.89 13.24 13.98
N MET E 80 4.80 12.48 14.04
CA MET E 80 4.07 12.27 15.31
C MET E 80 4.97 11.55 16.31
N GLU E 81 5.64 10.48 15.89
CA GLU E 81 6.57 9.76 16.79
C GLU E 81 7.57 10.77 17.36
N ASP E 82 8.15 11.61 16.50
CA ASP E 82 9.19 12.55 16.98
C ASP E 82 8.60 13.46 18.07
N MET E 83 7.37 13.95 17.87
CA MET E 83 6.73 14.83 18.86
C MET E 83 6.44 14.03 20.13
N PHE E 84 5.99 12.78 20.01
CA PHE E 84 5.67 11.94 21.20
C PHE E 84 6.95 11.64 21.96
N ILE E 85 8.03 11.35 21.24
CA ILE E 85 9.36 11.09 21.90
C ILE E 85 9.75 12.34 22.68
N GLU E 86 9.66 13.52 22.07
CA GLU E 86 10.15 14.77 22.70
C GLU E 86 9.25 15.14 23.87
N HIS E 87 7.93 15.07 23.68
CA HIS E 87 6.96 15.60 24.67
C HIS E 87 6.59 14.57 25.76
N LEU E 88 6.43 13.30 25.36
CA LEU E 88 5.95 12.25 26.29
C LEU E 88 7.10 11.41 26.82
N ASN E 89 8.31 11.54 26.29
CA ASN E 89 9.48 10.71 26.65
C ASN E 89 9.12 9.24 26.46
N VAL E 90 8.44 8.92 25.37
CA VAL E 90 8.13 7.53 25.00
C VAL E 90 9.15 7.12 23.95
N ARG E 91 9.64 5.88 24.04
CA ARG E 91 10.54 5.36 22.98
C ARG E 91 9.77 5.14 21.69
N ARG E 92 10.44 5.30 20.57
CA ARG E 92 9.81 5.07 19.23
C ARG E 92 9.24 3.65 19.17
N GLU E 93 9.89 2.67 19.81
CA GLU E 93 9.41 1.28 19.75
C GLU E 93 8.25 1.05 20.73
N ARG E 94 7.70 2.10 21.34
CA ARG E 94 6.52 2.02 22.23
C ARG E 94 5.39 2.87 21.63
N ILE E 95 5.46 3.16 20.34
CA ILE E 95 4.42 4.01 19.65
C ILE E 95 3.81 3.24 18.49
N VAL E 96 2.49 3.19 18.47
CA VAL E 96 1.71 2.68 17.33
C VAL E 96 0.69 3.74 16.96
N ILE E 97 0.51 4.00 15.69
CA ILE E 97 -0.43 5.01 15.17
C ILE E 97 -1.28 4.37 14.07
N ARG E 98 -2.59 4.48 14.19
CA ARG E 98 -3.53 4.00 13.17
C ARG E 98 -4.11 5.21 12.43
N PHE E 99 -4.07 5.14 11.11
CA PHE E 99 -4.62 6.13 10.19
C PHE E 99 -5.99 5.62 9.72
N ILE E 100 -7.02 6.42 9.93
CA ILE E 100 -8.44 6.02 9.74
C ILE E 100 -9.09 6.95 8.73
N PRO E 101 -9.29 6.45 7.49
CA PRO E 101 -9.97 7.22 6.45
C PRO E 101 -11.46 7.33 6.79
N VAL E 102 -11.98 8.55 6.69
CA VAL E 102 -13.40 8.83 6.97
C VAL E 102 -14.09 9.24 5.69
N PRO E 103 -15.17 8.59 5.28
CA PRO E 103 -15.92 9.02 4.09
C PRO E 103 -16.59 10.38 4.32
N ALA E 104 -16.52 11.24 3.30
CA ALA E 104 -17.10 12.61 3.34
C ALA E 104 -18.59 12.54 3.72
N LEU E 105 -19.34 11.59 3.19
CA LEU E 105 -20.81 11.53 3.42
C LEU E 105 -21.12 10.75 4.68
N PHE E 106 -20.10 10.37 5.45
CA PHE E 106 -20.27 9.66 6.74
C PHE E 106 -19.71 10.55 7.86
N CYS E 107 -19.63 11.85 7.62
CA CYS E 107 -19.10 12.75 8.64
C CYS E 107 -19.76 14.12 8.50
N SER E 108 -20.36 14.60 9.56
CA SER E 108 -21.02 15.92 9.58
C SER E 108 -20.12 16.94 10.26
N PHE E 109 -20.29 18.18 9.83
CA PHE E 109 -19.73 19.36 10.52
C PHE E 109 -20.73 20.49 10.31
N ASN E 110 -21.15 21.11 11.38
CA ASN E 110 -21.91 22.37 11.31
C ASN E 110 -23.16 22.18 10.44
N GLY E 111 -23.92 21.11 10.63
CA GLY E 111 -25.26 20.96 10.04
C GLY E 111 -25.26 20.40 8.66
N ALA E 112 -24.11 19.95 8.15
CA ALA E 112 -24.00 19.41 6.79
C ALA E 112 -23.00 18.27 6.80
N LEU E 113 -23.10 17.42 5.79
CA LEU E 113 -22.03 16.44 5.55
C LEU E 113 -20.91 17.18 4.84
N HIS E 114 -19.86 16.45 4.49
CA HIS E 114 -18.72 17.05 3.75
C HIS E 114 -18.94 16.89 2.26
N ASP E 115 -18.31 17.77 1.52
CA ASP E 115 -18.23 17.74 0.03
C ASP E 115 -16.92 17.05 -0.37
N VAL E 116 -17.04 15.84 -0.89
CA VAL E 116 -15.95 15.02 -1.49
C VAL E 116 -14.94 15.89 -2.25
N SER E 117 -15.38 16.79 -3.13
CA SER E 117 -14.48 17.53 -4.05
C SER E 117 -13.71 18.62 -3.28
N PRO F 2 -1.59 -5.34 17.80
CA PRO F 2 -3.06 -5.20 17.91
C PRO F 2 -3.43 -4.32 19.09
N VAL F 3 -4.67 -3.82 19.09
CA VAL F 3 -5.15 -3.03 20.24
C VAL F 3 -6.47 -3.65 20.70
N ILE F 4 -6.52 -4.04 21.95
CA ILE F 4 -7.78 -4.49 22.59
C ILE F 4 -8.22 -3.33 23.48
N THR F 5 -9.37 -2.77 23.20
CA THR F 5 -9.93 -1.63 23.95
C THR F 5 -11.15 -2.16 24.67
N VAL F 6 -11.18 -1.99 25.98
CA VAL F 6 -12.31 -2.48 26.79
C VAL F 6 -12.96 -1.25 27.41
N ASN F 7 -14.18 -0.92 26.98
CA ASN F 7 -14.96 0.18 27.55
C ASN F 7 -16.00 -0.43 28.49
N THR F 8 -15.85 -0.20 29.79
CA THR F 8 -16.75 -0.84 30.76
C THR F 8 -17.11 0.17 31.84
N ASN F 9 -18.32 0.05 32.35
CA ASN F 9 -18.76 0.83 33.52
C ASN F 9 -18.35 0.10 34.80
N VAL F 10 -17.78 -1.09 34.71
CA VAL F 10 -17.21 -1.77 35.91
C VAL F 10 -16.05 -0.94 36.48
N ALA F 11 -16.03 -0.74 37.77
CA ALA F 11 -15.00 0.08 38.46
C ALA F 11 -13.65 -0.65 38.44
N GLU F 12 -12.59 0.12 38.29
CA GLU F 12 -11.18 -0.37 38.25
C GLU F 12 -10.91 -1.23 39.48
N LYS F 13 -11.41 -0.80 40.64
CA LYS F 13 -11.10 -1.49 41.92
C LYS F 13 -11.71 -2.89 41.91
N SER F 14 -12.73 -3.16 41.08
CA SER F 14 -13.42 -4.46 40.99
C SER F 14 -12.67 -5.44 40.09
N ILE F 15 -11.68 -4.97 39.33
CA ILE F 15 -11.05 -5.78 38.26
C ILE F 15 -9.77 -6.38 38.79
N PRO F 16 -9.55 -7.70 38.56
CA PRO F 16 -8.33 -8.34 39.01
C PRO F 16 -7.09 -7.64 38.47
N VAL F 17 -6.06 -7.56 39.31
CA VAL F 17 -4.82 -6.82 38.93
C VAL F 17 -4.17 -7.48 37.72
N PHE F 18 -4.41 -8.76 37.45
CA PHE F 18 -3.78 -9.50 36.33
C PHE F 18 -4.63 -9.42 35.05
N PHE F 19 -5.73 -8.68 35.05
CA PHE F 19 -6.75 -8.78 33.97
C PHE F 19 -6.09 -8.39 32.65
N GLN F 20 -5.45 -7.22 32.59
CA GLN F 20 -4.88 -6.76 31.30
C GLN F 20 -3.76 -7.69 30.86
N ALA F 21 -2.92 -8.17 31.78
CA ALA F 21 -1.86 -9.16 31.47
C ALA F 21 -2.47 -10.41 30.89
N ALA F 22 -3.55 -10.92 31.49
CA ALA F 22 -4.19 -12.18 31.09
C ALA F 22 -4.80 -11.98 29.70
N LEU F 23 -5.46 -10.85 29.48
CA LEU F 23 -6.10 -10.55 28.18
C LEU F 23 -5.00 -10.40 27.13
N THR F 24 -3.89 -9.75 27.47
CA THR F 24 -2.72 -9.60 26.58
C THR F 24 -2.27 -10.99 26.13
N ASN F 25 -2.06 -11.88 27.07
CA ASN F 25 -1.55 -13.26 26.79
C ASN F 25 -2.58 -13.99 25.94
N MET F 26 -3.84 -13.94 26.29
CA MET F 26 -4.89 -14.70 25.59
C MET F 26 -4.99 -14.21 24.15
N MET F 27 -4.96 -12.91 23.93
CA MET F 27 -5.17 -12.34 22.57
C MET F 27 -3.86 -12.43 21.77
N THR F 28 -2.70 -12.46 22.41
CA THR F 28 -1.41 -12.72 21.70
C THR F 28 -1.50 -14.12 21.05
N LYS F 29 -1.94 -15.09 21.84
CA LYS F 29 -2.12 -16.49 21.35
C LYS F 29 -3.19 -16.53 20.26
N ALA F 30 -4.35 -15.92 20.51
CA ALA F 30 -5.51 -16.00 19.61
C ALA F 30 -5.16 -15.35 18.27
N LEU F 31 -4.51 -14.19 18.28
CA LEU F 31 -4.26 -13.41 17.05
C LEU F 31 -2.92 -13.85 16.44
N GLN F 32 -2.10 -14.63 17.14
CA GLN F 32 -0.75 -14.99 16.66
C GLN F 32 -0.02 -13.74 16.19
N LYS F 33 0.06 -12.75 17.09
CA LYS F 33 0.80 -11.49 16.86
C LYS F 33 1.82 -11.36 17.97
N PRO F 34 2.93 -10.64 17.74
CA PRO F 34 3.96 -10.48 18.76
C PRO F 34 3.37 -9.80 19.99
N LYS F 35 3.66 -10.34 21.15
CA LYS F 35 3.19 -9.75 22.42
C LYS F 35 3.65 -8.28 22.51
N GLU F 36 4.83 -7.97 22.00
CA GLU F 36 5.47 -6.64 22.13
C GLU F 36 4.52 -5.53 21.63
N VAL F 37 3.70 -5.82 20.63
CA VAL F 37 2.83 -4.79 19.99
C VAL F 37 1.37 -5.04 20.37
N MET F 38 1.11 -5.79 21.42
CA MET F 38 -0.26 -6.01 21.91
C MET F 38 -0.57 -4.93 22.96
N PHE F 39 -1.55 -4.08 22.68
CA PHE F 39 -2.03 -3.13 23.68
C PHE F 39 -3.33 -3.66 24.25
N VAL F 40 -3.50 -3.43 25.56
CA VAL F 40 -4.83 -3.51 26.19
C VAL F 40 -5.07 -2.17 26.86
N ASP F 41 -6.05 -1.46 26.33
CA ASP F 41 -6.47 -0.12 26.79
C ASP F 41 -7.77 -0.34 27.55
N LEU F 42 -7.68 -0.34 28.88
CA LEU F 42 -8.82 -0.65 29.75
C LEU F 42 -9.42 0.67 30.20
N ARG F 43 -10.64 0.94 29.75
CA ARG F 43 -11.40 2.12 30.21
C ARG F 43 -12.43 1.61 31.19
N SER F 44 -12.03 1.55 32.45
CA SER F 44 -12.91 1.10 33.53
C SER F 44 -13.53 2.34 34.18
N GLY F 45 -14.65 2.12 34.84
CA GLY F 45 -15.47 3.20 35.43
C GLY F 45 -15.85 4.21 34.37
N ALA F 46 -15.97 3.74 33.13
CA ALA F 46 -16.36 4.61 32.00
C ALA F 46 -17.84 4.94 32.14
N ASN F 47 -18.23 6.10 31.66
CA ASN F 47 -19.67 6.50 31.65
C ASN F 47 -20.28 5.93 30.37
N ILE F 48 -20.43 4.61 30.35
CA ILE F 48 -21.04 3.91 29.20
C ILE F 48 -22.30 3.22 29.69
N MET F 49 -23.40 3.55 29.03
CA MET F 49 -24.69 2.92 29.36
C MET F 49 -25.10 2.07 28.17
N MET F 50 -25.86 1.04 28.45
CA MET F 50 -26.33 0.10 27.42
C MET F 50 -27.82 -0.16 27.71
N GLY F 51 -28.66 -0.11 26.70
CA GLY F 51 -30.09 -0.42 26.88
C GLY F 51 -30.78 0.60 27.74
N GLY F 52 -30.22 1.79 27.84
CA GLY F 52 -30.73 2.89 28.68
C GLY F 52 -30.54 2.62 30.15
N ASP F 53 -29.68 1.70 30.55
CA ASP F 53 -29.47 1.46 31.99
C ASP F 53 -27.99 1.25 32.29
N ARG F 54 -27.65 1.28 33.57
CA ARG F 54 -26.23 1.33 34.00
C ARG F 54 -25.85 0.00 34.64
N ASN F 55 -26.57 -1.09 34.34
CA ASN F 55 -26.08 -2.42 34.72
C ASN F 55 -24.74 -2.64 34.06
N PRO F 56 -23.87 -3.49 34.64
CA PRO F 56 -22.54 -3.70 34.10
C PRO F 56 -22.66 -4.05 32.61
N CYS F 57 -21.78 -3.46 31.83
CA CYS F 57 -21.73 -3.73 30.39
C CYS F 57 -20.29 -3.57 29.93
N VAL F 58 -20.05 -4.11 28.76
CA VAL F 58 -18.75 -3.95 28.06
C VAL F 58 -19.04 -3.71 26.60
N PHE F 59 -18.40 -2.70 26.06
CA PHE F 59 -18.21 -2.57 24.60
C PHE F 59 -16.71 -2.63 24.40
N ALA F 60 -16.25 -3.64 23.68
CA ALA F 60 -14.81 -3.84 23.48
C ALA F 60 -14.54 -3.82 21.99
N THR F 61 -13.33 -3.43 21.62
CA THR F 61 -12.89 -3.44 20.22
C THR F 61 -11.56 -4.18 20.14
N VAL F 62 -11.39 -4.85 19.02
CA VAL F 62 -10.15 -5.56 18.66
C VAL F 62 -9.69 -4.98 17.33
N GLU F 63 -8.62 -4.20 17.37
CA GLU F 63 -8.03 -3.62 16.14
C GLU F 63 -6.83 -4.50 15.81
N CYS F 64 -6.80 -5.04 14.62
CA CYS F 64 -5.76 -6.01 14.23
C CYS F 64 -5.55 -5.92 12.73
N ILE F 65 -4.28 -5.98 12.35
CA ILE F 65 -3.85 -6.13 10.94
C ILE F 65 -3.95 -7.63 10.63
N GLY F 66 -4.82 -8.00 9.70
CA GLY F 66 -5.11 -9.41 9.39
C GLY F 66 -5.84 -10.11 10.53
N ARG F 67 -5.93 -11.44 10.47
CA ARG F 67 -6.37 -12.34 11.56
C ARG F 67 -7.88 -12.34 11.75
N LEU F 68 -8.59 -11.27 11.41
CA LEU F 68 -10.03 -11.13 11.71
C LEU F 68 -10.87 -11.66 10.54
N ASN F 69 -11.76 -12.58 10.87
CA ASN F 69 -12.69 -13.22 9.91
C ASN F 69 -13.82 -13.80 10.72
N PRO F 70 -14.98 -14.12 10.13
CA PRO F 70 -16.12 -14.56 10.91
C PRO F 70 -15.82 -15.72 11.87
N THR F 71 -15.05 -16.72 11.42
CA THR F 71 -14.73 -17.89 12.27
C THR F 71 -13.88 -17.44 13.46
N SER F 72 -12.79 -16.74 13.22
CA SER F 72 -11.84 -16.32 14.28
C SER F 72 -12.57 -15.32 15.18
N ASN F 73 -13.38 -14.43 14.59
CA ASN F 73 -14.10 -13.39 15.38
C ASN F 73 -14.99 -14.08 16.41
N LEU F 74 -15.75 -15.09 16.01
CA LEU F 74 -16.69 -15.76 16.95
C LEU F 74 -15.90 -16.44 18.05
N ALA F 75 -14.81 -17.15 17.72
CA ALA F 75 -14.01 -17.89 18.73
C ALA F 75 -13.40 -16.90 19.72
N MET F 76 -12.86 -15.81 19.21
CA MET F 76 -12.23 -14.79 20.08
C MET F 76 -13.32 -14.09 20.88
N ALA F 77 -14.45 -13.77 20.30
CA ALA F 77 -15.57 -13.12 21.00
C ALA F 77 -15.93 -13.96 22.20
N ARG F 78 -16.15 -15.28 22.02
CA ARG F 78 -16.58 -16.17 23.12
C ARG F 78 -15.49 -16.18 24.19
N ASP F 79 -14.22 -16.26 23.82
CA ASP F 79 -13.10 -16.29 24.80
C ASP F 79 -13.02 -14.96 25.54
N MET F 80 -13.15 -13.85 24.84
CA MET F 80 -13.16 -12.51 25.49
C MET F 80 -14.39 -12.38 26.39
N GLU F 81 -15.57 -12.76 25.91
CA GLU F 81 -16.78 -12.74 26.75
C GLU F 81 -16.47 -13.53 28.02
N ASP F 82 -15.90 -14.72 27.90
CA ASP F 82 -15.66 -15.58 29.09
C ASP F 82 -14.77 -14.83 30.07
N MET F 83 -13.73 -14.15 29.61
CA MET F 83 -12.83 -13.38 30.49
C MET F 83 -13.60 -12.23 31.13
N PHE F 84 -14.46 -11.54 30.37
CA PHE F 84 -15.23 -10.41 30.90
C PHE F 84 -16.22 -10.92 31.93
N ILE F 85 -16.87 -12.03 31.64
CA ILE F 85 -17.86 -12.62 32.57
C ILE F 85 -17.13 -12.97 33.87
N GLU F 86 -16.02 -13.67 33.76
CA GLU F 86 -15.30 -14.21 34.92
C GLU F 86 -14.73 -13.05 35.74
N HIS F 87 -14.06 -12.11 35.08
CA HIS F 87 -13.20 -11.12 35.78
C HIS F 87 -13.91 -9.81 36.01
N LEU F 88 -14.81 -9.38 35.12
CA LEU F 88 -15.53 -8.10 35.26
C LEU F 88 -16.95 -8.32 35.77
N ASN F 89 -17.40 -9.58 35.87
CA ASN F 89 -18.74 -9.91 36.41
CA ASN F 89 -18.75 -9.95 36.35
C ASN F 89 -19.78 -9.19 35.52
N VAL F 90 -19.57 -9.20 34.21
CA VAL F 90 -20.56 -8.66 33.24
C VAL F 90 -21.27 -9.87 32.63
N ARG F 91 -22.56 -9.83 32.48
CA ARG F 91 -23.34 -10.91 31.83
C ARG F 91 -23.03 -10.93 30.33
N ARG F 92 -23.07 -12.11 29.73
CA ARG F 92 -22.80 -12.29 28.28
C ARG F 92 -23.74 -11.41 27.47
N GLU F 93 -24.99 -11.21 27.90
CA GLU F 93 -25.97 -10.42 27.13
C GLU F 93 -25.74 -8.92 27.36
N ARG F 94 -24.65 -8.52 28.04
CA ARG F 94 -24.28 -7.10 28.21
C ARG F 94 -22.91 -6.85 27.58
N ILE F 95 -22.51 -7.71 26.66
CA ILE F 95 -21.16 -7.61 26.02
C ILE F 95 -21.37 -7.53 24.50
N VAL F 96 -20.75 -6.51 23.93
CA VAL F 96 -20.64 -6.35 22.47
C VAL F 96 -19.16 -6.12 22.18
N ILE F 97 -18.66 -6.83 21.19
CA ILE F 97 -17.26 -6.71 20.74
C ILE F 97 -17.26 -6.42 19.25
N ARG F 98 -16.53 -5.39 18.87
CA ARG F 98 -16.34 -5.05 17.45
C ARG F 98 -14.93 -5.43 17.07
N PHE F 99 -14.83 -6.15 15.95
CA PHE F 99 -13.55 -6.58 15.35
C PHE F 99 -13.29 -5.60 14.22
N ILE F 100 -12.14 -4.94 14.27
CA ILE F 100 -11.80 -3.82 13.36
C ILE F 100 -10.54 -4.19 12.60
N PRO F 101 -10.69 -4.55 11.31
CA PRO F 101 -9.54 -4.85 10.46
C PRO F 101 -8.80 -3.55 10.18
N VAL F 102 -7.50 -3.59 10.36
CA VAL F 102 -6.62 -2.41 10.15
C VAL F 102 -5.73 -2.72 8.96
N PRO F 103 -5.70 -1.85 7.93
CA PRO F 103 -4.77 -2.07 6.82
C PRO F 103 -3.32 -1.88 7.29
N ALA F 104 -2.43 -2.77 6.84
CA ALA F 104 -0.99 -2.73 7.19
C ALA F 104 -0.39 -1.35 6.90
N LEU F 105 -0.76 -0.72 5.79
CA LEU F 105 -0.14 0.55 5.38
C LEU F 105 -0.87 1.74 6.00
N PHE F 106 -1.83 1.48 6.88
CA PHE F 106 -2.55 2.53 7.64
C PHE F 106 -2.25 2.38 9.12
N CYS F 107 -1.12 1.78 9.45
CA CYS F 107 -0.74 1.60 10.87
C CYS F 107 0.78 1.59 11.00
N SER F 108 1.31 2.46 11.84
CA SER F 108 2.78 2.55 12.07
C SER F 108 3.12 1.87 13.38
N PHE F 109 4.35 1.37 13.45
CA PHE F 109 5.00 0.93 14.69
C PHE F 109 6.49 1.25 14.53
N ASN F 110 7.06 1.94 15.49
CA ASN F 110 8.53 2.09 15.59
C ASN F 110 9.12 2.62 14.28
N GLY F 111 8.51 3.66 13.70
CA GLY F 111 9.14 4.42 12.60
C GLY F 111 8.82 3.84 11.24
N ALA F 112 7.95 2.85 11.15
CA ALA F 112 7.64 2.19 9.86
C ALA F 112 6.17 1.78 9.85
N LEU F 113 5.63 1.62 8.66
CA LEU F 113 4.31 1.00 8.52
C LEU F 113 4.51 -0.51 8.68
N HIS F 114 3.43 -1.27 8.63
CA HIS F 114 3.51 -2.72 8.75
C HIS F 114 3.71 -3.40 7.39
N ASP F 115 4.42 -4.50 7.46
CA ASP F 115 4.47 -5.44 6.30
C ASP F 115 3.05 -5.82 5.81
N VAL F 116 2.87 -5.70 4.49
CA VAL F 116 1.63 -6.07 3.73
C VAL F 116 2.00 -7.21 2.77
N PRO G 2 8.77 -38.48 11.45
CA PRO G 2 9.40 -37.31 12.07
C PRO G 2 10.80 -37.66 12.60
N VAL G 3 11.59 -36.62 12.88
CA VAL G 3 12.94 -36.85 13.44
C VAL G 3 13.07 -35.99 14.68
N ILE G 4 13.36 -36.64 15.81
CA ILE G 4 13.65 -35.93 17.07
C ILE G 4 15.16 -36.06 17.27
N THR G 5 15.85 -34.92 17.29
CA THR G 5 17.30 -34.89 17.49
C THR G 5 17.57 -34.28 18.84
N VAL G 6 18.32 -34.96 19.69
CA VAL G 6 18.64 -34.46 21.05
C VAL G 6 20.14 -34.27 21.12
N ASN G 7 20.58 -33.02 21.21
CA ASN G 7 22.02 -32.68 21.38
C ASN G 7 22.25 -32.33 22.85
N THR G 8 22.98 -33.16 23.57
CA THR G 8 23.17 -32.90 25.02
C THR G 8 24.61 -33.20 25.40
N ASN G 9 25.11 -32.44 26.36
CA ASN G 9 26.42 -32.72 26.99
C ASN G 9 26.25 -33.74 28.11
N VAL G 10 25.03 -34.14 28.44
CA VAL G 10 24.82 -35.22 29.42
C VAL G 10 25.41 -36.51 28.88
N ALA G 11 26.17 -37.21 29.71
CA ALA G 11 26.88 -38.44 29.30
C ALA G 11 25.86 -39.56 29.12
N GLU G 12 26.14 -40.44 28.16
CA GLU G 12 25.30 -41.62 27.83
C GLU G 12 25.06 -42.44 29.11
N LYS G 13 26.07 -42.59 29.96
CA LYS G 13 25.94 -43.42 31.19
C LYS G 13 24.89 -42.83 32.13
N SER G 14 24.57 -41.54 32.03
CA SER G 14 23.59 -40.83 32.89
C SER G 14 22.16 -41.00 32.36
N ILE G 15 22.01 -41.50 31.15
CA ILE G 15 20.69 -41.51 30.43
C ILE G 15 20.11 -42.90 30.56
N PRO G 16 18.84 -43.05 30.92
CA PRO G 16 18.23 -44.38 30.93
C PRO G 16 18.32 -45.05 29.55
N VAL G 17 18.54 -46.35 29.56
CA VAL G 17 18.68 -47.14 28.30
CA VAL G 17 18.68 -47.15 28.31
C VAL G 17 17.40 -47.05 27.46
N PHE G 18 16.25 -46.80 28.06
CA PHE G 18 14.94 -46.77 27.36
C PHE G 18 14.57 -45.34 26.93
N PHE G 19 15.49 -44.38 27.06
CA PHE G 19 15.15 -42.95 26.86
C PHE G 19 14.62 -42.75 25.42
N GLN G 20 15.35 -43.21 24.43
CA GLN G 20 14.93 -43.04 23.01
C GLN G 20 13.60 -43.73 22.73
N ALA G 21 13.38 -44.93 23.26
CA ALA G 21 12.09 -45.67 23.12
C ALA G 21 10.97 -44.83 23.73
N ALA G 22 11.20 -44.26 24.92
CA ALA G 22 10.17 -43.51 25.63
C ALA G 22 9.84 -42.23 24.83
N LEU G 23 10.88 -41.57 24.34
CA LEU G 23 10.71 -40.31 23.57
C LEU G 23 9.99 -40.65 22.25
N THR G 24 10.33 -41.77 21.63
CA THR G 24 9.66 -42.24 20.40
C THR G 24 8.15 -42.34 20.67
N ASN G 25 7.79 -43.04 21.75
CA ASN G 25 6.37 -43.29 22.08
C ASN G 25 5.68 -41.94 22.36
N MET G 26 6.31 -41.06 23.13
CA MET G 26 5.67 -39.81 23.53
C MET G 26 5.42 -38.94 22.28
N MET G 27 6.41 -38.88 21.39
CA MET G 27 6.31 -37.96 20.24
C MET G 27 5.43 -38.60 19.13
N THR G 28 5.34 -39.92 19.07
CA THR G 28 4.38 -40.60 18.15
C THR G 28 2.97 -40.14 18.50
N LYS G 29 2.65 -40.17 19.80
CA LYS G 29 1.32 -39.75 20.29
C LYS G 29 1.14 -38.25 20.05
N ALA G 30 2.12 -37.43 20.39
CA ALA G 30 2.01 -35.96 20.31
C ALA G 30 1.81 -35.54 18.85
N LEU G 31 2.57 -36.11 17.92
CA LEU G 31 2.53 -35.69 16.50
C LEU G 31 1.44 -36.44 15.73
N GLN G 32 0.85 -37.48 16.32
CA GLN G 32 -0.11 -38.38 15.61
C GLN G 32 0.52 -38.84 14.29
N LYS G 33 1.73 -39.37 14.39
CA LYS G 33 2.51 -39.91 13.29
C LYS G 33 2.80 -41.36 13.60
N PRO G 34 2.88 -42.22 12.57
CA PRO G 34 3.16 -43.64 12.78
C PRO G 34 4.51 -43.78 13.46
N LYS G 35 4.57 -44.65 14.45
CA LYS G 35 5.82 -44.96 15.16
C LYS G 35 6.88 -45.42 14.15
N GLU G 36 6.47 -46.14 13.08
CA GLU G 36 7.42 -46.75 12.12
C GLU G 36 8.41 -45.71 11.58
N VAL G 37 7.96 -44.46 11.41
CA VAL G 37 8.76 -43.40 10.74
C VAL G 37 9.21 -42.36 11.76
N MET G 38 9.21 -42.70 13.02
CA MET G 38 9.70 -41.80 14.10
C MET G 38 11.17 -42.13 14.36
N PHE G 39 12.06 -41.20 14.12
CA PHE G 39 13.49 -41.35 14.47
C PHE G 39 13.78 -40.56 15.73
N VAL G 40 14.61 -41.13 16.60
CA VAL G 40 15.22 -40.38 17.71
C VAL G 40 16.72 -40.54 17.59
N ASP G 41 17.39 -39.43 17.29
CA ASP G 41 18.85 -39.37 17.12
C ASP G 41 19.39 -38.68 18.38
N LEU G 42 19.95 -39.47 19.28
CA LEU G 42 20.46 -38.99 20.57
C LEU G 42 21.97 -38.77 20.44
N ARG G 43 22.37 -37.50 20.57
CA ARG G 43 23.81 -37.15 20.63
C ARG G 43 24.12 -36.85 22.09
N SER G 44 24.48 -37.88 22.85
CA SER G 44 24.87 -37.69 24.25
C SER G 44 26.39 -37.53 24.33
N GLY G 45 26.85 -36.96 25.44
CA GLY G 45 28.25 -36.63 25.65
C GLY G 45 28.75 -35.73 24.53
N ALA G 46 27.86 -34.96 23.94
CA ALA G 46 28.20 -34.06 22.82
C ALA G 46 28.99 -32.89 23.40
N ASN G 47 29.87 -32.34 22.56
CA ASN G 47 30.63 -31.14 22.96
C ASN G 47 29.78 -29.91 22.65
N ILE G 48 28.71 -29.75 23.41
CA ILE G 48 27.77 -28.62 23.28
C ILE G 48 27.82 -27.84 24.57
N MET G 49 28.12 -26.57 24.46
CA MET G 49 28.08 -25.66 25.61
C MET G 49 26.99 -24.63 25.36
N MET G 50 26.50 -24.06 26.44
CA MET G 50 25.39 -23.08 26.41
C MET G 50 25.77 -21.97 27.39
N GLY G 51 25.66 -20.72 26.95
CA GLY G 51 25.98 -19.57 27.78
C GLY G 51 27.45 -19.54 28.15
N GLY G 52 28.30 -20.18 27.36
CA GLY G 52 29.74 -20.24 27.62
C GLY G 52 30.09 -21.18 28.77
N ASP G 53 29.17 -22.01 29.22
CA ASP G 53 29.54 -22.96 30.30
C ASP G 53 29.02 -24.36 30.01
N ARG G 54 29.55 -25.32 30.76
CA ARG G 54 29.34 -26.75 30.44
C ARG G 54 28.39 -27.39 31.45
N ASN G 55 27.60 -26.60 32.13
CA ASN G 55 26.48 -27.18 32.93
C ASN G 55 25.59 -27.96 31.94
N PRO G 56 24.85 -28.97 32.42
CA PRO G 56 24.02 -29.79 31.54
C PRO G 56 23.10 -28.88 30.73
N CYS G 57 22.99 -29.21 29.45
CA CYS G 57 22.10 -28.47 28.53
C CYS G 57 21.59 -29.42 27.46
N VAL G 58 20.52 -29.00 26.80
CA VAL G 58 19.94 -29.71 25.64
C VAL G 58 19.57 -28.69 24.59
N PHE G 59 19.99 -28.95 23.36
CA PHE G 59 19.35 -28.33 22.18
C PHE G 59 18.74 -29.48 21.39
N ALA G 60 17.44 -29.46 21.23
CA ALA G 60 16.72 -30.54 20.53
C ALA G 60 15.97 -29.95 19.35
N THR G 61 15.74 -30.79 18.34
CA THR G 61 14.97 -30.39 17.14
C THR G 61 13.89 -31.43 16.90
N VAL G 62 12.78 -30.96 16.36
CA VAL G 62 11.63 -31.81 15.95
C VAL G 62 11.35 -31.46 14.49
N GLU G 63 11.69 -32.38 13.60
CA GLU G 63 11.41 -32.24 12.16
C GLU G 63 10.14 -33.04 11.87
N CYS G 64 9.14 -32.41 11.29
CA CYS G 64 7.84 -33.10 11.07
C CYS G 64 7.14 -32.50 9.86
N ILE G 65 6.52 -33.36 9.06
CA ILE G 65 5.61 -32.94 7.97
C ILE G 65 4.26 -32.70 8.61
N GLY G 66 3.80 -31.44 8.55
CA GLY G 66 2.54 -31.03 9.20
C GLY G 66 2.70 -31.01 10.70
N ARG G 67 1.58 -30.86 11.42
CA ARG G 67 1.47 -31.07 12.88
C ARG G 67 2.06 -29.89 13.67
N LEU G 68 3.00 -29.12 13.14
CA LEU G 68 3.71 -28.07 13.91
C LEU G 68 3.01 -26.73 13.72
N ASN G 69 2.65 -26.14 14.85
CA ASN G 69 1.97 -24.82 14.90
C ASN G 69 2.21 -24.31 16.31
N PRO G 70 2.03 -22.99 16.56
CA PRO G 70 2.35 -22.44 17.86
C PRO G 70 1.73 -23.17 19.04
N THR G 71 0.46 -23.56 18.92
CA THR G 71 -0.25 -24.27 20.02
C THR G 71 0.43 -25.63 20.27
N SER G 72 0.56 -26.43 19.24
CA SER G 72 1.11 -27.80 19.36
C SER G 72 2.58 -27.70 19.79
N ASN G 73 3.30 -26.72 19.24
CA ASN G 73 4.74 -26.56 19.54
C ASN G 73 4.93 -26.35 21.04
N LEU G 74 4.13 -25.45 21.64
CA LEU G 74 4.30 -25.17 23.07
C LEU G 74 4.01 -26.41 23.90
N ALA G 75 2.93 -27.14 23.59
CA ALA G 75 2.52 -28.34 24.35
C ALA G 75 3.64 -29.39 24.26
N MET G 76 4.14 -29.61 23.05
CA MET G 76 5.19 -30.62 22.84
C MET G 76 6.48 -30.17 23.51
N ALA G 77 6.83 -28.88 23.42
CA ALA G 77 8.05 -28.36 24.05
C ALA G 77 8.01 -28.71 25.55
N ARG G 78 6.90 -28.40 26.21
CA ARG G 78 6.79 -28.60 27.67
C ARG G 78 6.94 -30.10 27.98
N ASP G 79 6.30 -30.96 27.18
CA ASP G 79 6.36 -32.42 27.42
C ASP G 79 7.79 -32.93 27.19
N MET G 80 8.45 -32.46 26.14
CA MET G 80 9.85 -32.85 25.90
C MET G 80 10.76 -32.32 27.02
N GLU G 81 10.59 -31.06 27.41
CA GLU G 81 11.37 -30.49 28.53
C GLU G 81 11.19 -31.41 29.74
N ASP G 82 9.95 -31.81 30.03
CA ASP G 82 9.69 -32.62 31.24
C ASP G 82 10.49 -33.92 31.15
N MET G 83 10.52 -34.57 29.99
CA MET G 83 11.27 -35.82 29.80
C MET G 83 12.77 -35.55 29.97
N PHE G 84 13.28 -34.44 29.44
CA PHE G 84 14.72 -34.10 29.56
C PHE G 84 15.06 -33.85 31.02
N ILE G 85 14.19 -33.14 31.72
CA ILE G 85 14.39 -32.81 33.16
C ILE G 85 14.45 -34.15 33.92
N GLU G 86 13.50 -35.04 33.68
CA GLU G 86 13.38 -36.31 34.45
C GLU G 86 14.58 -37.20 34.14
N HIS G 87 14.90 -37.37 32.85
CA HIS G 87 15.81 -38.44 32.42
C HIS G 87 17.25 -37.96 32.28
N LEU G 88 17.46 -36.71 31.90
CA LEU G 88 18.83 -36.16 31.68
C LEU G 88 19.23 -35.27 32.85
N ASN G 89 18.32 -34.95 33.76
CA ASN G 89 18.62 -34.07 34.92
C ASN G 89 19.13 -32.73 34.39
N VAL G 90 18.52 -32.20 33.34
CA VAL G 90 18.85 -30.87 32.81
C VAL G 90 17.79 -29.90 33.31
N ARG G 91 18.19 -28.71 33.71
CA ARG G 91 17.23 -27.68 34.15
C ARG G 91 16.43 -27.17 32.96
N ARG G 92 15.17 -26.81 33.19
CA ARG G 92 14.31 -26.26 32.10
C ARG G 92 14.98 -25.06 31.45
N GLU G 93 15.72 -24.24 32.21
CA GLU G 93 16.35 -23.02 31.64
C GLU G 93 17.64 -23.38 30.89
N ARG G 94 17.93 -24.66 30.70
CA ARG G 94 19.09 -25.12 29.90
C ARG G 94 18.59 -25.93 28.69
N ILE G 95 17.33 -25.73 28.31
CA ILE G 95 16.71 -26.51 27.21
C ILE G 95 16.14 -25.55 26.18
N VAL G 96 16.52 -25.78 24.93
CA VAL G 96 15.94 -25.09 23.76
C VAL G 96 15.52 -26.15 22.78
N ILE G 97 14.30 -26.00 22.25
CA ILE G 97 13.78 -26.95 21.24
C ILE G 97 13.34 -26.16 20.03
N ARG G 98 13.81 -26.58 18.86
CA ARG G 98 13.39 -25.96 17.60
C ARG G 98 12.45 -26.94 16.88
N PHE G 99 11.33 -26.40 16.43
CA PHE G 99 10.29 -27.13 15.67
C PHE G 99 10.47 -26.75 14.21
N ILE G 100 10.69 -27.78 13.37
CA ILE G 100 11.10 -27.57 11.96
C ILE G 100 10.05 -28.22 11.07
N PRO G 101 9.20 -27.40 10.43
CA PRO G 101 8.19 -27.89 9.49
C PRO G 101 8.91 -28.37 8.24
N VAL G 102 8.57 -29.56 7.78
CA VAL G 102 9.16 -30.17 6.59
C VAL G 102 8.09 -30.28 5.53
N PRO G 103 8.30 -29.74 4.33
CA PRO G 103 7.32 -29.90 3.26
C PRO G 103 7.21 -31.34 2.79
N ALA G 104 5.98 -31.81 2.56
CA ALA G 104 5.70 -33.21 2.14
C ALA G 104 6.52 -33.56 0.91
N LEU G 105 6.62 -32.66 -0.08
CA LEU G 105 7.30 -33.00 -1.37
C LEU G 105 8.79 -32.71 -1.25
N PHE G 106 9.28 -32.39 -0.05
CA PHE G 106 10.73 -32.18 0.20
C PHE G 106 11.24 -33.25 1.17
N CYS G 107 10.54 -34.37 1.27
CA CYS G 107 10.96 -35.43 2.20
C CYS G 107 10.50 -36.78 1.65
N SER G 108 11.44 -37.70 1.49
CA SER G 108 11.18 -39.04 1.02
C SER G 108 11.09 -40.03 2.18
N PHE G 109 10.32 -41.07 1.95
CA PHE G 109 10.29 -42.29 2.80
C PHE G 109 10.03 -43.45 1.87
N ASN G 110 10.90 -44.46 1.92
CA ASN G 110 10.60 -45.75 1.26
C ASN G 110 10.28 -45.55 -0.21
N GLY G 111 11.09 -44.76 -0.92
CA GLY G 111 11.05 -44.70 -2.39
C GLY G 111 10.05 -43.71 -2.93
N ALA G 112 9.42 -42.91 -2.07
CA ALA G 112 8.42 -41.92 -2.50
C ALA G 112 8.51 -40.67 -1.65
N LEU G 113 8.00 -39.58 -2.18
CA LEU G 113 7.77 -38.39 -1.37
C LEU G 113 6.52 -38.61 -0.56
N HIS G 114 6.14 -37.66 0.26
CA HIS G 114 4.91 -37.77 1.10
C HIS G 114 3.71 -37.21 0.34
N ASP G 115 2.59 -37.94 0.31
CA ASP G 115 1.37 -37.57 -0.44
C ASP G 115 0.37 -36.99 0.55
N VAL G 116 0.23 -35.67 0.57
CA VAL G 116 -0.72 -34.95 1.47
C VAL G 116 -1.55 -34.03 0.60
N SER G 117 -2.82 -33.88 0.91
CA SER G 117 -3.75 -33.00 0.14
C SER G 117 -3.43 -31.53 0.43
N ILE G 118 -3.62 -30.65 -0.58
CA ILE G 118 -3.39 -29.17 -0.45
C ILE G 118 -4.52 -28.53 0.38
N PRO H 2 20.54 -18.48 20.35
CA PRO H 2 21.02 -18.95 19.04
C PRO H 2 21.83 -20.25 19.19
N VAL H 3 22.06 -20.94 18.08
CA VAL H 3 22.88 -22.16 18.10
C VAL H 3 23.93 -22.03 17.02
N ILE H 4 25.19 -22.13 17.41
CA ILE H 4 26.32 -22.17 16.45
C ILE H 4 26.79 -23.62 16.42
N THR H 5 26.68 -24.28 15.30
CA THR H 5 27.11 -25.67 15.12
C THR H 5 28.32 -25.67 14.21
N VAL H 6 29.41 -26.28 14.65
CA VAL H 6 30.67 -26.32 13.88
C VAL H 6 30.95 -27.78 13.57
N ASN H 7 30.85 -28.16 12.31
CA ASN H 7 31.16 -29.53 11.83
C ASN H 7 32.55 -29.47 11.17
N THR H 8 33.55 -30.09 11.78
CA THR H 8 34.91 -30.01 11.22
C THR H 8 35.59 -31.37 11.33
N ASN H 9 36.44 -31.67 10.36
CA ASN H 9 37.29 -32.87 10.41
C ASN H 9 38.56 -32.56 11.20
N VAL H 10 38.77 -31.33 11.61
CA VAL H 10 39.94 -31.00 12.47
C VAL H 10 39.77 -31.72 13.80
N ALA H 11 40.82 -32.37 14.28
CA ALA H 11 40.81 -33.17 15.52
C ALA H 11 40.72 -32.25 16.72
N GLU H 12 39.98 -32.67 17.75
CA GLU H 12 39.76 -31.88 18.99
C GLU H 12 41.12 -31.46 19.57
N LYS H 13 42.12 -32.34 19.54
CA LYS H 13 43.44 -32.06 20.16
C LYS H 13 44.11 -30.87 19.46
N SER H 14 43.74 -30.56 18.21
CA SER H 14 44.34 -29.46 17.41
C SER H 14 43.67 -28.11 17.74
N ILE H 15 42.54 -28.12 18.44
CA ILE H 15 41.69 -26.90 18.60
C ILE H 15 41.96 -26.27 19.95
N PRO H 16 42.18 -24.96 20.03
CA PRO H 16 42.31 -24.28 21.32
C PRO H 16 41.13 -24.58 22.24
N VAL H 17 41.44 -24.77 23.53
CA VAL H 17 40.39 -25.20 24.49
C VAL H 17 39.32 -24.12 24.61
N PHE H 18 39.63 -22.86 24.33
CA PHE H 18 38.73 -21.71 24.49
C PHE H 18 38.02 -21.37 23.19
N PHE H 19 38.12 -22.21 22.17
CA PHE H 19 37.45 -21.98 20.86
C PHE H 19 35.95 -21.75 21.06
N GLN H 20 35.26 -22.66 21.74
CA GLN H 20 33.80 -22.52 21.92
C GLN H 20 33.46 -21.24 22.71
N ALA H 21 34.21 -20.93 23.76
CA ALA H 21 34.04 -19.71 24.56
C ALA H 21 34.21 -18.48 23.67
N ALA H 22 35.23 -18.49 22.81
CA ALA H 22 35.56 -17.33 21.96
C ALA H 22 34.42 -17.13 20.96
N LEU H 23 33.95 -18.24 20.38
CA LEU H 23 32.85 -18.17 19.40
C LEU H 23 31.57 -17.72 20.08
N THR H 24 31.33 -18.21 21.29
CA THR H 24 30.16 -17.79 22.10
C THR H 24 30.17 -16.27 22.23
N ASN H 25 31.31 -15.72 22.67
CA ASN H 25 31.42 -14.27 22.96
C ASN H 25 31.24 -13.49 21.65
N MET H 26 31.91 -13.95 20.60
CA MET H 26 31.89 -13.16 19.34
C MET H 26 30.47 -13.15 18.78
N MET H 27 29.78 -14.29 18.83
CA MET H 27 28.43 -14.37 18.20
C MET H 27 27.37 -13.78 19.11
N THR H 28 27.59 -13.74 20.43
CA THR H 28 26.66 -13.00 21.33
C THR H 28 26.66 -11.52 20.92
N LYS H 29 27.84 -10.97 20.72
CA LYS H 29 27.99 -9.55 20.31
C LYS H 29 27.39 -9.36 18.92
N ALA H 30 27.72 -10.24 17.97
CA ALA H 30 27.30 -10.08 16.57
C ALA H 30 25.76 -10.16 16.48
N LEU H 31 25.13 -11.11 17.16
CA LEU H 31 23.68 -11.36 17.04
C LEU H 31 22.89 -10.48 18.01
N GLN H 32 23.58 -9.82 18.96
CA GLN H 32 22.89 -9.04 20.01
C GLN H 32 21.79 -9.89 20.64
N LYS H 33 22.17 -11.06 21.11
CA LYS H 33 21.31 -12.01 21.83
C LYS H 33 21.92 -12.25 23.19
N PRO H 34 21.13 -12.64 24.21
CA PRO H 34 21.68 -12.95 25.52
C PRO H 34 22.69 -14.08 25.40
N LYS H 35 23.82 -13.93 26.06
CA LYS H 35 24.84 -15.01 26.09
C LYS H 35 24.22 -16.29 26.63
N GLU H 36 23.31 -16.18 27.58
CA GLU H 36 22.75 -17.34 28.32
C GLU H 36 22.14 -18.35 27.35
N VAL H 37 21.62 -17.90 26.23
CA VAL H 37 20.90 -18.80 25.27
C VAL H 37 21.75 -19.02 24.03
N MET H 38 23.05 -18.74 24.09
CA MET H 38 23.99 -19.04 22.99
C MET H 38 24.55 -20.46 23.20
N PHE H 39 24.27 -21.35 22.25
CA PHE H 39 24.88 -22.69 22.24
C PHE H 39 26.00 -22.72 21.22
N VAL H 40 27.08 -23.41 21.55
CA VAL H 40 28.09 -23.75 20.55
C VAL H 40 28.30 -25.25 20.63
N ASP H 41 27.91 -25.92 19.55
CA ASP H 41 27.94 -27.39 19.41
C ASP H 41 29.10 -27.70 18.48
N LEU H 42 30.23 -28.15 19.04
CA LEU H 42 31.45 -28.41 18.27
C LEU H 42 31.51 -29.89 17.95
N ARG H 43 31.44 -30.22 16.68
CA ARG H 43 31.66 -31.59 16.17
C ARG H 43 33.06 -31.61 15.58
N SER H 44 34.06 -31.93 16.40
CA SER H 44 35.44 -32.02 15.91
C SER H 44 35.75 -33.48 15.62
N GLY H 45 36.76 -33.71 14.78
CA GLY H 45 37.12 -35.06 14.32
C GLY H 45 35.95 -35.70 13.61
N ALA H 46 35.05 -34.89 13.06
CA ALA H 46 33.85 -35.39 12.37
C ALA H 46 34.27 -36.03 11.07
N ASN H 47 33.51 -37.02 10.63
CA ASN H 47 33.76 -37.67 9.34
C ASN H 47 33.10 -36.86 8.22
N ILE H 48 33.62 -35.66 8.01
CA ILE H 48 33.07 -34.71 7.03
C ILE H 48 34.15 -34.47 5.98
N MET H 49 33.80 -34.78 4.74
CA MET H 49 34.68 -34.49 3.60
C MET H 49 34.06 -33.39 2.77
N MET H 50 34.92 -32.66 2.08
CA MET H 50 34.51 -31.52 1.25
C MET H 50 35.29 -31.63 -0.05
N GLY H 51 34.61 -31.49 -1.19
CA GLY H 51 35.27 -31.60 -2.50
C GLY H 51 35.82 -33.00 -2.74
N GLY H 52 35.30 -34.01 -2.02
CA GLY H 52 35.78 -35.39 -2.14
C GLY H 52 37.15 -35.59 -1.50
N ASP H 53 37.61 -34.66 -0.68
CA ASP H 53 38.91 -34.88 -0.01
C ASP H 53 38.83 -34.51 1.47
N ARG H 54 39.84 -34.96 2.20
CA ARG H 54 39.81 -34.91 3.67
C ARG H 54 40.77 -33.83 4.18
N ASN H 55 41.13 -32.88 3.35
CA ASN H 55 41.84 -31.67 3.84
C ASN H 55 40.93 -31.00 4.85
N PRO H 56 41.49 -30.23 5.80
CA PRO H 56 40.70 -29.60 6.84
C PRO H 56 39.58 -28.78 6.18
N CYS H 57 38.39 -28.91 6.76
CA CYS H 57 37.23 -28.14 6.31
C CYS H 57 36.30 -27.87 7.48
N VAL H 58 35.39 -26.94 7.27
CA VAL H 58 34.32 -26.61 8.25
C VAL H 58 33.03 -26.37 7.49
N PHE H 59 31.96 -26.99 7.95
CA PHE H 59 30.59 -26.56 7.65
C PHE H 59 29.97 -26.16 8.96
N ALA H 60 29.58 -24.90 9.07
CA ALA H 60 29.00 -24.38 10.30
C ALA H 60 27.62 -23.82 10.02
N THR H 61 26.79 -23.83 11.05
CA THR H 61 25.43 -23.26 10.96
C THR H 61 25.22 -22.28 12.10
N VAL H 62 24.41 -21.29 11.82
CA VAL H 62 24.01 -20.26 12.79
C VAL H 62 22.49 -20.24 12.78
N GLU H 63 21.87 -20.78 13.81
CA GLU H 63 20.40 -20.78 13.99
C GLU H 63 20.07 -19.62 14.92
N CYS H 64 19.19 -18.72 14.47
CA CYS H 64 18.86 -17.52 15.24
C CYS H 64 17.46 -17.06 14.91
N ILE H 65 16.73 -16.62 15.94
CA ILE H 65 15.44 -15.93 15.80
C ILE H 65 15.77 -14.47 15.51
N GLY H 66 15.38 -13.99 14.34
CA GLY H 66 15.70 -12.64 13.86
C GLY H 66 17.18 -12.51 13.54
N ARG H 67 17.64 -11.26 13.34
CA ARG H 67 19.07 -10.86 13.27
C ARG H 67 19.73 -11.25 11.95
N LEU H 68 19.24 -12.23 11.22
CA LEU H 68 19.91 -12.75 10.01
C LEU H 68 19.33 -12.03 8.79
N ASN H 69 20.24 -11.46 8.02
CA ASN H 69 19.90 -10.73 6.78
C ASN H 69 21.19 -10.67 5.98
N PRO H 70 21.13 -10.41 4.67
CA PRO H 70 22.33 -10.48 3.84
C PRO H 70 23.50 -9.64 4.37
N THR H 71 23.23 -8.43 4.86
CA THR H 71 24.29 -7.54 5.38
C THR H 71 24.94 -8.18 6.62
N SER H 72 24.14 -8.56 7.61
CA SER H 72 24.63 -9.10 8.88
C SER H 72 25.29 -10.46 8.60
N ASN H 73 24.70 -11.25 7.69
CA ASN H 73 25.23 -12.59 7.39
C ASN H 73 26.66 -12.46 6.87
N LEU H 74 26.91 -11.54 5.94
CA LEU H 74 28.25 -11.41 5.35
C LEU H 74 29.25 -11.01 6.44
N ALA H 75 28.90 -10.04 7.28
CA ALA H 75 29.81 -9.54 8.32
C ALA H 75 30.15 -10.68 9.29
N MET H 76 29.13 -11.42 9.72
CA MET H 76 29.32 -12.53 10.66
C MET H 76 30.11 -13.65 9.99
N ALA H 77 29.82 -13.96 8.73
CA ALA H 77 30.54 -15.03 8.01
C ALA H 77 32.05 -14.71 8.04
N ARG H 78 32.42 -13.47 7.68
CA ARG H 78 33.85 -13.11 7.60
C ARG H 78 34.49 -13.25 9.00
N ASP H 79 33.79 -12.81 10.05
CA ASP H 79 34.31 -12.88 11.43
C ASP H 79 34.45 -14.34 11.85
N MET H 80 33.45 -15.17 11.54
CA MET H 80 33.54 -16.62 11.86
C MET H 80 34.69 -17.26 11.08
N GLU H 81 34.78 -16.98 9.79
CA GLU H 81 35.88 -17.52 8.97
C GLU H 81 37.21 -17.16 9.62
N ASP H 82 37.36 -15.89 10.02
CA ASP H 82 38.66 -15.47 10.58
C ASP H 82 39.00 -16.32 11.82
N MET H 83 38.00 -16.55 12.68
CA MET H 83 38.23 -17.36 13.89
C MET H 83 38.56 -18.81 13.51
N PHE H 84 37.84 -19.37 12.52
CA PHE H 84 38.07 -20.77 12.10
C PHE H 84 39.47 -20.92 11.50
N ILE H 85 39.88 -19.93 10.71
CA ILE H 85 41.24 -19.95 10.11
C ILE H 85 42.28 -20.02 11.24
N GLU H 86 42.15 -19.17 12.23
CA GLU H 86 43.16 -19.05 13.31
C GLU H 86 43.13 -20.30 14.17
N HIS H 87 41.94 -20.77 14.56
CA HIS H 87 41.81 -21.84 15.57
C HIS H 87 41.85 -23.25 14.99
N LEU H 88 41.29 -23.44 13.79
CA LEU H 88 41.23 -24.77 13.16
C LEU H 88 42.33 -24.95 12.13
N ASN H 89 43.03 -23.89 11.74
CA ASN H 89 43.99 -23.95 10.62
C ASN H 89 43.30 -24.49 9.37
N VAL H 90 42.07 -23.99 9.15
CA VAL H 90 41.32 -24.30 7.91
C VAL H 90 41.48 -23.10 7.00
N ARG H 91 41.67 -23.34 5.71
CA ARG H 91 41.69 -22.25 4.71
C ARG H 91 40.30 -21.64 4.57
N ARG H 92 40.25 -20.36 4.24
CA ARG H 92 38.96 -19.67 4.01
C ARG H 92 38.16 -20.40 2.93
N GLU H 93 38.81 -20.98 1.93
CA GLU H 93 38.09 -21.64 0.81
C GLU H 93 37.66 -23.05 1.22
N ARG H 94 37.82 -23.43 2.49
CA ARG H 94 37.33 -24.74 3.01
C ARG H 94 36.27 -24.49 4.07
N ILE H 95 35.65 -23.31 4.07
CA ILE H 95 34.64 -22.94 5.09
C ILE H 95 33.36 -22.55 4.38
N VAL H 96 32.27 -23.17 4.82
CA VAL H 96 30.90 -22.80 4.40
C VAL H 96 30.08 -22.61 5.66
N ILE H 97 29.31 -21.55 5.71
CA ILE H 97 28.45 -21.23 6.87
C ILE H 97 27.04 -21.00 6.35
N ARG H 98 26.07 -21.70 6.96
CA ARG H 98 24.66 -21.48 6.65
C ARG H 98 24.03 -20.72 7.81
N PHE H 99 23.30 -19.66 7.47
CA PHE H 99 22.53 -18.83 8.40
C PHE H 99 21.09 -19.31 8.31
N ILE H 100 20.52 -19.72 9.44
CA ILE H 100 19.20 -20.39 9.52
C ILE H 100 18.27 -19.55 10.38
N PRO H 101 17.32 -18.83 9.74
CA PRO H 101 16.33 -18.06 10.46
C PRO H 101 15.34 -19.04 11.12
N VAL H 102 15.09 -18.82 12.39
CA VAL H 102 14.17 -19.65 13.19
C VAL H 102 12.97 -18.81 13.56
N PRO H 103 11.75 -19.25 13.25
CA PRO H 103 10.56 -18.50 13.68
C PRO H 103 10.41 -18.54 15.21
N ALA H 104 10.06 -17.38 15.79
CA ALA H 104 9.91 -17.22 17.25
C ALA H 104 8.94 -18.26 17.81
N LEU H 105 7.82 -18.55 17.11
CA LEU H 105 6.80 -19.45 17.65
C LEU H 105 7.11 -20.90 17.29
N PHE H 106 8.28 -21.15 16.70
CA PHE H 106 8.73 -22.52 16.36
C PHE H 106 10.00 -22.83 17.14
N CYS H 107 10.19 -22.16 18.27
CA CYS H 107 11.38 -22.42 19.09
C CYS H 107 11.03 -22.14 20.55
N SER H 108 11.27 -23.11 21.42
CA SER H 108 11.02 -22.97 22.85
C SER H 108 12.32 -22.72 23.59
N PHE H 109 12.21 -22.02 24.70
CA PHE H 109 13.27 -21.86 25.69
C PHE H 109 12.58 -21.81 27.04
N ASN H 110 13.00 -22.69 27.94
CA ASN H 110 12.60 -22.59 29.36
C ASN H 110 11.07 -22.53 29.48
N GLY H 111 10.35 -23.42 28.78
CA GLY H 111 8.92 -23.66 29.01
C GLY H 111 8.02 -22.74 28.24
N ALA H 112 8.57 -21.91 27.36
CA ALA H 112 7.76 -20.99 26.54
C ALA H 112 8.33 -20.88 25.14
N LEU H 113 7.49 -20.46 24.21
CA LEU H 113 8.00 -20.07 22.89
C LEU H 113 8.63 -18.68 23.03
N HIS H 114 9.19 -18.15 21.97
CA HIS H 114 9.82 -16.83 22.00
C HIS H 114 8.82 -15.70 21.68
N ASP H 115 9.04 -14.58 22.37
CA ASP H 115 8.59 -13.20 22.06
C ASP H 115 9.80 -12.27 22.10
N PRO I 2 26.82 -27.68 -1.55
CA PRO I 2 25.74 -28.42 -0.86
C PRO I 2 26.30 -29.25 0.29
N VAL I 3 25.42 -29.68 1.18
CA VAL I 3 25.84 -30.55 2.30
C VAL I 3 24.93 -31.76 2.30
N ILE I 4 25.52 -32.94 2.19
CA ILE I 4 24.79 -34.22 2.34
C ILE I 4 25.17 -34.76 3.72
N THR I 5 24.21 -34.89 4.60
CA THR I 5 24.43 -35.38 5.97
C THR I 5 23.74 -36.73 6.06
N VAL I 6 24.50 -37.75 6.47
CA VAL I 6 23.96 -39.12 6.56
C VAL I 6 24.06 -39.53 8.03
N ASN I 7 22.89 -39.68 8.65
CA ASN I 7 22.81 -40.13 10.07
C ASN I 7 22.41 -41.61 10.05
N THR I 8 23.31 -42.50 10.43
CA THR I 8 23.02 -43.94 10.35
C THR I 8 23.55 -44.63 11.60
N ASN I 9 22.85 -45.67 12.03
CA ASN I 9 23.32 -46.55 13.11
C ASN I 9 24.22 -47.64 12.53
N VAL I 10 24.40 -47.71 11.22
CA VAL I 10 25.36 -48.66 10.64
C VAL I 10 26.77 -48.26 11.09
N ALA I 11 27.55 -49.23 11.56
CA ALA I 11 28.92 -48.99 12.07
C ALA I 11 29.87 -48.59 10.93
N GLU I 12 30.79 -47.69 11.21
CA GLU I 12 31.79 -47.18 10.24
C GLU I 12 32.53 -48.36 9.60
N LYS I 13 32.88 -49.37 10.41
CA LYS I 13 33.68 -50.51 9.90
C LYS I 13 32.90 -51.28 8.83
N SER I 14 31.57 -51.18 8.82
CA SER I 14 30.69 -51.91 7.88
C SER I 14 30.56 -51.16 6.54
N ILE I 15 31.01 -49.92 6.48
CA ILE I 15 30.74 -49.02 5.33
C ILE I 15 31.94 -49.04 4.39
N PRO I 16 31.71 -49.20 3.08
CA PRO I 16 32.81 -49.20 2.13
C PRO I 16 33.64 -47.93 2.24
N VAL I 17 34.95 -48.06 2.10
CA VAL I 17 35.87 -46.91 2.26
C VAL I 17 35.55 -45.82 1.22
N PHE I 18 34.97 -46.17 0.08
CA PHE I 18 34.69 -45.21 -1.02
C PHE I 18 33.30 -44.55 -0.89
N PHE I 19 32.58 -44.84 0.21
CA PHE I 19 31.14 -44.48 0.27
C PHE I 19 30.98 -42.96 0.14
N GLN I 20 31.68 -42.21 0.96
CA GLN I 20 31.53 -40.73 0.96
C GLN I 20 31.95 -40.14 -0.39
N ALA I 21 33.05 -40.65 -0.98
CA ALA I 21 33.52 -40.20 -2.30
C ALA I 21 32.42 -40.48 -3.33
N ALA I 22 31.82 -41.66 -3.29
CA ALA I 22 30.81 -42.07 -4.28
C ALA I 22 29.57 -41.17 -4.14
N LEU I 23 29.16 -40.92 -2.90
CA LEU I 23 27.98 -40.07 -2.64
C LEU I 23 28.30 -38.64 -3.08
N THR I 24 29.52 -38.16 -2.82
CA THR I 24 29.96 -36.83 -3.28
C THR I 24 29.76 -36.74 -4.78
N ASN I 25 30.28 -37.72 -5.51
CA ASN I 25 30.24 -37.72 -7.00
C ASN I 25 28.80 -37.78 -7.47
N MET I 26 28.00 -38.64 -6.87
CA MET I 26 26.62 -38.88 -7.34
C MET I 26 25.82 -37.58 -7.13
N MET I 27 25.98 -36.94 -5.97
CA MET I 27 25.15 -35.75 -5.67
C MET I 27 25.73 -34.51 -6.35
N THR I 28 27.03 -34.46 -6.67
CA THR I 28 27.58 -33.37 -7.50
C THR I 28 26.87 -33.36 -8.85
N LYS I 29 26.77 -34.55 -9.45
CA LYS I 29 26.10 -34.69 -10.77
C LYS I 29 24.62 -34.37 -10.62
N ALA I 30 23.96 -34.92 -9.61
CA ALA I 30 22.49 -34.76 -9.44
C ALA I 30 22.15 -33.28 -9.22
N LEU I 31 22.90 -32.58 -8.38
CA LEU I 31 22.59 -31.19 -8.00
C LEU I 31 23.22 -30.20 -8.99
N GLN I 32 24.08 -30.66 -9.90
CA GLN I 32 24.79 -29.77 -10.86
C GLN I 32 25.42 -28.61 -10.09
N LYS I 33 26.22 -28.95 -9.09
CA LYS I 33 26.97 -27.97 -8.27
C LYS I 33 28.45 -28.30 -8.37
N PRO I 34 29.34 -27.34 -8.12
CA PRO I 34 30.77 -27.62 -8.13
C PRO I 34 31.09 -28.67 -7.05
N LYS I 35 31.89 -29.64 -7.40
CA LYS I 35 32.31 -30.67 -6.43
C LYS I 35 33.03 -29.98 -5.26
N GLU I 36 33.75 -28.90 -5.51
CA GLU I 36 34.61 -28.21 -4.53
C GLU I 36 33.81 -27.85 -3.27
N VAL I 37 32.52 -27.55 -3.41
CA VAL I 37 31.68 -27.07 -2.28
C VAL I 37 30.69 -28.17 -1.87
N MET I 38 30.92 -29.40 -2.26
CA MET I 38 30.08 -30.56 -1.84
C MET I 38 30.67 -31.16 -0.56
N PHE I 39 29.91 -31.11 0.53
CA PHE I 39 30.28 -31.80 1.77
C PHE I 39 29.47 -33.07 1.87
N VAL I 40 30.12 -34.11 2.39
CA VAL I 40 29.41 -35.30 2.89
C VAL I 40 29.86 -35.51 4.31
N ASP I 41 28.89 -35.35 5.21
CA ASP I 41 29.08 -35.50 6.66
C ASP I 41 28.44 -36.82 7.03
N LEU I 42 29.27 -37.85 7.23
CA LEU I 42 28.79 -39.22 7.53
C LEU I 42 28.84 -39.39 9.04
N ARG I 43 27.67 -39.54 9.65
CA ARG I 43 27.56 -39.88 11.07
C ARG I 43 27.21 -41.36 11.13
N SER I 44 28.22 -42.19 11.15
CA SER I 44 28.06 -43.64 11.23
C SER I 44 28.20 -44.05 12.69
N GLY I 45 27.65 -45.18 13.02
CA GLY I 45 27.58 -45.69 14.40
C GLY I 45 26.86 -44.67 15.27
N ALA I 46 25.97 -43.88 14.68
CA ALA I 46 25.20 -42.86 15.41
C ALA I 46 24.17 -43.59 16.28
N ASN I 47 23.83 -42.98 17.40
CA ASN I 47 22.76 -43.48 18.27
C ASN I 47 21.42 -42.95 17.74
N ILE I 48 21.04 -43.46 16.58
CA ILE I 48 19.76 -43.12 15.93
C ILE I 48 18.92 -44.38 15.85
N MET I 49 17.73 -44.31 16.40
CA MET I 49 16.77 -45.42 16.29
C MET I 49 15.59 -44.94 15.47
N MET I 50 14.88 -45.89 14.89
CA MET I 50 13.72 -45.60 14.03
C MET I 50 12.64 -46.62 14.38
N GLY I 51 11.42 -46.17 14.59
CA GLY I 51 10.31 -47.09 14.90
C GLY I 51 10.50 -47.74 16.26
N GLY I 52 11.32 -47.16 17.12
CA GLY I 52 11.62 -47.70 18.45
C GLY I 52 12.53 -48.91 18.38
N ASP I 53 13.18 -49.16 17.26
CA ASP I 53 14.10 -50.32 17.21
C ASP I 53 15.41 -49.94 16.53
N ARG I 54 16.40 -50.80 16.69
CA ARG I 54 17.78 -50.47 16.30
C ARG I 54 18.18 -51.26 15.08
N ASN I 55 17.21 -51.76 14.29
CA ASN I 55 17.54 -52.28 12.95
C ASN I 55 18.17 -51.13 12.17
N PRO I 56 19.00 -51.45 11.16
CA PRO I 56 19.72 -50.43 10.41
C PRO I 56 18.71 -49.42 9.87
N CYS I 57 19.08 -48.15 9.97
CA CYS I 57 18.26 -47.05 9.45
C CYS I 57 19.16 -45.91 8.99
N VAL I 58 18.56 -45.01 8.21
CA VAL I 58 19.23 -43.77 7.75
C VAL I 58 18.23 -42.64 7.82
N PHE I 59 18.63 -41.54 8.43
CA PHE I 59 18.01 -40.22 8.18
C PHE I 59 19.08 -39.36 7.54
N ALA I 60 18.83 -38.91 6.32
CA ALA I 60 19.81 -38.10 5.58
C ALA I 60 19.18 -36.78 5.20
N THR I 61 20.03 -35.77 5.06
CA THR I 61 19.57 -34.42 4.66
C THR I 61 20.43 -33.96 3.49
N VAL I 62 19.79 -33.17 2.64
CA VAL I 62 20.45 -32.55 1.47
C VAL I 62 20.17 -31.05 1.59
N GLU I 63 21.19 -30.29 1.96
CA GLU I 63 21.13 -28.82 2.02
C GLU I 63 21.73 -28.30 0.73
N CYS I 64 20.98 -27.46 0.01
CA CYS I 64 21.43 -26.99 -1.30
C CYS I 64 20.82 -25.62 -1.58
N ILE I 65 21.63 -24.74 -2.18
CA ILE I 65 21.14 -23.47 -2.75
C ILE I 65 20.57 -23.80 -4.12
N GLY I 66 19.27 -23.59 -4.31
CA GLY I 66 18.54 -24.00 -5.52
C GLY I 66 18.47 -25.50 -5.66
N ARG I 67 18.07 -25.97 -6.85
CA ARG I 67 18.14 -27.36 -7.33
C ARG I 67 17.04 -28.24 -6.72
N LEU I 68 16.45 -27.87 -5.58
CA LEU I 68 15.49 -28.75 -4.89
C LEU I 68 14.06 -28.39 -5.31
N ASN I 69 13.34 -29.37 -5.80
CA ASN I 69 11.93 -29.23 -6.24
C ASN I 69 11.36 -30.65 -6.24
N PRO I 70 10.02 -30.81 -6.20
CA PRO I 70 9.44 -32.12 -5.96
C PRO I 70 9.95 -33.18 -6.93
N THR I 71 10.00 -32.86 -8.23
CA THR I 71 10.43 -33.85 -9.24
C THR I 71 11.91 -34.21 -9.00
N SER I 72 12.80 -33.24 -8.86
CA SER I 72 14.24 -33.54 -8.66
C SER I 72 14.45 -34.28 -7.32
N ASN I 73 13.68 -33.87 -6.31
CA ASN I 73 13.80 -34.47 -4.94
C ASN I 73 13.52 -35.97 -5.03
N LEU I 74 12.46 -36.37 -5.72
CA LEU I 74 12.09 -37.79 -5.77
C LEU I 74 13.19 -38.57 -6.48
N ALA I 75 13.71 -38.07 -7.61
CA ALA I 75 14.76 -38.78 -8.37
C ALA I 75 16.01 -38.93 -7.48
N MET I 76 16.41 -37.85 -6.81
CA MET I 76 17.61 -37.87 -5.95
C MET I 76 17.37 -38.81 -4.77
N ALA I 77 16.18 -38.76 -4.16
CA ALA I 77 15.85 -39.61 -3.01
C ALA I 77 16.07 -41.08 -3.41
N ARG I 78 15.51 -41.48 -4.54
CA ARG I 78 15.58 -42.90 -4.99
C ARG I 78 17.07 -43.28 -5.20
N ASP I 79 17.85 -42.42 -5.80
CA ASP I 79 19.29 -42.68 -6.07
C ASP I 79 20.05 -42.78 -4.74
N MET I 80 19.77 -41.88 -3.81
CA MET I 80 20.41 -41.94 -2.49
C MET I 80 19.99 -43.23 -1.75
N GLU I 81 18.70 -43.53 -1.75
CA GLU I 81 18.19 -44.78 -1.14
C GLU I 81 19.00 -45.95 -1.73
N ASP I 82 19.12 -45.99 -3.05
CA ASP I 82 19.81 -47.12 -3.71
C ASP I 82 21.22 -47.26 -3.17
N MET I 83 21.95 -46.16 -3.02
CA MET I 83 23.33 -46.18 -2.49
C MET I 83 23.31 -46.68 -1.04
N PHE I 84 22.35 -46.22 -0.23
CA PHE I 84 22.28 -46.62 1.18
C PHE I 84 21.96 -48.12 1.28
N ILE I 85 21.04 -48.58 0.44
CA ILE I 85 20.65 -50.01 0.41
C ILE I 85 21.89 -50.84 0.06
N GLU I 86 22.58 -50.45 -0.99
CA GLU I 86 23.69 -51.24 -1.54
C GLU I 86 24.84 -51.23 -0.54
N HIS I 87 25.20 -50.06 -0.03
CA HIS I 87 26.50 -49.89 0.69
C HIS I 87 26.34 -49.97 2.19
N LEU I 88 25.20 -49.55 2.74
CA LEU I 88 24.97 -49.59 4.20
C LEU I 88 24.10 -50.77 4.59
N ASN I 89 23.52 -51.47 3.62
CA ASN I 89 22.69 -52.67 3.87
C ASN I 89 21.50 -52.23 4.75
N VAL I 90 20.93 -51.08 4.43
CA VAL I 90 19.72 -50.54 5.08
C VAL I 90 18.56 -50.79 4.11
N ARG I 91 17.45 -51.25 4.61
CA ARG I 91 16.23 -51.45 3.78
C ARG I 91 15.64 -50.09 3.37
N ARG I 92 15.03 -50.04 2.19
CA ARG I 92 14.40 -48.80 1.68
C ARG I 92 13.37 -48.30 2.68
N GLU I 93 12.66 -49.19 3.38
CA GLU I 93 11.61 -48.76 4.34
C GLU I 93 12.25 -48.30 5.67
N ARG I 94 13.56 -48.18 5.74
CA ARG I 94 14.29 -47.67 6.91
C ARG I 94 15.07 -46.41 6.53
N ILE I 95 14.66 -45.75 5.44
CA ILE I 95 15.38 -44.55 4.92
C ILE I 95 14.41 -43.40 4.80
N VAL I 96 14.79 -42.26 5.39
CA VAL I 96 14.08 -40.98 5.23
C VAL I 96 15.12 -39.94 4.82
N ILE I 97 14.77 -39.12 3.83
CA ILE I 97 15.68 -38.06 3.34
C ILE I 97 14.91 -36.75 3.31
N ARG I 98 15.48 -35.72 3.89
CA ARG I 98 14.88 -34.38 3.87
C ARG I 98 15.73 -33.50 2.94
N PHE I 99 15.04 -32.80 2.06
CA PHE I 99 15.64 -31.85 1.10
C PHE I 99 15.43 -30.45 1.67
N ILE I 100 16.52 -29.71 1.87
CA ILE I 100 16.50 -28.42 2.60
C ILE I 100 17.03 -27.33 1.68
N PRO I 101 16.13 -26.48 1.16
CA PRO I 101 16.54 -25.34 0.35
C PRO I 101 17.21 -24.30 1.23
N VAL I 102 18.36 -23.82 0.76
CA VAL I 102 19.17 -22.80 1.49
C VAL I 102 19.17 -21.54 0.66
N PRO I 103 18.76 -20.40 1.23
CA PRO I 103 18.83 -19.14 0.48
C PRO I 103 20.26 -18.71 0.19
N ALA I 104 20.52 -18.24 -1.03
CA ALA I 104 21.87 -17.84 -1.49
C ALA I 104 22.49 -16.82 -0.54
N LEU I 105 21.71 -15.85 -0.05
CA LEU I 105 22.26 -14.76 0.78
C LEU I 105 22.25 -15.17 2.25
N PHE I 106 21.93 -16.43 2.54
CA PHE I 106 21.98 -16.99 3.92
C PHE I 106 23.05 -18.07 3.99
N CYS I 107 24.01 -18.04 3.08
CA CYS I 107 25.07 -19.05 3.05
C CYS I 107 26.36 -18.43 2.53
N SER I 108 27.44 -18.57 3.27
CA SER I 108 28.75 -18.01 2.91
C SER I 108 29.65 -19.12 2.40
N PHE I 109 30.58 -18.73 1.55
CA PHE I 109 31.70 -19.60 1.11
C PHE I 109 32.87 -18.67 0.81
N ASN I 110 34.01 -18.96 1.42
CA ASN I 110 35.28 -18.30 1.03
C ASN I 110 35.15 -16.78 1.08
N GLY I 111 34.60 -16.24 2.15
CA GLY I 111 34.68 -14.80 2.44
C GLY I 111 33.56 -14.00 1.81
N ALA I 112 32.56 -14.67 1.23
CA ALA I 112 31.43 -13.98 0.57
C ALA I 112 30.16 -14.79 0.76
N LEU I 113 29.02 -14.14 0.55
CA LEU I 113 27.76 -14.89 0.37
C LEU I 113 27.76 -15.47 -1.03
N HIS I 114 26.78 -16.31 -1.30
CA HIS I 114 26.70 -17.02 -2.60
C HIS I 114 26.47 -16.00 -3.73
N PRO J 2 -24.14 30.15 -13.98
CA PRO J 2 -22.69 30.08 -14.27
C PRO J 2 -22.13 31.49 -14.48
N VAL J 3 -20.80 31.60 -14.44
CA VAL J 3 -20.14 32.91 -14.68
C VAL J 3 -19.09 32.69 -15.74
N ILE J 4 -19.20 33.42 -16.84
CA ILE J 4 -18.16 33.42 -17.90
C ILE J 4 -17.44 34.76 -17.75
N THR J 5 -16.15 34.69 -17.46
CA THR J 5 -15.32 35.90 -17.28
C THR J 5 -14.35 35.93 -18.45
N VAL J 6 -14.31 37.05 -19.16
CA VAL J 6 -13.41 37.19 -20.33
C VAL J 6 -12.45 38.33 -20.03
N ASN J 7 -11.18 38.00 -19.85
CA ASN J 7 -10.11 39.01 -19.63
C ASN J 7 -9.35 39.18 -20.93
N THR J 8 -9.47 40.35 -21.57
CA THR J 8 -8.83 40.53 -22.88
C THR J 8 -8.24 41.93 -22.95
N ASN J 9 -7.13 42.04 -23.66
CA ASN J 9 -6.53 43.34 -23.99
C ASN J 9 -7.18 43.91 -25.25
N VAL J 10 -8.07 43.17 -25.90
CA VAL J 10 -8.83 43.72 -27.06
C VAL J 10 -9.71 44.87 -26.54
N ALA J 11 -9.68 45.99 -27.24
CA ALA J 11 -10.43 47.19 -26.85
C ALA J 11 -11.93 46.97 -27.05
N GLU J 12 -12.73 47.57 -26.19
CA GLU J 12 -14.20 47.49 -26.21
C GLU J 12 -14.70 47.92 -27.61
N LYS J 13 -14.09 48.95 -28.20
CA LYS J 13 -14.54 49.47 -29.52
C LYS J 13 -14.38 48.41 -30.61
N SER J 14 -13.52 47.40 -30.42
CA SER J 14 -13.24 46.32 -31.40
C SER J 14 -14.27 45.18 -31.27
N ILE J 15 -15.04 45.17 -30.20
CA ILE J 15 -15.90 44.01 -29.82
C ILE J 15 -17.33 44.33 -30.25
N PRO J 16 -18.02 43.41 -30.93
CA PRO J 16 -19.43 43.67 -31.25
C PRO J 16 -20.26 43.94 -29.98
N VAL J 17 -21.21 44.85 -30.09
CA VAL J 17 -22.05 45.25 -28.93
C VAL J 17 -22.86 44.04 -28.42
N PHE J 18 -23.12 43.05 -29.24
CA PHE J 18 -23.95 41.85 -28.88
C PHE J 18 -23.07 40.71 -28.38
N PHE J 19 -21.78 40.93 -28.17
CA PHE J 19 -20.82 39.84 -27.87
C PHE J 19 -21.28 39.10 -26.60
N GLN J 20 -21.50 39.84 -25.52
CA GLN J 20 -21.90 39.21 -24.23
C GLN J 20 -23.24 38.46 -24.36
N ALA J 21 -24.21 39.04 -25.08
CA ALA J 21 -25.52 38.37 -25.33
C ALA J 21 -25.29 37.06 -26.09
N ALA J 22 -24.42 37.09 -27.11
CA ALA J 22 -24.17 35.92 -27.94
C ALA J 22 -23.49 34.83 -27.10
N LEU J 23 -22.51 35.25 -26.29
CA LEU J 23 -21.75 34.30 -25.43
C LEU J 23 -22.73 33.72 -24.38
N THR J 24 -23.60 34.57 -23.83
CA THR J 24 -24.62 34.12 -22.87
C THR J 24 -25.44 32.97 -23.51
N ASN J 25 -25.95 33.20 -24.72
CA ASN J 25 -26.81 32.22 -25.40
C ASN J 25 -26.01 30.92 -25.67
N MET J 26 -24.78 31.06 -26.15
CA MET J 26 -23.99 29.88 -26.53
C MET J 26 -23.71 29.05 -25.27
N MET J 27 -23.35 29.70 -24.17
CA MET J 27 -22.92 28.96 -22.96
C MET J 27 -24.16 28.46 -22.18
N THR J 28 -25.31 29.10 -22.31
CA THR J 28 -26.58 28.59 -21.76
C THR J 28 -26.86 27.22 -22.38
N LYS J 29 -26.74 27.13 -23.70
CA LYS J 29 -26.97 25.88 -24.44
C LYS J 29 -25.91 24.87 -24.06
N ALA J 30 -24.64 25.26 -24.04
CA ALA J 30 -23.51 24.34 -23.81
C ALA J 30 -23.61 23.74 -22.40
N LEU J 31 -23.91 24.57 -21.39
CA LEU J 31 -23.92 24.11 -19.98
C LEU J 31 -25.29 23.56 -19.60
N GLN J 32 -26.32 23.73 -20.44
CA GLN J 32 -27.73 23.35 -20.11
C GLN J 32 -28.07 23.95 -18.74
N LYS J 33 -27.84 25.26 -18.61
CA LYS J 33 -28.14 26.05 -17.43
C LYS J 33 -29.10 27.15 -17.84
N PRO J 34 -30.01 27.57 -16.94
CA PRO J 34 -30.98 28.60 -17.27
C PRO J 34 -30.22 29.89 -17.61
N LYS J 35 -30.67 30.55 -18.65
CA LYS J 35 -30.10 31.83 -19.08
C LYS J 35 -30.15 32.82 -17.92
N GLU J 36 -31.19 32.77 -17.10
CA GLU J 36 -31.44 33.76 -16.02
C GLU J 36 -30.20 33.92 -15.13
N VAL J 37 -29.46 32.82 -14.91
CA VAL J 37 -28.34 32.81 -13.93
C VAL J 37 -27.01 32.73 -14.67
N MET J 38 -26.98 33.08 -15.94
CA MET J 38 -25.74 33.11 -16.74
C MET J 38 -25.18 34.52 -16.69
N PHE J 39 -24.00 34.70 -16.12
CA PHE J 39 -23.30 36.00 -16.14
C PHE J 39 -22.20 35.95 -17.19
N VAL J 40 -22.03 37.07 -17.89
CA VAL J 40 -20.81 37.29 -18.71
C VAL J 40 -20.20 38.60 -18.25
N ASP J 41 -19.01 38.47 -17.67
CA ASP J 41 -18.23 39.61 -17.12
C ASP J 41 -17.10 39.84 -18.12
N LEU J 42 -17.24 40.87 -18.96
CA LEU J 42 -16.28 41.17 -20.03
C LEU J 42 -15.32 42.26 -19.52
N ARG J 43 -14.07 41.90 -19.37
CA ARG J 43 -13.00 42.87 -19.05
C ARG J 43 -12.24 43.15 -20.34
N SER J 44 -12.72 44.13 -21.11
CA SER J 44 -12.04 44.51 -22.35
C SER J 44 -11.10 45.67 -22.06
N GLY J 45 -10.13 45.86 -22.94
CA GLY J 45 -9.07 46.86 -22.78
C GLY J 45 -8.34 46.63 -21.46
N ALA J 46 -8.31 45.39 -21.01
CA ALA J 46 -7.66 45.03 -19.73
C ALA J 46 -6.15 45.10 -19.94
N ASN J 47 -5.44 45.39 -18.86
CA ASN J 47 -3.96 45.39 -18.90
C ASN J 47 -3.49 43.97 -18.64
N ILE J 48 -3.72 43.11 -19.61
CA ILE J 48 -3.33 41.68 -19.55
C ILE J 48 -2.36 41.46 -20.69
N MET J 49 -1.19 40.95 -20.36
CA MET J 49 -0.20 40.55 -21.36
C MET J 49 -0.01 39.06 -21.27
N MET J 50 0.46 38.47 -22.36
CA MET J 50 0.68 37.01 -22.45
C MET J 50 2.01 36.83 -23.17
N GLY J 51 2.88 35.99 -22.61
CA GLY J 51 4.20 35.72 -23.18
C GLY J 51 5.07 36.94 -23.17
N GLY J 52 4.78 37.90 -22.29
CA GLY J 52 5.58 39.15 -22.22
C GLY J 52 5.25 40.10 -23.36
N ASP J 53 4.19 39.87 -24.12
CA ASP J 53 3.86 40.83 -25.20
C ASP J 53 2.37 41.16 -25.22
N ARG J 54 2.04 42.22 -25.94
CA ARG J 54 0.69 42.82 -25.86
C ARG J 54 -0.09 42.52 -27.13
N ASN J 55 0.30 41.51 -27.88
CA ASN J 55 -0.57 41.01 -28.97
C ASN J 55 -1.91 40.59 -28.36
N PRO J 56 -3.00 40.63 -29.12
CA PRO J 56 -4.32 40.30 -28.57
C PRO J 56 -4.25 38.93 -27.89
N CYS J 57 -4.89 38.86 -26.73
CA CYS J 57 -4.96 37.61 -25.96
C CYS J 57 -6.25 37.59 -25.16
N VAL J 58 -6.62 36.40 -24.74
CA VAL J 58 -7.79 36.18 -23.85
C VAL J 58 -7.40 35.15 -22.81
N PHE J 59 -7.67 35.49 -21.56
CA PHE J 59 -7.77 34.49 -20.48
C PHE J 59 -9.21 34.53 -20.01
N ALA J 60 -9.91 33.42 -20.16
CA ALA J 60 -11.34 33.37 -19.79
C ALA J 60 -11.53 32.25 -18.78
N THR J 61 -12.58 32.41 -17.97
CA THR J 61 -12.93 31.40 -16.96
C THR J 61 -14.41 31.07 -17.10
N VAL J 62 -14.74 29.83 -16.79
CA VAL J 62 -16.13 29.33 -16.77
C VAL J 62 -16.33 28.72 -15.39
N GLU J 63 -17.12 29.41 -14.56
CA GLU J 63 -17.47 28.92 -13.21
C GLU J 63 -18.86 28.29 -13.34
N CYS J 64 -19.00 27.03 -12.95
CA CYS J 64 -20.29 26.32 -13.14
C CYS J 64 -20.45 25.26 -12.06
N ILE J 65 -21.65 25.14 -11.55
CA ILE J 65 -22.06 24.02 -10.66
C ILE J 65 -22.43 22.87 -11.58
N GLY J 66 -21.68 21.77 -11.49
CA GLY J 66 -21.86 20.60 -12.36
C GLY J 66 -21.38 20.91 -13.76
N ARG J 67 -21.68 20.01 -14.69
CA ARG J 67 -21.54 20.21 -16.17
C ARG J 67 -20.10 20.13 -16.63
N LEU J 68 -19.10 20.40 -15.80
CA LEU J 68 -17.69 20.49 -16.22
C LEU J 68 -17.01 19.13 -16.04
N ASN J 69 -16.44 18.65 -17.12
CA ASN J 69 -15.71 17.36 -17.18
C ASN J 69 -14.84 17.44 -18.41
N PRO J 70 -13.79 16.59 -18.53
CA PRO J 70 -12.87 16.70 -19.65
C PRO J 70 -13.53 16.74 -21.03
N THR J 71 -14.56 15.92 -21.26
CA THR J 71 -15.24 15.87 -22.56
C THR J 71 -15.93 17.21 -22.83
N SER J 72 -16.77 17.66 -21.89
CA SER J 72 -17.56 18.89 -22.06
C SER J 72 -16.61 20.09 -22.10
N ASN J 73 -15.55 20.06 -21.29
CA ASN J 73 -14.59 21.19 -21.22
C ASN J 73 -13.97 21.41 -22.61
N LEU J 74 -13.53 20.33 -23.25
CA LEU J 74 -12.87 20.49 -24.56
C LEU J 74 -13.84 21.06 -25.58
N ALA J 75 -15.08 20.55 -25.62
CA ALA J 75 -16.09 20.98 -26.61
C ALA J 75 -16.39 22.47 -26.39
N MET J 76 -16.59 22.85 -25.13
CA MET J 76 -16.92 24.25 -24.80
C MET J 76 -15.71 25.14 -25.08
N ALA J 77 -14.50 24.68 -24.76
CA ALA J 77 -13.28 25.48 -25.00
C ALA J 77 -13.23 25.83 -26.50
N ARG J 78 -13.40 24.83 -27.36
CA ARG J 78 -13.28 25.04 -28.82
C ARG J 78 -14.36 26.04 -29.27
N ASP J 79 -15.58 25.89 -28.77
CA ASP J 79 -16.70 26.80 -29.15
C ASP J 79 -16.42 28.23 -28.67
N MET J 80 -15.93 28.37 -27.44
CA MET J 80 -15.56 29.70 -26.92
C MET J 80 -14.39 30.30 -27.72
N GLU J 81 -13.37 29.49 -27.97
CA GLU J 81 -12.23 29.96 -28.81
C GLU J 81 -12.80 30.49 -30.12
N ASP J 82 -13.69 29.73 -30.75
CA ASP J 82 -14.22 30.13 -32.07
C ASP J 82 -14.89 31.49 -31.97
N MET J 83 -15.67 31.73 -30.93
CA MET J 83 -16.35 33.03 -30.72
C MET J 83 -15.31 34.11 -30.49
N PHE J 84 -14.26 33.85 -29.71
CA PHE J 84 -13.21 34.85 -29.46
C PHE J 84 -12.47 35.18 -30.75
N ILE J 85 -12.17 34.15 -31.53
CA ILE J 85 -11.46 34.33 -32.82
C ILE J 85 -12.34 35.22 -33.72
N GLU J 86 -13.62 34.90 -33.84
CA GLU J 86 -14.53 35.62 -34.77
C GLU J 86 -14.72 37.05 -34.29
N HIS J 87 -14.99 37.25 -33.00
CA HIS J 87 -15.50 38.54 -32.51
C HIS J 87 -14.39 39.43 -31.97
N LEU J 88 -13.35 38.85 -31.37
CA LEU J 88 -12.24 39.64 -30.76
C LEU J 88 -11.01 39.62 -31.68
N ASN J 89 -11.01 38.80 -32.73
CA ASN J 89 -9.85 38.68 -33.63
C ASN J 89 -8.62 38.30 -32.83
N VAL J 90 -8.76 37.37 -31.90
CA VAL J 90 -7.62 36.82 -31.13
C VAL J 90 -7.27 35.48 -31.77
N ARG J 91 -5.98 35.18 -31.91
CA ARG J 91 -5.55 33.87 -32.45
C ARG J 91 -5.83 32.79 -31.41
N ARG J 92 -6.13 31.59 -31.89
CA ARG J 92 -6.39 30.44 -30.98
C ARG J 92 -5.21 30.24 -30.03
N GLU J 93 -3.97 30.48 -30.48
CA GLU J 93 -2.78 30.23 -29.63
C GLU J 93 -2.58 31.40 -28.63
N ARG J 94 -3.52 32.33 -28.55
CA ARG J 94 -3.47 33.44 -27.57
C ARG J 94 -4.69 33.34 -26.63
N ILE J 95 -5.29 32.15 -26.53
CA ILE J 95 -6.51 31.92 -25.74
C ILE J 95 -6.25 30.79 -24.76
N VAL J 96 -6.52 31.07 -23.50
CA VAL J 96 -6.51 30.06 -22.42
C VAL J 96 -7.86 30.20 -21.70
N ILE J 97 -8.49 29.06 -21.46
CA ILE J 97 -9.78 29.02 -20.74
C ILE J 97 -9.64 28.06 -19.57
N ARG J 98 -10.01 28.53 -18.39
CA ARG J 98 -10.03 27.68 -17.19
C ARG J 98 -11.50 27.37 -16.86
N PHE J 99 -11.75 26.08 -16.62
CA PHE J 99 -13.06 25.55 -16.23
C PHE J 99 -13.00 25.32 -14.74
N ILE J 100 -13.91 25.96 -14.01
CA ILE J 100 -13.87 26.03 -12.52
C ILE J 100 -15.16 25.41 -11.99
N PRO J 101 -15.08 24.18 -11.46
CA PRO J 101 -16.21 23.51 -10.85
C PRO J 101 -16.53 24.21 -9.55
N VAL J 102 -17.79 24.52 -9.35
CA VAL J 102 -18.26 25.20 -8.13
C VAL J 102 -19.17 24.24 -7.39
N PRO J 103 -18.89 23.98 -6.11
CA PRO J 103 -19.79 23.12 -5.33
C PRO J 103 -21.14 23.79 -5.11
N ALA J 104 -22.22 23.00 -5.23
CA ALA J 104 -23.60 23.50 -5.06
C ALA J 104 -23.75 24.22 -3.74
N LEU J 105 -23.19 23.69 -2.64
CA LEU J 105 -23.41 24.27 -1.31
C LEU J 105 -22.37 25.35 -1.01
N PHE J 106 -21.57 25.73 -2.00
CA PHE J 106 -20.58 26.82 -1.88
C PHE J 106 -20.95 27.95 -2.83
N CYS J 107 -22.20 28.02 -3.24
CA CYS J 107 -22.64 29.07 -4.16
C CYS J 107 -24.11 29.39 -3.93
N SER J 108 -24.40 30.65 -3.67
CA SER J 108 -25.76 31.14 -3.44
C SER J 108 -26.33 31.76 -4.70
N PHE J 109 -27.64 31.67 -4.82
CA PHE J 109 -28.45 32.43 -5.79
C PHE J 109 -29.76 32.76 -5.11
N ASN J 110 -30.12 34.04 -5.08
CA ASN J 110 -31.47 34.46 -4.68
C ASN J 110 -31.84 33.90 -3.32
N GLY J 111 -30.95 34.02 -2.33
CA GLY J 111 -31.30 33.77 -0.92
C GLY J 111 -31.10 32.34 -0.51
N ALA J 112 -30.58 31.47 -1.38
CA ALA J 112 -30.39 30.05 -1.07
C ALA J 112 -29.11 29.53 -1.70
N LEU J 113 -28.61 28.43 -1.18
CA LEU J 113 -27.56 27.68 -1.87
C LEU J 113 -28.22 26.88 -2.98
N HIS J 114 -27.44 26.14 -3.73
CA HIS J 114 -27.98 25.31 -4.86
C HIS J 114 -28.32 23.91 -4.36
N ASP J 115 -29.52 23.41 -4.65
CA ASP J 115 -30.03 22.10 -4.18
C ASP J 115 -29.84 21.09 -5.30
N VAL J 116 -28.83 20.23 -5.19
CA VAL J 116 -28.53 19.16 -6.18
C VAL J 116 -28.42 17.84 -5.42
N SER J 117 -28.88 16.76 -6.03
CA SER J 117 -28.83 15.40 -5.42
C SER J 117 -27.40 14.88 -5.44
N ILE J 118 -27.03 14.07 -4.42
CA ILE J 118 -25.67 13.42 -4.32
C ILE J 118 -25.56 12.28 -5.34
N PRO K 2 0.48 29.69 -17.15
CA PRO K 2 0.04 30.20 -15.84
C PRO K 2 -0.57 31.59 -15.97
N VAL K 3 -1.28 32.04 -14.94
CA VAL K 3 -1.83 33.41 -14.92
C VAL K 3 -1.43 34.05 -13.61
N ILE K 4 -0.75 35.19 -13.69
CA ILE K 4 -0.44 36.02 -12.51
C ILE K 4 -1.36 37.21 -12.55
N THR K 5 -2.23 37.34 -11.58
CA THR K 5 -3.18 38.45 -11.48
C THR K 5 -2.76 39.34 -10.32
N VAL K 6 -2.59 40.61 -10.56
CA VAL K 6 -2.14 41.57 -9.52
C VAL K 6 -3.25 42.59 -9.34
N ASN K 7 -3.90 42.56 -8.19
CA ASN K 7 -4.98 43.53 -7.83
C ASN K 7 -4.35 44.54 -6.86
N THR K 8 -4.19 45.79 -7.30
CA THR K 8 -3.55 46.79 -6.43
C THR K 8 -4.28 48.12 -6.55
N ASN K 9 -4.30 48.86 -5.44
CA ASN K 9 -4.84 50.24 -5.43
C ASN K 9 -3.74 51.21 -5.85
N VAL K 10 -2.51 50.74 -6.06
CA VAL K 10 -1.43 51.63 -6.55
C VAL K 10 -1.79 52.05 -7.97
N ALA K 11 -1.66 53.34 -8.26
CA ALA K 11 -2.04 53.94 -9.57
C ALA K 11 -1.04 53.49 -10.62
N GLU K 12 -1.54 53.26 -11.84
CA GLU K 12 -0.73 52.79 -12.99
C GLU K 12 0.48 53.73 -13.17
N LYS K 13 0.29 55.03 -13.02
CA LYS K 13 1.36 56.03 -13.28
C LYS K 13 2.51 55.83 -12.28
N SER K 14 2.27 55.20 -11.13
CA SER K 14 3.30 54.96 -10.08
C SER K 14 4.12 53.70 -10.36
N ILE K 15 3.69 52.87 -11.31
CA ILE K 15 4.26 51.52 -11.51
C ILE K 15 5.25 51.56 -12.67
N PRO K 16 6.45 51.01 -12.53
CA PRO K 16 7.38 50.91 -13.65
C PRO K 16 6.74 50.22 -14.85
N VAL K 17 7.04 50.74 -16.04
CA VAL K 17 6.36 50.24 -17.27
C VAL K 17 6.72 48.78 -17.50
N PHE K 18 7.85 48.29 -16.98
CA PHE K 18 8.37 46.92 -17.21
C PHE K 18 7.95 45.98 -16.08
N PHE K 19 7.07 46.41 -15.20
CA PHE K 19 6.59 45.57 -14.07
C PHE K 19 6.04 44.23 -14.58
N GLN K 20 5.11 44.27 -15.52
CA GLN K 20 4.49 43.02 -16.04
C GLN K 20 5.55 42.11 -16.71
N ALA K 21 6.45 42.70 -17.49
CA ALA K 21 7.55 41.96 -18.15
C ALA K 21 8.44 41.31 -17.09
N ALA K 22 8.76 42.05 -16.03
CA ALA K 22 9.67 41.55 -14.97
C ALA K 22 9.00 40.37 -14.26
N LEU K 23 7.70 40.54 -13.95
CA LEU K 23 6.96 39.48 -13.26
C LEU K 23 6.81 38.27 -14.17
N THR K 24 6.56 38.50 -15.46
CA THR K 24 6.49 37.41 -16.46
C THR K 24 7.78 36.58 -16.39
N ASN K 25 8.91 37.26 -16.49
CA ASN K 25 10.24 36.58 -16.54
C ASN K 25 10.47 35.83 -15.23
N MET K 26 10.20 36.48 -14.12
CA MET K 26 10.53 35.88 -12.81
C MET K 26 9.66 34.63 -12.61
N MET K 27 8.39 34.72 -12.97
CA MET K 27 7.47 33.59 -12.69
C MET K 27 7.61 32.49 -13.73
N THR K 28 8.07 32.81 -14.95
CA THR K 28 8.39 31.77 -15.95
C THR K 28 9.50 30.88 -15.38
N LYS K 29 10.53 31.52 -14.83
CA LYS K 29 11.67 30.78 -14.23
C LYS K 29 11.19 30.00 -13.00
N ALA K 30 10.43 30.65 -12.12
CA ALA K 30 10.00 30.04 -10.85
C ALA K 30 9.11 28.81 -11.13
N LEU K 31 8.17 28.92 -12.06
CA LEU K 31 7.17 27.85 -12.31
C LEU K 31 7.69 26.84 -13.34
N GLN K 32 8.82 27.15 -14.00
CA GLN K 32 9.36 26.28 -15.08
C GLN K 32 8.23 25.95 -16.05
N LYS K 33 7.58 26.97 -16.56
CA LYS K 33 6.52 26.88 -17.59
C LYS K 33 6.97 27.70 -18.79
N PRO K 34 6.46 27.39 -19.99
CA PRO K 34 6.80 28.17 -21.17
C PRO K 34 6.37 29.62 -20.96
N LYS K 35 7.24 30.56 -21.29
CA LYS K 35 6.92 32.00 -21.22
C LYS K 35 5.66 32.29 -22.05
N GLU K 36 5.49 31.60 -23.16
CA GLU K 36 4.43 31.90 -24.17
C GLU K 36 3.06 31.85 -23.50
N VAL K 37 2.88 31.00 -22.49
CA VAL K 37 1.55 30.80 -21.85
C VAL K 37 1.52 31.45 -20.48
N MET K 38 2.44 32.37 -20.19
CA MET K 38 2.44 33.16 -18.95
C MET K 38 1.63 34.44 -19.20
N PHE K 39 0.53 34.60 -18.49
CA PHE K 39 -0.24 35.85 -18.50
C PHE K 39 0.09 36.66 -17.26
N VAL K 40 0.16 37.97 -17.41
CA VAL K 40 0.18 38.86 -16.24
C VAL K 40 -0.92 39.89 -16.45
N ASP K 41 -1.92 39.81 -15.59
CA ASP K 41 -3.14 40.63 -15.62
C ASP K 41 -3.01 41.64 -14.50
N LEU K 42 -2.66 42.88 -14.82
CA LEU K 42 -2.40 43.94 -13.83
C LEU K 42 -3.66 44.78 -13.70
N ARG K 43 -4.27 44.73 -12.53
CA ARG K 43 -5.38 45.64 -12.16
C ARG K 43 -4.80 46.71 -11.27
N SER K 44 -4.34 47.81 -11.86
CA SER K 44 -3.81 48.93 -11.06
C SER K 44 -4.92 49.97 -10.89
N GLY K 45 -4.77 50.82 -9.88
CA GLY K 45 -5.79 51.81 -9.53
C GLY K 45 -7.10 51.13 -9.22
N ALA K 46 -7.04 49.88 -8.78
CA ALA K 46 -8.24 49.07 -8.48
C ALA K 46 -8.86 49.63 -7.21
N ASN K 47 -10.18 49.49 -7.10
CA ASN K 47 -10.87 49.91 -5.86
C ASN K 47 -10.81 48.77 -4.85
N ILE K 48 -9.61 48.50 -4.36
CA ILE K 48 -9.34 47.39 -3.42
C ILE K 48 -8.83 48.03 -2.14
N MET K 49 -9.55 47.77 -1.06
CA MET K 49 -9.11 48.18 0.28
C MET K 49 -8.72 46.94 1.07
N MET K 50 -7.83 47.14 2.03
CA MET K 50 -7.32 46.06 2.89
C MET K 50 -7.32 46.60 4.30
N GLY K 51 -7.83 45.84 5.27
CA GLY K 51 -7.89 46.27 6.66
C GLY K 51 -8.81 47.45 6.84
N GLY K 52 -9.73 47.71 5.90
CA GLY K 52 -10.62 48.86 5.97
C GLY K 52 -9.92 50.17 5.64
N ASP K 53 -8.73 50.14 5.08
CA ASP K 53 -8.06 51.41 4.72
C ASP K 53 -7.45 51.31 3.32
N ARG K 54 -7.12 52.48 2.79
CA ARG K 54 -6.73 52.62 1.38
C ARG K 54 -5.24 52.87 1.26
N ASN K 55 -4.46 52.50 2.27
CA ASN K 55 -2.99 52.47 2.12
C ASN K 55 -2.69 51.47 1.01
N PRO K 56 -1.55 51.62 0.33
CA PRO K 56 -1.20 50.74 -0.78
C PRO K 56 -1.28 49.29 -0.31
N CYS K 57 -1.86 48.46 -1.17
CA CYS K 57 -1.96 47.01 -0.90
C CYS K 57 -1.95 46.26 -2.21
N VAL K 58 -1.71 44.96 -2.11
CA VAL K 58 -1.77 44.03 -3.27
C VAL K 58 -2.43 42.74 -2.80
N PHE K 59 -3.39 42.27 -3.58
CA PHE K 59 -3.84 40.86 -3.56
C PHE K 59 -3.52 40.30 -4.93
N ALA K 60 -2.66 39.29 -4.96
CA ALA K 60 -2.26 38.67 -6.22
C ALA K 60 -2.60 37.20 -6.21
N THR K 61 -2.78 36.65 -7.39
CA THR K 61 -3.07 35.19 -7.55
C THR K 61 -2.12 34.62 -8.59
N VAL K 62 -1.78 33.37 -8.38
CA VAL K 62 -0.92 32.58 -9.28
C VAL K 62 -1.72 31.33 -9.64
N GLU K 63 -2.23 31.25 -10.85
CA GLU K 63 -2.97 30.09 -11.37
C GLU K 63 -1.98 29.26 -12.20
N CYS K 64 -1.82 27.99 -11.86
CA CYS K 64 -0.82 27.14 -12.54
C CYS K 64 -1.27 25.69 -12.50
N ILE K 65 -1.04 24.99 -13.60
CA ILE K 65 -1.19 23.53 -13.68
C ILE K 65 0.12 22.93 -13.13
N GLY K 66 0.02 22.19 -12.04
CA GLY K 66 1.19 21.64 -11.32
C GLY K 66 2.00 22.73 -10.65
N ARG K 67 3.21 22.38 -10.20
CA ARG K 67 4.27 23.32 -9.74
C ARG K 67 3.99 23.92 -8.36
N LEU K 68 2.74 23.99 -7.90
CA LEU K 68 2.41 24.66 -6.64
C LEU K 68 2.39 23.65 -5.50
N ASN K 69 3.16 23.97 -4.48
CA ASN K 69 3.29 23.12 -3.27
C ASN K 69 3.82 24.03 -2.18
N PRO K 70 3.70 23.67 -0.90
CA PRO K 70 4.08 24.59 0.17
C PRO K 70 5.51 25.14 0.04
N THR K 71 6.47 24.30 -0.34
CA THR K 71 7.88 24.74 -0.49
C THR K 71 7.99 25.79 -1.60
N SER K 72 7.49 25.46 -2.79
CA SER K 72 7.60 26.34 -3.97
C SER K 72 6.78 27.61 -3.70
N ASN K 73 5.61 27.45 -3.07
CA ASN K 73 4.71 28.60 -2.81
C ASN K 73 5.45 29.64 -1.96
N LEU K 74 6.11 29.20 -0.90
CA LEU K 74 6.77 30.15 0.01
C LEU K 74 7.88 30.89 -0.75
N ALA K 75 8.70 30.16 -1.53
CA ALA K 75 9.84 30.76 -2.24
C ALA K 75 9.30 31.80 -3.24
N MET K 76 8.26 31.43 -3.98
CA MET K 76 7.66 32.32 -4.98
C MET K 76 7.03 33.52 -4.29
N ALA K 77 6.32 33.31 -3.19
CA ALA K 77 5.65 34.39 -2.44
C ALA K 77 6.71 35.45 -2.07
N ARG K 78 7.83 35.01 -1.49
CA ARG K 78 8.86 35.97 -1.02
C ARG K 78 9.41 36.76 -2.24
N ASP K 79 9.65 36.07 -3.36
CA ASP K 79 10.19 36.71 -4.58
C ASP K 79 9.18 37.70 -5.14
N MET K 80 7.89 37.32 -5.18
CA MET K 80 6.84 38.24 -5.64
C MET K 80 6.72 39.44 -4.70
N GLU K 81 6.70 39.19 -3.39
CA GLU K 81 6.64 40.28 -2.42
C GLU K 81 7.79 41.26 -2.69
N ASP K 82 9.00 40.72 -2.88
CA ASP K 82 10.17 41.61 -3.06
C ASP K 82 9.92 42.53 -4.28
N MET K 83 9.40 41.96 -5.37
CA MET K 83 9.15 42.75 -6.58
C MET K 83 8.04 43.78 -6.32
N PHE K 84 6.99 43.39 -5.62
CA PHE K 84 5.87 44.31 -5.33
C PHE K 84 6.33 45.44 -4.43
N ILE K 85 7.17 45.14 -3.45
CA ILE K 85 7.74 46.18 -2.55
C ILE K 85 8.48 47.20 -3.42
N GLU K 86 9.34 46.75 -4.29
CA GLU K 86 10.22 47.64 -5.09
C GLU K 86 9.39 48.42 -6.09
N HIS K 87 8.46 47.77 -6.80
CA HIS K 87 7.75 48.38 -7.94
C HIS K 87 6.49 49.17 -7.52
N LEU K 88 5.75 48.66 -6.53
CA LEU K 88 4.50 49.27 -6.09
C LEU K 88 4.69 50.15 -4.88
N ASN K 89 5.84 50.08 -4.20
CA ASN K 89 6.03 50.75 -2.89
C ASN K 89 4.93 50.32 -1.93
N VAL K 90 4.64 49.02 -1.94
CA VAL K 90 3.70 48.42 -0.98
C VAL K 90 4.56 47.75 0.09
N ARG K 91 4.14 47.89 1.34
CA ARG K 91 4.81 47.17 2.45
C ARG K 91 4.56 45.67 2.34
N ARG K 92 5.51 44.87 2.81
CA ARG K 92 5.35 43.40 2.81
C ARG K 92 4.07 43.01 3.56
N GLU K 93 3.70 43.73 4.61
CA GLU K 93 2.52 43.38 5.43
C GLU K 93 1.23 43.88 4.76
N ARG K 94 1.31 44.38 3.52
CA ARG K 94 0.11 44.78 2.73
C ARG K 94 0.01 43.91 1.49
N ILE K 95 0.64 42.73 1.50
CA ILE K 95 0.66 41.83 0.33
C ILE K 95 0.13 40.47 0.75
N VAL K 96 -0.84 39.99 -0.04
CA VAL K 96 -1.36 38.61 0.09
C VAL K 96 -1.34 37.99 -1.28
N ILE K 97 -0.88 36.75 -1.36
CA ILE K 97 -0.79 36.02 -2.64
C ILE K 97 -1.48 34.67 -2.45
N ARG K 98 -2.39 34.35 -3.36
CA ARG K 98 -3.03 33.03 -3.37
C ARG K 98 -2.46 32.23 -4.54
N PHE K 99 -2.06 31.00 -4.26
CA PHE K 99 -1.57 30.01 -5.23
C PHE K 99 -2.74 29.08 -5.55
N ILE K 100 -3.11 29.00 -6.82
CA ILE K 100 -4.33 28.30 -7.31
C ILE K 100 -3.92 27.18 -8.25
N PRO K 101 -3.99 25.93 -7.77
CA PRO K 101 -3.73 24.77 -8.61
C PRO K 101 -4.89 24.61 -9.60
N VAL K 102 -4.54 24.43 -10.86
CA VAL K 102 -5.51 24.25 -11.95
C VAL K 102 -5.37 22.84 -12.49
N PRO K 103 -6.45 22.05 -12.55
CA PRO K 103 -6.35 20.72 -13.13
C PRO K 103 -6.11 20.79 -14.64
N ALA K 104 -5.20 19.92 -15.13
CA ALA K 104 -4.80 19.89 -16.56
C ALA K 104 -6.03 19.75 -17.46
N LEU K 105 -7.01 18.91 -17.10
CA LEU K 105 -8.14 18.64 -17.99
C LEU K 105 -9.26 19.66 -17.75
N PHE K 106 -8.99 20.68 -16.94
CA PHE K 106 -9.95 21.79 -16.67
C PHE K 106 -9.36 23.09 -17.16
N CYS K 107 -8.45 23.02 -18.13
CA CYS K 107 -7.82 24.22 -18.68
C CYS K 107 -7.44 23.99 -20.12
N SER K 108 -7.92 24.83 -21.01
CA SER K 108 -7.61 24.73 -22.45
C SER K 108 -6.54 25.75 -22.81
N PHE K 109 -5.76 25.38 -23.81
CA PHE K 109 -4.84 26.28 -24.50
C PHE K 109 -4.84 25.86 -25.96
N ASN K 110 -5.12 26.80 -26.85
CA ASN K 110 -4.91 26.59 -28.29
C ASN K 110 -5.62 25.33 -28.76
N GLY K 111 -6.90 25.16 -28.39
CA GLY K 111 -7.77 24.15 -29.00
C GLY K 111 -7.69 22.81 -28.32
N ALA K 112 -6.96 22.68 -27.22
CA ALA K 112 -6.82 21.40 -26.51
C ALA K 112 -6.75 21.63 -25.01
N LEU K 113 -7.06 20.59 -24.27
CA LEU K 113 -6.80 20.62 -22.82
C LEU K 113 -5.30 20.38 -22.62
N HIS K 114 -4.82 20.41 -21.39
CA HIS K 114 -3.39 20.18 -21.11
C HIS K 114 -3.11 18.68 -20.89
N ASP K 115 -1.93 18.25 -21.40
CA ASP K 115 -1.48 16.85 -21.64
C ASP K 115 -0.05 16.88 -22.18
N PRO L 2 -8.88 37.27 4.23
CA PRO L 2 -9.87 36.88 3.21
C PRO L 2 -10.00 37.95 2.14
N VAL L 3 -10.60 37.58 1.01
CA VAL L 3 -10.81 38.55 -0.07
C VAL L 3 -12.29 38.48 -0.44
N ILE L 4 -12.97 39.62 -0.34
CA ILE L 4 -14.36 39.74 -0.83
C ILE L 4 -14.29 40.54 -2.13
N THR L 5 -14.70 39.92 -3.22
CA THR L 5 -14.66 40.55 -4.55
C THR L 5 -16.10 40.76 -4.98
N VAL L 6 -16.44 42.00 -5.33
CA VAL L 6 -17.82 42.35 -5.71
C VAL L 6 -17.76 42.83 -7.15
N ASN L 7 -18.34 42.05 -8.07
CA ASN L 7 -18.42 42.41 -9.49
C ASN L 7 -19.84 42.91 -9.77
N THR L 8 -20.01 44.19 -10.05
CA THR L 8 -21.36 44.75 -10.23
C THR L 8 -21.35 45.74 -11.39
N ASN L 9 -22.46 45.80 -12.10
CA ASN L 9 -22.69 46.82 -13.14
C ASN L 9 -23.23 48.10 -12.50
N VAL L 10 -23.51 48.11 -11.21
CA VAL L 10 -23.91 49.36 -10.51
C VAL L 10 -22.75 50.35 -10.56
N ALA L 11 -23.03 51.59 -10.95
CA ALA L 11 -22.00 52.65 -11.10
C ALA L 11 -21.44 53.05 -9.73
N GLU L 12 -20.15 53.34 -9.67
CA GLU L 12 -19.43 53.75 -8.43
CA GLU L 12 -19.48 53.70 -8.39
C GLU L 12 -20.18 54.93 -7.79
N LYS L 13 -20.62 55.88 -8.60
CA LYS L 13 -21.24 57.11 -8.07
C LYS L 13 -22.55 56.78 -7.34
N SER L 14 -23.17 55.63 -7.62
CA SER L 14 -24.45 55.19 -7.02
C SER L 14 -24.21 54.49 -5.67
N ILE L 15 -22.98 54.17 -5.34
CA ILE L 15 -22.66 53.30 -4.18
C ILE L 15 -22.27 54.17 -2.99
N PRO L 16 -22.83 53.91 -1.81
CA PRO L 16 -22.49 54.69 -0.64
C PRO L 16 -20.99 54.65 -0.36
N VAL L 17 -20.46 55.80 0.08
CA VAL L 17 -18.99 55.93 0.27
C VAL L 17 -18.49 54.93 1.31
N PHE L 18 -19.34 54.48 2.24
CA PHE L 18 -18.94 53.59 3.36
C PHE L 18 -19.09 52.10 2.98
N PHE L 19 -19.45 51.80 1.73
CA PHE L 19 -19.91 50.44 1.38
C PHE L 19 -18.78 49.43 1.66
N GLN L 20 -17.60 49.69 1.12
CA GLN L 20 -16.47 48.74 1.28
C GLN L 20 -16.08 48.58 2.75
N ALA L 21 -16.06 49.70 3.51
CA ALA L 21 -15.76 49.65 4.96
C ALA L 21 -16.80 48.79 5.66
N ALA L 22 -18.08 48.96 5.31
CA ALA L 22 -19.17 48.24 5.97
C ALA L 22 -19.05 46.75 5.66
N LEU L 23 -18.77 46.42 4.40
CA LEU L 23 -18.63 45.01 3.97
C LEU L 23 -17.39 44.42 4.66
N THR L 24 -16.30 45.18 4.75
CA THR L 24 -15.09 44.74 5.47
C THR L 24 -15.47 44.33 6.90
N ASN L 25 -16.17 45.22 7.59
CA ASN L 25 -16.54 44.99 9.01
C ASN L 25 -17.46 43.78 9.11
N MET L 26 -18.45 43.70 8.24
CA MET L 26 -19.47 42.64 8.33
C MET L 26 -18.78 41.29 8.12
N MET L 27 -17.91 41.20 7.12
CA MET L 27 -17.30 39.90 6.77
C MET L 27 -16.13 39.59 7.73
N THR L 28 -15.49 40.57 8.34
CA THR L 28 -14.50 40.31 9.42
C THR L 28 -15.19 39.57 10.55
N LYS L 29 -16.36 40.07 10.95
CA LYS L 29 -17.15 39.44 12.04
C LYS L 29 -17.63 38.06 11.59
N ALA L 30 -18.17 37.95 10.39
CA ALA L 30 -18.77 36.69 9.89
C ALA L 30 -17.69 35.61 9.78
N LEU L 31 -16.52 35.93 9.25
CA LEU L 31 -15.46 34.95 8.99
C LEU L 31 -14.55 34.79 10.22
N GLN L 32 -14.69 35.63 11.23
CA GLN L 32 -13.82 35.59 12.44
C GLN L 32 -12.37 35.55 12.00
N LYS L 33 -11.99 36.53 11.18
CA LYS L 33 -10.59 36.70 10.70
C LYS L 33 -10.13 38.08 11.11
N PRO L 34 -8.80 38.31 11.22
CA PRO L 34 -8.29 39.63 11.52
C PRO L 34 -8.72 40.61 10.42
N LYS L 35 -9.20 41.76 10.82
CA LYS L 35 -9.58 42.82 9.88
C LYS L 35 -8.37 43.17 8.99
N GLU L 36 -7.16 43.12 9.55
CA GLU L 36 -5.91 43.55 8.89
C GLU L 36 -5.76 42.86 7.53
N VAL L 37 -6.22 41.61 7.41
CA VAL L 37 -6.01 40.81 6.18
C VAL L 37 -7.32 40.67 5.41
N MET L 38 -8.30 41.51 5.67
CA MET L 38 -9.58 41.51 4.92
C MET L 38 -9.46 42.49 3.75
N PHE L 39 -9.56 41.97 2.54
CA PHE L 39 -9.64 42.83 1.34
C PHE L 39 -11.09 42.89 0.89
N VAL L 40 -11.48 44.07 0.41
CA VAL L 40 -12.71 44.22 -0.39
C VAL L 40 -12.31 44.87 -1.68
N ASP L 41 -12.47 44.10 -2.76
CA ASP L 41 -12.15 44.52 -4.13
C ASP L 41 -13.49 44.79 -4.81
N LEU L 42 -13.85 46.05 -4.94
CA LEU L 42 -15.15 46.47 -5.51
C LEU L 42 -14.92 46.81 -6.98
N ARG L 43 -15.50 46.01 -7.86
CA ARG L 43 -15.51 46.29 -9.30
C ARG L 43 -16.88 46.83 -9.63
N SER L 44 -17.03 48.14 -9.53
CA SER L 44 -18.27 48.84 -9.83
C SER L 44 -18.18 49.35 -11.25
N GLY L 45 -19.33 49.58 -11.85
CA GLY L 45 -19.45 49.97 -13.26
C GLY L 45 -18.80 48.93 -14.15
N ALA L 46 -18.76 47.68 -13.69
CA ALA L 46 -18.16 46.58 -14.43
C ALA L 46 -19.07 46.24 -15.61
N ASN L 47 -18.49 45.75 -16.68
CA ASN L 47 -19.27 45.27 -17.85
C ASN L 47 -19.64 43.83 -17.59
N ILE L 48 -20.54 43.65 -16.64
CA ILE L 48 -21.10 42.33 -16.27
C ILE L 48 -22.58 42.36 -16.54
N MET L 49 -23.02 41.41 -17.36
CA MET L 49 -24.45 41.23 -17.62
C MET L 49 -24.87 39.89 -17.04
N MET L 50 -26.16 39.75 -16.79
CA MET L 50 -26.73 38.52 -16.20
C MET L 50 -28.04 38.27 -16.93
N GLY L 51 -28.27 37.03 -17.35
CA GLY L 51 -29.53 36.68 -18.02
C GLY L 51 -29.65 37.37 -19.37
N GLY L 52 -28.52 37.82 -19.95
CA GLY L 52 -28.51 38.54 -21.23
C GLY L 52 -29.04 39.95 -21.10
N ASP L 53 -29.18 40.48 -19.90
CA ASP L 53 -29.64 41.88 -19.79
C ASP L 53 -28.80 42.64 -18.77
N ARG L 54 -28.95 43.96 -18.78
CA ARG L 54 -28.03 44.85 -18.04
C ARG L 54 -28.76 45.48 -16.87
N ASN L 55 -29.86 44.87 -16.42
CA ASN L 55 -30.43 45.27 -15.11
C ASN L 55 -29.34 45.06 -14.05
N PRO L 56 -29.41 45.78 -12.94
CA PRO L 56 -28.38 45.70 -11.90
C PRO L 56 -28.20 44.24 -11.50
N CYS L 57 -26.95 43.85 -11.33
CA CYS L 57 -26.61 42.48 -10.89
C CYS L 57 -25.31 42.52 -10.09
N VAL L 58 -25.08 41.43 -9.35
CA VAL L 58 -23.83 41.22 -8.59
C VAL L 58 -23.40 39.79 -8.73
N PHE L 59 -22.14 39.58 -9.09
CA PHE L 59 -21.45 38.29 -8.84
C PHE L 59 -20.33 38.60 -7.85
N ALA L 60 -20.39 37.99 -6.68
CA ALA L 60 -19.39 38.25 -5.64
C ALA L 60 -18.72 36.93 -5.26
N THR L 61 -17.49 37.04 -4.79
CA THR L 61 -16.73 35.87 -4.33
C THR L 61 -16.17 36.17 -2.94
N VAL L 62 -16.07 35.09 -2.18
CA VAL L 62 -15.50 35.13 -0.81
C VAL L 62 -14.38 34.10 -0.79
N GLU L 63 -13.15 34.56 -0.80
CA GLU L 63 -11.97 33.68 -0.70
C GLU L 63 -11.52 33.71 0.75
N CYS L 64 -11.40 32.55 1.38
CA CYS L 64 -11.06 32.49 2.81
C CYS L 64 -10.34 31.19 3.11
N ILE L 65 -9.34 31.29 3.99
CA ILE L 65 -8.68 30.10 4.58
C ILE L 65 -9.57 29.64 5.72
N GLY L 66 -10.13 28.43 5.61
CA GLY L 66 -11.11 27.91 6.56
C GLY L 66 -12.43 28.65 6.49
N ARG L 67 -13.29 28.45 7.48
CA ARG L 67 -14.53 29.22 7.78
C ARG L 67 -15.67 28.89 6.82
N LEU L 68 -15.40 28.35 5.63
CA LEU L 68 -16.46 28.14 4.61
C LEU L 68 -17.00 26.73 4.72
N ASN L 69 -18.30 26.62 4.90
CA ASN L 69 -19.03 25.34 4.99
C ASN L 69 -20.50 25.65 4.69
N PRO L 70 -21.32 24.66 4.30
CA PRO L 70 -22.64 24.96 3.76
C PRO L 70 -23.47 25.85 4.68
N THR L 71 -23.50 25.56 5.97
CA THR L 71 -24.31 26.33 6.94
C THR L 71 -23.78 27.76 7.01
N SER L 72 -22.48 27.96 7.20
CA SER L 72 -21.92 29.34 7.32
CA SER L 72 -22.01 29.34 7.33
C SER L 72 -22.10 30.09 5.97
N ASN L 73 -21.92 29.36 4.88
CA ASN L 73 -22.03 29.97 3.51
C ASN L 73 -23.43 30.56 3.33
N LEU L 74 -24.48 29.82 3.70
CA LEU L 74 -25.85 30.32 3.48
C LEU L 74 -26.07 31.58 4.32
N ALA L 75 -25.65 31.58 5.59
CA ALA L 75 -25.86 32.74 6.48
C ALA L 75 -25.12 33.96 5.93
N MET L 76 -23.88 33.76 5.50
CA MET L 76 -23.06 34.87 4.95
C MET L 76 -23.66 35.34 3.63
N ALA L 77 -24.10 34.42 2.79
CA ALA L 77 -24.71 34.78 1.48
C ALA L 77 -25.89 35.72 1.74
N ARG L 78 -26.78 35.36 2.65
CA ARG L 78 -28.00 36.15 2.93
C ARG L 78 -27.59 37.55 3.42
N ASP L 79 -26.60 37.62 4.30
CA ASP L 79 -26.14 38.91 4.86
C ASP L 79 -25.50 39.77 3.76
N MET L 80 -24.69 39.15 2.90
CA MET L 80 -24.11 39.89 1.78
C MET L 80 -25.21 40.36 0.81
N GLU L 81 -26.14 39.46 0.46
CA GLU L 81 -27.27 39.83 -0.40
C GLU L 81 -27.94 41.06 0.21
N ASP L 82 -28.22 41.02 1.50
CA ASP L 82 -28.94 42.13 2.16
C ASP L 82 -28.19 43.44 1.94
N MET L 83 -26.86 43.43 2.11
CA MET L 83 -26.04 44.65 1.94
C MET L 83 -26.11 45.09 0.48
N PHE L 84 -26.05 44.15 -0.48
CA PHE L 84 -26.09 44.50 -1.91
C PHE L 84 -27.45 45.09 -2.26
N ILE L 85 -28.51 44.50 -1.73
CA ILE L 85 -29.89 44.96 -1.99
C ILE L 85 -29.99 46.40 -1.46
N GLU L 86 -29.58 46.62 -0.23
CA GLU L 86 -29.76 47.90 0.46
C GLU L 86 -28.92 48.96 -0.22
N HIS L 87 -27.65 48.67 -0.49
CA HIS L 87 -26.67 49.72 -0.85
C HIS L 87 -26.47 49.82 -2.35
N LEU L 88 -26.59 48.72 -3.08
CA LEU L 88 -26.39 48.74 -4.56
C LEU L 88 -27.72 48.74 -5.29
N ASN L 89 -28.82 48.54 -4.59
CA ASN L 89 -30.19 48.57 -5.18
C ASN L 89 -30.25 47.45 -6.24
N VAL L 90 -29.67 46.30 -5.93
CA VAL L 90 -29.73 45.09 -6.77
C VAL L 90 -30.76 44.15 -6.14
N ARG L 91 -31.62 43.57 -6.94
CA ARG L 91 -32.61 42.57 -6.46
C ARG L 91 -31.91 41.29 -6.03
N ARG L 92 -32.45 40.62 -5.03
CA ARG L 92 -31.88 39.33 -4.53
C ARG L 92 -31.77 38.33 -5.68
N GLU L 93 -32.71 38.32 -6.63
CA GLU L 93 -32.68 37.36 -7.74
C GLU L 93 -31.68 37.79 -8.82
N ARG L 94 -30.87 38.81 -8.56
CA ARG L 94 -29.79 39.26 -9.46
C ARG L 94 -28.44 39.15 -8.75
N ILE L 95 -28.37 38.31 -7.72
CA ILE L 95 -27.14 38.16 -6.90
C ILE L 95 -26.73 36.70 -6.85
N VAL L 96 -25.47 36.44 -7.19
CA VAL L 96 -24.84 35.12 -7.02
C VAL L 96 -23.54 35.33 -6.26
N ILE L 97 -23.28 34.48 -5.27
CA ILE L 97 -22.05 34.56 -4.46
C ILE L 97 -21.39 33.19 -4.44
N ARG L 98 -20.10 33.16 -4.74
CA ARG L 98 -19.32 31.91 -4.69
C ARG L 98 -18.38 32.00 -3.49
N PHE L 99 -18.38 30.93 -2.70
CA PHE L 99 -17.51 30.75 -1.52
C PHE L 99 -16.34 29.87 -1.93
N ILE L 100 -15.13 30.38 -1.78
CA ILE L 100 -13.90 29.74 -2.32
C ILE L 100 -12.95 29.44 -1.16
N PRO L 101 -12.84 28.17 -0.77
CA PRO L 101 -11.91 27.75 0.26
C PRO L 101 -10.49 27.85 -0.29
N VAL L 102 -9.61 28.45 0.49
CA VAL L 102 -8.19 28.64 0.12
C VAL L 102 -7.36 27.83 1.10
N PRO L 103 -6.49 26.92 0.60
CA PRO L 103 -5.61 26.17 1.49
C PRO L 103 -4.57 27.08 2.16
N ALA L 104 -4.34 26.87 3.46
CA ALA L 104 -3.40 27.69 4.27
C ALA L 104 -2.03 27.74 3.60
N LEU L 105 -1.54 26.62 3.09
CA LEU L 105 -0.16 26.55 2.56
C LEU L 105 -0.14 26.98 1.08
N PHE L 106 -1.28 27.47 0.57
CA PHE L 106 -1.38 28.00 -0.82
C PHE L 106 -1.71 29.48 -0.77
N CYS L 107 -1.38 30.13 0.33
CA CYS L 107 -1.66 31.57 0.48
C CYS L 107 -0.59 32.21 1.36
N SER L 108 0.04 33.27 0.90
CA SER L 108 1.09 33.98 1.66
C SER L 108 0.53 35.28 2.22
N PHE L 109 1.13 35.72 3.32
CA PHE L 109 0.92 37.04 3.90
C PHE L 109 2.23 37.45 4.57
N ASN L 110 2.73 38.62 4.22
CA ASN L 110 3.84 39.24 4.99
C ASN L 110 5.02 38.28 5.12
N GLY L 111 5.44 37.67 4.02
CA GLY L 111 6.72 36.95 3.95
C GLY L 111 6.62 35.50 4.39
N ALA L 112 5.41 34.99 4.61
CA ALA L 112 5.22 33.60 5.06
C ALA L 112 3.93 33.03 4.48
N LEU L 113 3.82 31.71 4.48
CA LEU L 113 2.50 31.08 4.25
C LEU L 113 1.66 31.23 5.52
N HIS L 114 0.42 30.79 5.46
CA HIS L 114 -0.50 31.00 6.58
C HIS L 114 -0.06 30.08 7.69
N ASP L 115 0.28 28.84 7.38
CA ASP L 115 0.85 27.89 8.39
C ASP L 115 2.39 27.89 8.36
N VAL L 116 3.04 27.62 7.21
CA VAL L 116 4.52 27.32 7.08
C VAL L 116 5.10 27.72 5.71
S SO4 M . -0.97 -10.59 -16.29
O1 SO4 M . -0.97 -9.28 -16.90
O2 SO4 M . -1.42 -11.56 -17.29
O3 SO4 M . -1.83 -10.60 -15.20
O4 SO4 M . 0.37 -10.93 -15.94
S SO4 N . 3.24 -10.47 -22.92
O1 SO4 N . 4.18 -11.60 -22.94
O2 SO4 N . 2.39 -10.49 -24.12
O3 SO4 N . 4.03 -9.23 -22.98
O4 SO4 N . 2.47 -10.46 -21.73
S SO4 O . -12.92 3.06 14.02
O1 SO4 O . -12.40 4.39 13.96
O2 SO4 O . -13.10 2.54 12.74
O3 SO4 O . -11.98 2.25 14.76
O4 SO4 O . -14.19 3.11 14.72
S SO4 P . -12.13 5.59 21.43
O1 SO4 P . -10.72 5.55 21.82
O2 SO4 P . -12.28 5.17 20.08
O3 SO4 P . -12.92 4.75 22.33
O4 SO4 P . -12.59 6.98 21.57
S SO4 Q . 22.76 -31.82 12.77
O1 SO4 Q . 24.11 -31.51 12.28
O2 SO4 Q . 22.46 -33.21 12.49
O3 SO4 Q . 22.73 -31.59 14.22
O4 SO4 Q . 21.80 -30.97 12.15
S SO4 R . 17.38 -27.01 9.21
O1 SO4 R . 18.34 -27.46 8.23
O2 SO4 R . 16.45 -26.17 8.63
O3 SO4 R . 16.73 -28.15 9.85
O4 SO4 R . 18.07 -26.25 10.25
S SO4 S . -11.01 38.04 -11.05
O1 SO4 S . -10.99 36.68 -10.59
O2 SO4 S . -10.55 38.07 -12.43
O3 SO4 S . -10.15 38.88 -10.25
O4 SO4 S . -12.39 38.55 -11.01
S SO4 T . -10.74 30.52 -8.30
O1 SO4 T . -9.54 30.79 -9.08
O2 SO4 T . -11.88 30.67 -9.20
O3 SO4 T . -10.70 29.22 -7.82
O4 SO4 T . -10.84 31.48 -7.22
#